data_8BHS
#
_entry.id   8BHS
#
_cell.length_a   1.00
_cell.length_b   1.00
_cell.length_c   1.00
_cell.angle_alpha   90.00
_cell.angle_beta   90.00
_cell.angle_gamma   90.00
#
_symmetry.space_group_name_H-M   'P 1'
#
loop_
_entity.id
_entity.type
_entity.pdbx_description
1 polymer 'Gamma-aminobutyric acid receptor subunit alpha-5'
2 non-polymer 2-acetamido-2-deoxy-beta-D-glucopyranose
3 non-polymer 5-[bis(fluoranyl)methyl]-15-bromanyl-2,4,8,9,11-pentazatetracyclo[11.4.0.0^{2,6}.0^{8,12}]heptadeca-1(13),3,5,9,11,14,16-heptaene
#
_entity_poly.entity_id   1
_entity_poly.type   'polypeptide(L)'
_entity_poly.pdbx_seq_one_letter_code
;QMPTSSVKDETNDNITIFTRILDGLLDGYDNRLRPGLGERITQVRTDMYVNSFGPVSDTEMEYTIDIFFAQTWKDERLRF
KGPMQRLPLNNLLASKIWTPDTFFHNGKKSFAHWMTTPNRMLRIWNDGRVLYTLRLTISAECPMDLEDFPMDEQNCPLKF
GSYAYPNSEVVYVWTNGSTKSVVVAEDGSRLNQYHLMGQTVGTENISTSTGEYTIMTAHFHLKRKIGYFVIQTYLPCIMT
VILSQVSFWLNRESVAARTVFGVTTVLTMTTLSISARNSLPKVAYATAMDWFIAVCYAFVFSALLEFAFVNYITKSQPAR
AAKIDKMSRIVFPILFGTFNLVYWATYLNGTTETSQVAPA
;
_entity_poly.pdbx_strand_id   A,B,C,D,E
#
loop_
_chem_comp.id
_chem_comp.type
_chem_comp.name
_chem_comp.formula
NAG D-saccharide, beta linking 2-acetamido-2-deoxy-beta-D-glucopyranose 'C8 H15 N O6'
QK9 non-polymer 5-[bis(fluoranyl)methyl]-15-bromanyl-2,4,8,9,11-pentazatetracyclo[11.4.0.0^{2,6}.0^{8,12}]heptadeca-1(13),3,5,9,11,14,16-heptaene 'C13 H8 Br F2 N5'
#
# COMPACT_ATOMS: atom_id res chain seq x y z
N ASN A 14 0.77 25.83 48.52
CA ASN A 14 0.76 24.43 49.03
C ASN A 14 1.07 23.44 47.91
N ILE A 15 1.78 23.91 46.89
CA ILE A 15 2.15 23.09 45.75
C ILE A 15 3.63 22.74 45.84
N THR A 16 4.42 23.66 46.40
CA THR A 16 5.85 23.42 46.51
C THR A 16 6.16 22.21 47.38
N ILE A 17 5.25 21.85 48.29
CA ILE A 17 5.46 20.68 49.13
C ILE A 17 5.58 19.43 48.26
N PHE A 18 4.73 19.31 47.24
CA PHE A 18 4.79 18.16 46.36
C PHE A 18 6.12 18.10 45.63
N THR A 19 6.64 19.24 45.20
CA THR A 19 7.92 19.27 44.51
C THR A 19 9.03 18.75 45.40
N ARG A 20 9.06 19.17 46.67
CA ARG A 20 10.08 18.68 47.58
C ARG A 20 9.98 17.19 47.79
N ILE A 21 8.76 16.67 47.94
CA ILE A 21 8.57 15.23 48.10
C ILE A 21 9.05 14.50 46.84
N LEU A 22 8.69 15.01 45.67
CA LEU A 22 9.08 14.36 44.43
C LEU A 22 10.60 14.35 44.28
N ASP A 23 11.26 15.46 44.61
CA ASP A 23 12.71 15.53 44.44
C ASP A 23 13.41 14.49 45.30
N GLY A 24 12.94 14.30 46.53
CA GLY A 24 13.58 13.31 47.41
C GLY A 24 13.54 11.92 46.82
N LEU A 25 12.43 11.55 46.16
CA LEU A 25 12.33 10.22 45.59
C LEU A 25 13.38 9.99 44.52
N LEU A 26 13.61 10.98 43.65
CA LEU A 26 14.57 10.85 42.57
C LEU A 26 16.01 11.07 43.03
N ASP A 27 16.22 11.48 44.29
CA ASP A 27 17.56 11.70 44.80
C ASP A 27 18.22 10.35 45.08
N GLY A 28 19.18 9.96 44.25
CA GLY A 28 19.84 8.70 44.41
C GLY A 28 19.08 7.49 43.90
N TYR A 29 18.01 7.70 43.15
CA TYR A 29 17.22 6.61 42.61
C TYR A 29 17.85 6.13 41.31
N ASP A 30 18.38 4.91 41.32
CA ASP A 30 19.02 4.33 40.14
C ASP A 30 17.96 3.61 39.31
N ASN A 31 17.71 4.11 38.11
CA ASN A 31 16.71 3.53 37.23
C ASN A 31 17.23 2.33 36.44
N ARG A 32 18.51 2.00 36.57
CA ARG A 32 19.08 0.83 35.92
C ARG A 32 18.96 -0.43 36.76
N LEU A 33 18.45 -0.33 37.98
CA LEU A 33 18.37 -1.45 38.90
C LEU A 33 16.91 -1.68 39.29
N ARG A 34 16.48 -2.94 39.23
CA ARG A 34 15.11 -3.28 39.61
C ARG A 34 14.96 -3.16 41.13
N PRO A 35 13.73 -2.92 41.60
CA PRO A 35 13.51 -2.90 43.06
C PRO A 35 13.77 -4.26 43.68
N GLY A 36 14.22 -4.24 44.92
CA GLY A 36 14.51 -5.48 45.62
C GLY A 36 15.58 -6.30 44.96
N LEU A 37 16.64 -5.65 44.47
CA LEU A 37 17.72 -6.36 43.80
C LEU A 37 18.53 -7.16 44.81
N GLY A 38 18.73 -8.44 44.52
CA GLY A 38 19.49 -9.29 45.42
C GLY A 38 18.90 -9.46 46.79
N GLU A 39 17.59 -9.19 46.94
CA GLU A 39 16.93 -9.31 48.24
C GLU A 39 15.68 -10.17 48.12
N ARG A 40 15.04 -10.16 46.97
CA ARG A 40 13.80 -10.90 46.74
C ARG A 40 13.56 -10.93 45.24
N ILE A 41 12.38 -11.42 44.84
CA ILE A 41 11.98 -11.51 43.45
C ILE A 41 10.88 -10.48 43.22
N THR A 42 11.09 -9.61 42.24
CA THR A 42 10.10 -8.58 41.93
C THR A 42 8.84 -9.21 41.38
N GLN A 43 7.69 -8.78 41.89
CA GLN A 43 6.39 -9.29 41.48
C GLN A 43 5.62 -8.19 40.78
N VAL A 44 5.13 -8.48 39.58
CA VAL A 44 4.42 -7.51 38.76
C VAL A 44 3.01 -8.02 38.52
N ARG A 45 2.02 -7.18 38.82
CA ARG A 45 0.62 -7.48 38.58
C ARG A 45 0.14 -6.69 37.37
N THR A 46 -0.45 -7.38 36.40
CA THR A 46 -0.82 -6.79 35.13
C THR A 46 -2.31 -6.97 34.87
N ASP A 47 -2.93 -5.91 34.34
CA ASP A 47 -4.30 -5.96 33.88
C ASP A 47 -4.38 -5.25 32.53
N MET A 48 -5.35 -5.66 31.72
CA MET A 48 -5.48 -5.16 30.36
C MET A 48 -6.93 -4.78 30.08
N TYR A 49 -7.08 -3.75 29.24
CA TYR A 49 -8.38 -3.32 28.75
C TYR A 49 -8.27 -3.10 27.25
N VAL A 50 -9.00 -3.91 26.48
CA VAL A 50 -8.93 -3.85 25.02
C VAL A 50 -9.90 -2.76 24.57
N ASN A 51 -9.35 -1.61 24.19
CA ASN A 51 -10.19 -0.52 23.70
C ASN A 51 -10.90 -0.92 22.41
N SER A 52 -10.19 -1.59 21.50
CA SER A 52 -10.78 -2.00 20.23
C SER A 52 -9.94 -3.11 19.63
N PHE A 53 -10.60 -4.19 19.22
CA PHE A 53 -9.92 -5.30 18.55
C PHE A 53 -9.82 -4.97 17.07
N GLY A 54 -8.61 -4.61 16.63
CA GLY A 54 -8.41 -4.18 15.26
C GLY A 54 -8.75 -5.25 14.25
N PRO A 55 -8.69 -4.90 12.98
CA PRO A 55 -9.02 -5.87 11.93
C PRO A 55 -8.05 -7.04 11.91
N VAL A 56 -8.56 -8.20 11.52
CA VAL A 56 -7.77 -9.42 11.43
C VAL A 56 -7.43 -9.63 9.96
N SER A 57 -6.15 -9.57 9.63
CA SER A 57 -5.68 -9.76 8.27
C SER A 57 -5.37 -11.25 8.08
N ASP A 58 -6.29 -11.97 7.44
CA ASP A 58 -6.09 -13.39 7.21
C ASP A 58 -4.89 -13.62 6.29
N THR A 59 -4.72 -12.76 5.28
CA THR A 59 -3.61 -12.94 4.35
C THR A 59 -2.27 -12.87 5.06
N GLU A 60 -2.11 -11.92 5.97
CA GLU A 60 -0.87 -11.75 6.71
C GLU A 60 -0.87 -12.47 8.05
N MET A 61 -1.95 -13.15 8.40
CA MET A 61 -2.03 -13.90 9.66
C MET A 61 -1.73 -12.99 10.84
N GLU A 62 -2.29 -11.79 10.83
CA GLU A 62 -2.06 -10.81 11.88
C GLU A 62 -3.38 -10.17 12.28
N TYR A 63 -3.42 -9.63 13.48
CA TYR A 63 -4.60 -8.94 14.01
C TYR A 63 -4.16 -7.74 14.82
N THR A 64 -4.62 -6.56 14.43
CA THR A 64 -4.33 -5.35 15.17
C THR A 64 -5.21 -5.27 16.41
N ILE A 65 -4.70 -4.61 17.44
CA ILE A 65 -5.42 -4.48 18.70
C ILE A 65 -4.90 -3.25 19.43
N ASP A 66 -5.80 -2.57 20.14
CA ASP A 66 -5.46 -1.43 20.97
C ASP A 66 -5.84 -1.75 22.41
N ILE A 67 -4.91 -1.51 23.34
CA ILE A 67 -5.10 -1.89 24.73
C ILE A 67 -4.52 -0.81 25.64
N PHE A 68 -5.15 -0.64 26.79
CA PHE A 68 -4.61 0.22 27.85
C PHE A 68 -3.85 -0.66 28.85
N PHE A 69 -2.73 -1.20 28.37
CA PHE A 69 -1.93 -2.11 29.17
C PHE A 69 -1.51 -1.44 30.48
N ALA A 70 -1.64 -2.16 31.58
CA ALA A 70 -1.35 -1.64 32.91
C ALA A 70 -0.46 -2.61 33.66
N GLN A 71 0.40 -2.04 34.50
CA GLN A 71 1.33 -2.81 35.31
C GLN A 71 1.38 -2.24 36.72
N THR A 72 1.69 -3.09 37.68
CA THR A 72 1.77 -2.70 39.08
C THR A 72 2.89 -3.48 39.76
N TRP A 73 3.65 -2.78 40.60
CA TRP A 73 4.73 -3.41 41.35
C TRP A 73 5.04 -2.57 42.57
N LYS A 74 5.77 -3.17 43.50
CA LYS A 74 6.12 -2.54 44.76
C LYS A 74 7.57 -2.08 44.74
N ASP A 75 7.79 -0.82 45.09
CA ASP A 75 9.14 -0.25 45.15
C ASP A 75 9.26 0.56 46.43
N GLU A 76 10.13 0.11 47.33
CA GLU A 76 10.31 0.81 48.60
C GLU A 76 11.08 2.12 48.44
N ARG A 77 11.88 2.25 47.38
CA ARG A 77 12.65 3.47 47.17
C ARG A 77 11.76 4.68 46.96
N LEU A 78 10.51 4.48 46.57
CA LEU A 78 9.57 5.57 46.31
C LEU A 78 8.70 5.89 47.51
N ARG A 79 8.96 5.28 48.66
CA ARG A 79 8.15 5.54 49.85
C ARG A 79 8.24 7.02 50.22
N PHE A 80 7.10 7.57 50.65
CA PHE A 80 7.04 8.96 51.07
C PHE A 80 5.87 9.13 52.02
N LYS A 81 5.89 10.25 52.75
CA LYS A 81 4.83 10.60 53.67
C LYS A 81 4.40 12.04 53.41
N GLY A 82 3.10 12.25 53.25
CA GLY A 82 2.57 13.56 52.99
C GLY A 82 1.06 13.60 53.10
N PRO A 83 0.49 14.80 52.97
CA PRO A 83 -0.98 14.92 53.08
C PRO A 83 -1.72 14.12 52.03
N MET A 84 -1.17 13.99 50.84
CA MET A 84 -1.83 13.31 49.73
C MET A 84 -1.33 11.86 49.66
N GLN A 85 -2.27 10.92 49.57
CA GLN A 85 -1.94 9.51 49.51
C GLN A 85 -1.60 9.01 48.11
N ARG A 86 -1.80 9.85 47.09
CA ARG A 86 -1.54 9.47 45.71
C ARG A 86 -0.87 10.63 44.99
N LEU A 87 -0.07 10.30 43.97
CA LEU A 87 0.68 11.28 43.20
C LEU A 87 0.45 11.04 41.72
N PRO A 88 -0.67 11.49 41.16
CA PRO A 88 -0.86 11.41 39.72
C PRO A 88 0.24 12.16 38.98
N LEU A 89 0.69 11.58 37.87
CA LEU A 89 1.80 12.14 37.11
C LEU A 89 1.57 11.84 35.63
N ASN A 90 2.60 12.08 34.82
CA ASN A 90 2.52 11.86 33.38
C ASN A 90 3.85 11.26 32.93
N ASN A 91 4.05 11.23 31.60
CA ASN A 91 5.24 10.58 31.05
C ASN A 91 6.53 11.30 31.42
N LEU A 92 6.45 12.54 31.91
CA LEU A 92 7.65 13.30 32.20
C LEU A 92 8.53 12.58 33.21
N LEU A 93 7.93 12.06 34.27
CA LEU A 93 8.66 11.37 35.33
C LEU A 93 8.83 9.88 35.06
N ALA A 94 8.16 9.34 34.03
CA ALA A 94 8.23 7.90 33.78
C ALA A 94 9.66 7.47 33.46
N SER A 95 10.36 8.24 32.63
CA SER A 95 11.72 7.88 32.23
C SER A 95 12.73 8.09 33.35
N LYS A 96 12.37 8.77 34.42
CA LYS A 96 13.30 9.06 35.50
C LYS A 96 13.44 7.91 36.50
N ILE A 97 12.63 6.86 36.37
CA ILE A 97 12.62 5.74 37.30
C ILE A 97 12.75 4.44 36.51
N TRP A 98 12.72 3.34 37.24
CA TRP A 98 12.84 2.00 36.66
C TRP A 98 11.47 1.47 36.27
N THR A 99 11.40 0.88 35.08
CA THR A 99 10.19 0.24 34.59
C THR A 99 10.56 -1.11 33.99
N PRO A 100 9.66 -2.07 34.02
CA PRO A 100 9.98 -3.39 33.45
C PRO A 100 10.19 -3.32 31.96
N ASP A 101 11.08 -4.18 31.46
CA ASP A 101 11.38 -4.24 30.04
C ASP A 101 10.44 -5.22 29.34
N THR A 102 9.14 -4.95 29.49
CA THR A 102 8.11 -5.81 28.93
C THR A 102 8.12 -5.74 27.41
N PHE A 103 7.94 -6.90 26.78
CA PHE A 103 7.88 -6.99 25.33
C PHE A 103 6.89 -8.08 24.96
N PHE A 104 6.37 -7.98 23.74
CA PHE A 104 5.40 -8.94 23.22
C PHE A 104 6.12 -9.94 22.33
N HIS A 105 6.24 -11.18 22.82
CA HIS A 105 6.96 -12.21 22.08
C HIS A 105 6.29 -12.49 20.74
N ASN A 106 4.96 -12.54 20.72
CA ASN A 106 4.22 -12.83 19.51
C ASN A 106 4.01 -11.60 18.63
N GLY A 107 4.37 -10.41 19.12
CA GLY A 107 4.17 -9.22 18.33
C GLY A 107 5.15 -9.11 17.19
N LYS A 108 4.74 -8.33 16.17
CA LYS A 108 5.56 -8.08 15.00
C LYS A 108 6.00 -6.63 14.90
N LYS A 109 5.05 -5.69 14.95
CA LYS A 109 5.38 -4.27 14.87
C LYS A 109 4.35 -3.51 15.69
N SER A 110 4.76 -3.00 16.85
CA SER A 110 3.91 -2.24 17.75
C SER A 110 4.48 -0.84 17.90
N PHE A 111 3.62 0.16 17.72
CA PHE A 111 4.00 1.56 17.83
C PHE A 111 3.15 2.24 18.88
N ALA A 112 3.76 3.13 19.66
CA ALA A 112 3.08 3.79 20.76
C ALA A 112 2.29 4.99 20.23
N HIS A 113 1.47 5.56 21.11
CA HIS A 113 0.65 6.72 20.79
C HIS A 113 1.26 7.94 21.49
N TRP A 114 1.76 8.87 20.69
CA TRP A 114 2.40 10.08 21.20
C TRP A 114 1.53 11.31 20.98
N MET A 115 0.21 11.12 20.94
CA MET A 115 -0.73 12.19 20.63
C MET A 115 -1.81 12.23 21.70
N THR A 116 -2.10 13.42 22.23
CA THR A 116 -1.42 14.69 21.99
C THR A 116 -0.08 14.68 22.71
N THR A 117 -0.08 14.06 23.88
CA THR A 117 1.09 13.84 24.71
C THR A 117 1.31 12.35 24.87
N PRO A 118 2.56 11.89 25.01
CA PRO A 118 2.78 10.45 25.21
C PRO A 118 1.83 9.85 26.23
N ASN A 119 0.96 8.95 25.76
CA ASN A 119 -0.13 8.44 26.58
C ASN A 119 0.39 7.50 27.67
N ARG A 120 0.82 8.06 28.80
CA ARG A 120 1.30 7.28 29.91
C ARG A 120 0.87 7.93 31.20
N MET A 121 0.29 7.13 32.09
CA MET A 121 -0.15 7.59 33.41
C MET A 121 0.64 6.83 34.46
N LEU A 122 1.24 7.58 35.38
CA LEU A 122 2.03 7.01 36.47
C LEU A 122 1.46 7.49 37.79
N ARG A 123 1.16 6.54 38.68
CA ARG A 123 0.60 6.83 39.98
C ARG A 123 1.41 6.15 41.06
N ILE A 124 1.63 6.85 42.17
CA ILE A 124 2.46 6.36 43.26
C ILE A 124 1.71 6.59 44.58
N TRP A 125 1.75 5.58 45.44
CA TRP A 125 1.16 5.66 46.77
C TRP A 125 2.26 5.77 47.81
N ASN A 126 1.88 6.26 49.00
CA ASN A 126 2.84 6.42 50.07
C ASN A 126 3.51 5.10 50.44
N ASP A 127 2.81 3.99 50.30
CA ASP A 127 3.37 2.69 50.63
C ASP A 127 4.49 2.28 49.69
N GLY A 128 4.63 2.95 48.53
CA GLY A 128 5.62 2.60 47.54
C GLY A 128 5.06 1.87 46.34
N ARG A 129 3.79 1.45 46.39
CA ARG A 129 3.18 0.79 45.25
C ARG A 129 3.12 1.73 44.06
N VAL A 130 3.27 1.15 42.86
CA VAL A 130 3.36 1.92 41.63
C VAL A 130 2.36 1.37 40.62
N LEU A 131 1.97 2.24 39.69
CA LEU A 131 1.06 1.85 38.62
C LEU A 131 1.48 2.61 37.36
N TYR A 132 1.92 1.87 36.35
CA TYR A 132 2.43 2.43 35.10
C TYR A 132 1.60 1.87 33.95
N THR A 133 0.51 2.55 33.64
CA THR A 133 -0.35 2.16 32.53
C THR A 133 0.11 2.81 31.24
N LEU A 134 -0.31 2.23 30.12
CA LEU A 134 0.15 2.67 28.82
C LEU A 134 -0.83 2.21 27.76
N ARG A 135 -0.89 2.96 26.66
CA ARG A 135 -1.75 2.65 25.53
C ARG A 135 -0.90 2.16 24.37
N LEU A 136 -1.30 1.05 23.77
CA LEU A 136 -0.49 0.37 22.75
C LEU A 136 -1.35 0.00 21.56
N THR A 137 -0.67 -0.13 20.41
CA THR A 137 -1.27 -0.68 19.20
C THR A 137 -0.32 -1.76 18.69
N ILE A 138 -0.80 -3.00 18.65
CA ILE A 138 0.04 -4.16 18.39
C ILE A 138 -0.47 -4.88 17.15
N SER A 139 0.42 -5.10 16.19
CA SER A 139 0.11 -5.90 15.01
C SER A 139 0.61 -7.33 15.22
N ALA A 140 -0.05 -8.02 16.14
CA ALA A 140 0.35 -9.37 16.50
C ALA A 140 0.03 -10.34 15.36
N GLU A 141 0.65 -11.52 15.42
CA GLU A 141 0.50 -12.55 14.41
C GLU A 141 -0.37 -13.67 14.96
N CYS A 142 -1.34 -14.11 14.16
CA CYS A 142 -2.27 -15.18 14.55
C CYS A 142 -2.12 -16.35 13.60
N PRO A 143 -1.42 -17.42 13.99
CA PRO A 143 -1.34 -18.60 13.12
C PRO A 143 -2.67 -19.34 13.06
N MET A 144 -3.29 -19.36 11.88
CA MET A 144 -4.61 -19.94 11.69
C MET A 144 -4.51 -21.21 10.86
N ASP A 145 -5.31 -22.21 11.24
CA ASP A 145 -5.40 -23.48 10.53
C ASP A 145 -6.73 -23.48 9.78
N LEU A 146 -6.68 -23.09 8.51
CA LEU A 146 -7.89 -22.97 7.68
C LEU A 146 -8.28 -24.31 7.06
N GLU A 147 -8.39 -25.34 7.89
CA GLU A 147 -8.80 -26.65 7.40
C GLU A 147 -10.31 -26.73 7.25
N ASP A 148 -11.06 -26.08 8.15
CA ASP A 148 -12.51 -26.06 8.12
C ASP A 148 -13.05 -24.71 7.66
N PHE A 149 -12.25 -23.94 6.93
CA PHE A 149 -12.68 -22.62 6.49
C PHE A 149 -13.91 -22.76 5.60
N PRO A 150 -14.91 -21.87 5.74
CA PRO A 150 -14.99 -20.73 6.68
C PRO A 150 -15.53 -21.12 8.05
N MET A 151 -15.92 -22.39 8.27
CA MET A 151 -16.43 -22.82 9.57
C MET A 151 -15.23 -23.18 10.45
N ASP A 152 -14.61 -22.14 11.01
CA ASP A 152 -13.43 -22.31 11.85
C ASP A 152 -13.58 -21.45 13.10
N GLU A 153 -12.92 -21.88 14.17
CA GLU A 153 -12.89 -21.17 15.44
C GLU A 153 -11.43 -20.82 15.73
N GLN A 154 -10.98 -19.69 15.20
CA GLN A 154 -9.60 -19.27 15.40
C GLN A 154 -9.37 -18.86 16.85
N ASN A 155 -8.16 -19.16 17.34
CA ASN A 155 -7.74 -18.83 18.69
C ASN A 155 -6.46 -18.01 18.58
N CYS A 156 -6.60 -16.69 18.45
CA CYS A 156 -5.45 -15.83 18.29
C CYS A 156 -4.87 -15.48 19.66
N PRO A 157 -3.63 -15.87 19.96
CA PRO A 157 -3.06 -15.59 21.28
C PRO A 157 -2.30 -14.28 21.33
N LEU A 158 -2.09 -13.81 22.56
CA LEU A 158 -1.25 -12.65 22.84
C LEU A 158 -0.29 -13.02 23.95
N LYS A 159 1.00 -12.79 23.71
CA LYS A 159 2.05 -13.18 24.64
C LYS A 159 2.97 -12.00 24.92
N PHE A 160 3.39 -11.88 26.17
CA PHE A 160 4.34 -10.84 26.56
C PHE A 160 5.08 -11.29 27.79
N GLY A 161 6.21 -10.62 28.05
CA GLY A 161 7.03 -10.96 29.20
C GLY A 161 8.25 -10.08 29.25
N SER A 162 9.12 -10.39 30.21
CA SER A 162 10.36 -9.64 30.38
C SER A 162 11.36 -10.03 29.31
N TYR A 163 12.09 -9.03 28.82
CA TYR A 163 13.11 -9.27 27.80
C TYR A 163 14.49 -9.49 28.39
N ALA A 164 14.75 -8.94 29.59
CA ALA A 164 16.06 -9.02 30.20
C ALA A 164 16.06 -9.68 31.58
N TYR A 165 14.93 -9.70 32.28
CA TYR A 165 14.87 -10.23 33.63
C TYR A 165 14.27 -11.62 33.61
N PRO A 166 15.03 -12.68 33.96
CA PRO A 166 14.46 -14.03 33.94
C PRO A 166 13.36 -14.23 34.97
N ASN A 167 12.81 -15.45 35.01
CA ASN A 167 11.76 -15.76 35.96
C ASN A 167 12.23 -15.70 37.40
N SER A 168 13.53 -15.83 37.64
CA SER A 168 14.07 -15.81 38.99
C SER A 168 14.13 -14.40 39.59
N GLU A 169 13.93 -13.36 38.77
CA GLU A 169 13.99 -11.98 39.24
C GLU A 169 12.66 -11.26 39.10
N VAL A 170 12.01 -11.36 37.94
CA VAL A 170 10.76 -10.68 37.67
C VAL A 170 9.72 -11.72 37.28
N VAL A 171 8.55 -11.64 37.91
CA VAL A 171 7.45 -12.57 37.66
C VAL A 171 6.21 -11.75 37.33
N TYR A 172 5.51 -12.14 36.26
CA TYR A 172 4.28 -11.49 35.85
C TYR A 172 3.10 -12.36 36.26
N VAL A 173 2.11 -11.74 36.90
CA VAL A 173 0.92 -12.45 37.36
C VAL A 173 -0.30 -11.57 37.10
N TRP A 174 -1.38 -12.19 36.64
CA TRP A 174 -2.62 -11.45 36.43
C TRP A 174 -3.21 -11.04 37.77
N THR A 175 -3.71 -9.81 37.83
CA THR A 175 -4.22 -9.24 39.06
C THR A 175 -5.69 -9.61 39.26
N ASN A 176 -6.08 -9.73 40.53
CA ASN A 176 -7.47 -10.00 40.90
C ASN A 176 -8.00 -11.22 40.16
N GLY A 177 -7.18 -12.25 40.08
CA GLY A 177 -7.58 -13.48 39.41
C GLY A 177 -7.53 -13.35 37.90
N SER A 178 -8.10 -14.36 37.24
CA SER A 178 -8.13 -14.44 35.79
C SER A 178 -9.46 -14.00 35.20
N THR A 179 -10.37 -13.47 36.02
CA THR A 179 -11.69 -13.06 35.55
C THR A 179 -11.69 -11.62 35.06
N LYS A 180 -11.34 -10.68 35.94
CA LYS A 180 -11.33 -9.26 35.61
C LYS A 180 -9.98 -8.76 35.13
N SER A 181 -9.00 -9.65 34.98
CA SER A 181 -7.68 -9.24 34.54
C SER A 181 -7.73 -8.63 33.14
N VAL A 182 -8.50 -9.25 32.24
CA VAL A 182 -8.61 -8.79 30.86
C VAL A 182 -10.07 -8.38 30.62
N VAL A 183 -10.25 -7.18 30.08
CA VAL A 183 -11.57 -6.63 29.81
C VAL A 183 -11.60 -6.14 28.37
N VAL A 184 -12.70 -6.39 27.69
CA VAL A 184 -12.90 -5.98 26.30
C VAL A 184 -14.10 -5.07 26.22
N ALA A 185 -13.93 -3.92 25.57
CA ALA A 185 -15.03 -2.97 25.43
C ALA A 185 -16.15 -3.57 24.59
N GLU A 186 -17.38 -3.19 24.94
CA GLU A 186 -18.55 -3.70 24.22
C GLU A 186 -18.48 -3.32 22.74
N ASP A 187 -18.15 -2.07 22.45
CA ASP A 187 -18.02 -1.61 21.07
C ASP A 187 -16.62 -1.82 20.50
N GLY A 188 -15.65 -2.22 21.33
CA GLY A 188 -14.32 -2.46 20.83
C GLY A 188 -14.27 -3.60 19.82
N SER A 189 -15.00 -4.67 20.09
CA SER A 189 -15.06 -5.83 19.20
C SER A 189 -15.96 -5.47 18.03
N ARG A 190 -15.34 -4.93 16.97
CA ARG A 190 -16.09 -4.48 15.80
C ARG A 190 -15.52 -5.13 14.54
N LEU A 191 -15.28 -6.44 14.60
CA LEU A 191 -14.78 -7.17 13.45
C LEU A 191 -15.89 -7.40 12.44
N ASN A 192 -15.51 -7.43 11.16
CA ASN A 192 -16.48 -7.56 10.08
C ASN A 192 -16.79 -9.02 9.75
N GLN A 193 -15.77 -9.88 9.76
CA GLN A 193 -15.93 -11.29 9.39
C GLN A 193 -15.68 -12.23 10.55
N TYR A 194 -15.53 -11.72 11.77
CA TYR A 194 -15.33 -12.55 12.95
C TYR A 194 -16.25 -12.09 14.07
N HIS A 195 -16.61 -13.03 14.93
CA HIS A 195 -17.49 -12.78 16.07
C HIS A 195 -16.79 -13.28 17.33
N LEU A 196 -16.28 -12.36 18.13
CA LEU A 196 -15.58 -12.73 19.35
C LEU A 196 -16.55 -13.38 20.33
N MET A 197 -16.11 -14.48 20.94
CA MET A 197 -16.91 -15.23 21.90
C MET A 197 -16.44 -15.07 23.33
N GLY A 198 -15.13 -15.09 23.56
CA GLY A 198 -14.62 -14.96 24.92
C GLY A 198 -13.11 -14.87 24.91
N GLN A 199 -12.56 -14.73 26.11
CA GLN A 199 -11.12 -14.59 26.29
C GLN A 199 -10.65 -15.53 27.39
N THR A 200 -9.41 -16.00 27.25
CA THR A 200 -8.78 -16.84 28.27
C THR A 200 -7.35 -16.34 28.49
N VAL A 201 -6.88 -16.47 29.72
CA VAL A 201 -5.56 -16.00 30.12
C VAL A 201 -4.82 -17.17 30.77
N GLY A 202 -3.55 -17.35 30.40
CA GLY A 202 -2.75 -18.41 30.96
C GLY A 202 -1.32 -17.95 31.20
N THR A 203 -0.58 -18.78 31.91
CA THR A 203 0.81 -18.50 32.26
C THR A 203 1.65 -19.73 31.98
N GLU A 204 2.91 -19.49 31.63
CA GLU A 204 3.83 -20.59 31.34
C GLU A 204 5.26 -20.09 31.48
N ASN A 205 6.19 -21.03 31.60
CA ASN A 205 7.61 -20.76 31.68
C ASN A 205 8.31 -21.38 30.48
N ILE A 206 9.27 -20.63 29.92
CA ILE A 206 10.07 -21.10 28.80
C ILE A 206 11.53 -21.10 29.23
N SER A 207 12.21 -22.23 29.01
CA SER A 207 13.61 -22.39 29.42
C SER A 207 14.49 -22.15 28.20
N THR A 208 14.79 -20.87 27.96
CA THR A 208 15.65 -20.47 26.86
C THR A 208 17.11 -20.60 27.26
N SER A 209 18.01 -20.23 26.35
CA SER A 209 19.44 -20.28 26.64
C SER A 209 19.84 -19.24 27.67
N THR A 210 19.00 -18.25 27.94
CA THR A 210 19.28 -17.18 28.89
C THR A 210 18.44 -17.32 30.15
N GLY A 211 18.18 -18.56 30.57
CA GLY A 211 17.40 -18.81 31.77
C GLY A 211 15.92 -18.91 31.49
N GLU A 212 15.18 -19.20 32.55
CA GLU A 212 13.74 -19.32 32.46
C GLU A 212 13.09 -17.94 32.42
N TYR A 213 12.03 -17.82 31.63
CA TYR A 213 11.26 -16.59 31.51
C TYR A 213 9.79 -16.90 31.63
N THR A 214 9.11 -16.19 32.52
CA THR A 214 7.66 -16.33 32.65
C THR A 214 6.97 -15.63 31.49
N ILE A 215 5.89 -16.23 31.00
CA ILE A 215 5.15 -15.71 29.86
C ILE A 215 3.68 -15.60 30.26
N MET A 216 3.09 -14.44 30.03
CA MET A 216 1.67 -14.22 30.21
C MET A 216 0.99 -14.37 28.86
N THR A 217 0.07 -15.32 28.75
CA THR A 217 -0.58 -15.65 27.50
C THR A 217 -2.07 -15.37 27.61
N ALA A 218 -2.62 -14.66 26.62
CA ALA A 218 -4.04 -14.39 26.54
C ALA A 218 -4.55 -14.84 25.18
N HIS A 219 -5.62 -15.62 25.19
CA HIS A 219 -6.21 -16.14 23.96
C HIS A 219 -7.60 -15.56 23.77
N PHE A 220 -7.89 -15.14 22.55
CA PHE A 220 -9.19 -14.63 22.17
C PHE A 220 -9.86 -15.64 21.25
N HIS A 221 -11.03 -16.11 21.65
CA HIS A 221 -11.77 -17.10 20.87
C HIS A 221 -12.58 -16.38 19.79
N LEU A 222 -12.23 -16.62 18.53
CA LEU A 222 -12.87 -15.99 17.40
C LEU A 222 -13.71 -17.01 16.65
N LYS A 223 -14.99 -16.69 16.45
CA LYS A 223 -15.90 -17.52 15.68
C LYS A 223 -16.28 -16.75 14.42
N ARG A 224 -15.79 -17.21 13.27
CA ARG A 224 -16.06 -16.54 12.02
C ARG A 224 -17.57 -16.48 11.78
N LYS A 225 -18.06 -15.31 11.40
CA LYS A 225 -19.48 -15.09 11.14
C LYS A 225 -19.71 -15.25 9.64
N ILE A 226 -20.36 -16.35 9.27
CA ILE A 226 -20.61 -16.63 7.86
C ILE A 226 -21.75 -15.74 7.36
N GLY A 227 -21.79 -15.54 6.05
CA GLY A 227 -22.79 -14.71 5.42
C GLY A 227 -22.22 -13.87 4.31
N TYR A 228 -20.95 -13.48 4.44
CA TYR A 228 -20.29 -12.79 3.34
C TYR A 228 -19.91 -13.75 2.23
N PHE A 229 -19.41 -14.94 2.59
CA PHE A 229 -19.05 -15.93 1.58
C PHE A 229 -20.29 -16.53 0.93
N VAL A 230 -21.38 -16.65 1.68
CA VAL A 230 -22.62 -17.16 1.11
C VAL A 230 -23.10 -16.26 -0.02
N ILE A 231 -23.09 -14.96 0.23
CA ILE A 231 -23.50 -14.00 -0.80
C ILE A 231 -22.44 -13.82 -1.87
N GLN A 232 -21.20 -14.23 -1.59
CA GLN A 232 -20.08 -14.01 -2.50
C GLN A 232 -19.68 -15.24 -3.29
N THR A 233 -19.65 -16.41 -2.65
CA THR A 233 -19.17 -17.63 -3.30
C THR A 233 -20.24 -18.70 -3.41
N TYR A 234 -20.88 -19.08 -2.30
CA TYR A 234 -21.78 -20.24 -2.34
C TYR A 234 -22.96 -20.00 -3.27
N LEU A 235 -23.67 -18.88 -3.09
CA LEU A 235 -24.87 -18.64 -3.89
C LEU A 235 -24.57 -18.59 -5.38
N PRO A 236 -23.55 -17.85 -5.84
CA PRO A 236 -23.21 -17.93 -7.27
C PRO A 236 -22.92 -19.34 -7.72
N CYS A 237 -22.25 -20.14 -6.89
CA CYS A 237 -22.02 -21.53 -7.24
C CYS A 237 -23.32 -22.33 -7.23
N ILE A 238 -24.16 -22.11 -6.21
CA ILE A 238 -25.42 -22.84 -6.13
C ILE A 238 -26.32 -22.49 -7.31
N MET A 239 -26.46 -21.20 -7.62
CA MET A 239 -27.23 -20.79 -8.78
C MET A 239 -26.57 -21.18 -10.10
N THR A 240 -25.24 -21.24 -10.12
CA THR A 240 -24.54 -21.69 -11.32
C THR A 240 -24.88 -23.13 -11.66
N VAL A 241 -24.97 -24.00 -10.64
CA VAL A 241 -25.33 -25.40 -10.88
C VAL A 241 -26.74 -25.50 -11.44
N ILE A 242 -27.67 -24.73 -10.87
CA ILE A 242 -29.06 -24.79 -11.31
C ILE A 242 -29.17 -24.40 -12.77
N LEU A 243 -28.36 -23.42 -13.21
CA LEU A 243 -28.42 -22.98 -14.59
C LEU A 243 -28.13 -24.14 -15.55
N SER A 244 -27.13 -24.96 -15.24
CA SER A 244 -26.81 -26.10 -16.09
C SER A 244 -27.97 -27.09 -16.13
N GLN A 245 -28.61 -27.33 -14.99
CA GLN A 245 -29.68 -28.32 -14.94
C GLN A 245 -30.87 -27.93 -15.82
N VAL A 246 -30.99 -26.65 -16.18
CA VAL A 246 -32.05 -26.24 -17.08
C VAL A 246 -31.89 -26.91 -18.44
N SER A 247 -30.66 -27.25 -18.81
CA SER A 247 -30.41 -27.86 -20.11
C SER A 247 -31.18 -29.17 -20.27
N PHE A 248 -31.37 -29.91 -19.18
CA PHE A 248 -32.08 -31.18 -19.26
C PHE A 248 -33.55 -30.99 -19.65
N TRP A 249 -34.08 -29.79 -19.52
CA TRP A 249 -35.45 -29.48 -19.92
C TRP A 249 -35.54 -28.95 -21.34
N LEU A 250 -34.60 -29.34 -22.20
CA LEU A 250 -34.55 -28.88 -23.58
C LEU A 250 -34.49 -30.07 -24.52
N ASN A 251 -34.92 -29.84 -25.75
CA ASN A 251 -34.92 -30.90 -26.74
C ASN A 251 -33.49 -31.36 -27.02
N ARG A 252 -33.34 -32.67 -27.25
CA ARG A 252 -32.01 -33.23 -27.45
C ARG A 252 -31.35 -32.66 -28.71
N GLU A 253 -32.12 -32.52 -29.79
CA GLU A 253 -31.55 -32.04 -31.04
C GLU A 253 -31.05 -30.60 -30.95
N SER A 254 -31.45 -29.86 -29.92
CA SER A 254 -30.95 -28.49 -29.76
C SER A 254 -29.52 -28.52 -29.26
N VAL A 255 -28.60 -28.95 -30.13
CA VAL A 255 -27.21 -29.11 -29.71
C VAL A 255 -26.61 -27.77 -29.32
N ALA A 256 -26.87 -26.74 -30.12
CA ALA A 256 -26.28 -25.42 -29.85
C ALA A 256 -26.79 -24.86 -28.52
N ALA A 257 -28.09 -24.98 -28.27
CA ALA A 257 -28.67 -24.38 -27.07
C ALA A 257 -28.08 -25.01 -25.81
N ARG A 258 -28.10 -26.34 -25.73
CA ARG A 258 -27.59 -27.01 -24.54
C ARG A 258 -26.08 -26.83 -24.41
N THR A 259 -25.37 -26.67 -25.54
CA THR A 259 -23.93 -26.47 -25.49
C THR A 259 -23.58 -25.20 -24.74
N VAL A 260 -24.32 -24.11 -25.00
CA VAL A 260 -24.02 -22.84 -24.35
C VAL A 260 -24.19 -22.96 -22.84
N PHE A 261 -25.26 -23.63 -22.40
CA PHE A 261 -25.50 -23.79 -20.97
C PHE A 261 -24.30 -24.47 -20.29
N GLY A 262 -23.97 -25.68 -20.74
CA GLY A 262 -22.90 -26.42 -20.10
C GLY A 262 -21.54 -25.73 -20.26
N VAL A 263 -21.23 -25.28 -21.47
CA VAL A 263 -19.91 -24.69 -21.72
C VAL A 263 -19.75 -23.40 -20.92
N THR A 264 -20.74 -22.50 -21.02
CA THR A 264 -20.65 -21.24 -20.29
C THR A 264 -20.66 -21.48 -18.79
N THR A 265 -21.49 -22.41 -18.33
CA THR A 265 -21.59 -22.68 -16.90
C THR A 265 -20.27 -23.19 -16.35
N VAL A 266 -19.60 -24.08 -17.06
CA VAL A 266 -18.35 -24.67 -16.55
C VAL A 266 -17.29 -23.60 -16.38
N LEU A 267 -17.12 -22.74 -17.38
CA LEU A 267 -16.12 -21.67 -17.28
C LEU A 267 -16.47 -20.71 -16.16
N THR A 268 -17.76 -20.36 -16.03
CA THR A 268 -18.17 -19.50 -14.93
C THR A 268 -17.89 -20.14 -13.59
N MET A 269 -18.06 -21.46 -13.50
CA MET A 269 -17.71 -22.17 -12.27
C MET A 269 -16.22 -22.04 -11.97
N THR A 270 -15.38 -22.13 -13.01
CA THR A 270 -13.94 -22.08 -12.80
C THR A 270 -13.50 -20.73 -12.27
N THR A 271 -13.99 -19.64 -12.89
CA THR A 271 -13.54 -18.31 -12.50
C THR A 271 -13.92 -17.99 -11.07
N LEU A 272 -15.06 -18.50 -10.59
CA LEU A 272 -15.44 -18.28 -9.21
C LEU A 272 -14.42 -18.86 -8.25
N SER A 273 -13.90 -20.05 -8.56
CA SER A 273 -12.85 -20.64 -7.74
C SER A 273 -11.62 -19.74 -7.72
N ILE A 274 -11.22 -19.22 -8.87
CA ILE A 274 -10.06 -18.35 -8.94
C ILE A 274 -10.30 -17.08 -8.13
N SER A 275 -11.47 -16.46 -8.32
CA SER A 275 -11.76 -15.21 -7.62
C SER A 275 -11.90 -15.43 -6.12
N ALA A 276 -12.49 -16.56 -5.72
CA ALA A 276 -12.74 -16.80 -4.30
C ALA A 276 -11.45 -16.83 -3.51
N ARG A 277 -10.42 -17.49 -4.04
CA ARG A 277 -9.17 -17.64 -3.30
C ARG A 277 -8.34 -16.37 -3.30
N ASN A 278 -8.71 -15.35 -4.08
CA ASN A 278 -7.96 -14.10 -4.08
C ASN A 278 -7.91 -13.48 -2.68
N SER A 279 -9.08 -13.38 -2.03
CA SER A 279 -9.11 -12.87 -0.67
C SER A 279 -8.49 -13.87 0.30
N LEU A 280 -8.73 -15.16 0.09
CA LEU A 280 -8.21 -16.18 0.99
C LEU A 280 -6.69 -16.23 0.90
N PRO A 281 -6.02 -16.54 2.01
CA PRO A 281 -4.55 -16.70 1.95
C PRO A 281 -4.16 -17.87 1.07
N LYS A 282 -2.95 -17.77 0.50
CA LYS A 282 -2.43 -18.80 -0.40
C LYS A 282 -1.99 -20.02 0.42
N VAL A 283 -2.98 -20.74 0.91
CA VAL A 283 -2.74 -21.95 1.70
C VAL A 283 -2.52 -23.12 0.76
N ALA A 284 -1.54 -23.96 1.10
CA ALA A 284 -1.18 -25.10 0.26
C ALA A 284 -1.96 -26.36 0.66
N TYR A 285 -3.27 -26.25 0.70
CA TYR A 285 -4.15 -27.39 0.96
C TYR A 285 -5.57 -26.98 0.62
N ALA A 286 -6.49 -27.95 0.69
CA ALA A 286 -7.87 -27.75 0.27
C ALA A 286 -8.73 -27.44 1.49
N THR A 287 -9.53 -26.38 1.38
CA THR A 287 -10.46 -25.99 2.43
C THR A 287 -11.83 -26.61 2.16
N ALA A 288 -12.73 -26.46 3.13
CA ALA A 288 -14.09 -26.98 2.98
C ALA A 288 -14.79 -26.32 1.80
N MET A 289 -14.60 -25.00 1.64
CA MET A 289 -15.22 -24.30 0.52
C MET A 289 -14.72 -24.86 -0.81
N ASP A 290 -13.43 -25.19 -0.89
CA ASP A 290 -12.88 -25.74 -2.13
C ASP A 290 -13.56 -27.05 -2.49
N TRP A 291 -13.79 -27.92 -1.50
CA TRP A 291 -14.50 -29.17 -1.77
C TRP A 291 -15.91 -28.90 -2.27
N PHE A 292 -16.59 -27.92 -1.68
CA PHE A 292 -17.93 -27.56 -2.14
C PHE A 292 -17.89 -27.07 -3.59
N ILE A 293 -16.90 -26.27 -3.93
CA ILE A 293 -16.76 -25.79 -5.31
C ILE A 293 -16.51 -26.95 -6.25
N ALA A 294 -15.64 -27.88 -5.85
CA ALA A 294 -15.35 -29.04 -6.70
C ALA A 294 -16.60 -29.86 -6.95
N VAL A 295 -17.40 -30.09 -5.91
CA VAL A 295 -18.64 -30.84 -6.09
C VAL A 295 -19.56 -30.11 -7.06
N CYS A 296 -19.70 -28.79 -6.89
CA CYS A 296 -20.50 -28.02 -7.83
C CYS A 296 -19.92 -28.11 -9.24
N TYR A 297 -18.59 -28.15 -9.35
CA TYR A 297 -17.97 -28.32 -10.66
C TYR A 297 -18.33 -29.66 -11.28
N ALA A 298 -18.40 -30.71 -10.46
CA ALA A 298 -18.74 -32.02 -10.97
C ALA A 298 -20.15 -32.05 -11.55
N PHE A 299 -21.11 -31.43 -10.85
CA PHE A 299 -22.49 -31.42 -11.34
C PHE A 299 -22.59 -30.75 -12.71
N VAL A 300 -22.04 -29.55 -12.83
CA VAL A 300 -22.09 -28.84 -14.10
C VAL A 300 -21.30 -29.60 -15.16
N PHE A 301 -20.11 -30.06 -14.81
CA PHE A 301 -19.30 -30.82 -15.76
C PHE A 301 -19.98 -32.12 -16.15
N SER A 302 -20.54 -32.83 -15.16
CA SER A 302 -21.21 -34.10 -15.46
C SER A 302 -22.40 -33.89 -16.37
N ALA A 303 -23.17 -32.82 -16.14
CA ALA A 303 -24.31 -32.53 -17.01
C ALA A 303 -23.87 -32.39 -18.46
N LEU A 304 -22.72 -31.74 -18.69
CA LEU A 304 -22.20 -31.61 -20.03
C LEU A 304 -21.86 -32.98 -20.61
N LEU A 305 -21.28 -33.87 -19.80
CA LEU A 305 -20.96 -35.21 -20.29
C LEU A 305 -22.23 -35.96 -20.67
N GLU A 306 -23.28 -35.83 -19.87
CA GLU A 306 -24.53 -36.50 -20.20
C GLU A 306 -25.07 -36.02 -21.54
N PHE A 307 -25.04 -34.70 -21.78
CA PHE A 307 -25.48 -34.17 -23.06
C PHE A 307 -24.63 -34.70 -24.20
N ALA A 308 -23.30 -34.71 -24.01
CA ALA A 308 -22.42 -35.24 -25.04
C ALA A 308 -22.68 -36.72 -25.29
N PHE A 309 -22.84 -37.50 -24.21
CA PHE A 309 -23.11 -38.93 -24.36
C PHE A 309 -24.45 -39.15 -25.05
N VAL A 310 -25.46 -38.37 -24.68
CA VAL A 310 -26.79 -38.53 -25.28
C VAL A 310 -26.72 -38.27 -26.78
N ASN A 311 -26.05 -37.18 -27.18
CA ASN A 311 -25.94 -36.86 -28.59
C ASN A 311 -25.12 -37.91 -29.34
N TYR A 312 -24.27 -38.66 -28.65
CA TYR A 312 -23.46 -39.69 -29.30
C TYR A 312 -24.27 -40.95 -29.61
N ILE A 313 -25.41 -41.15 -28.95
CA ILE A 313 -26.21 -42.34 -29.16
C ILE A 313 -27.61 -42.04 -29.69
N THR A 314 -28.02 -40.77 -29.73
CA THR A 314 -29.36 -40.45 -30.20
C THR A 314 -29.58 -40.89 -31.64
N LYS A 315 -28.52 -41.08 -32.41
CA LYS A 315 -28.63 -41.54 -33.79
C LYS A 315 -28.63 -43.06 -33.90
N SER A 316 -28.42 -43.79 -32.81
CA SER A 316 -28.39 -45.24 -32.83
C SER A 316 -29.47 -45.85 -31.95
N GLN A 317 -29.62 -45.40 -30.72
CA GLN A 317 -30.62 -45.92 -29.78
C GLN A 317 -31.36 -44.76 -29.15
N PRO A 318 -32.26 -44.13 -29.89
CA PRO A 318 -33.01 -42.98 -29.34
C PRO A 318 -33.82 -43.32 -28.10
N ALA A 319 -34.26 -44.58 -27.96
CA ALA A 319 -35.13 -44.93 -26.86
C ALA A 319 -34.45 -44.69 -25.51
N ARG A 320 -33.18 -45.10 -25.40
CA ARG A 320 -32.47 -44.90 -24.14
C ARG A 320 -32.06 -43.45 -23.95
N ALA A 321 -31.86 -42.71 -25.04
CA ALA A 321 -31.43 -41.32 -24.93
C ALA A 321 -32.48 -40.49 -24.19
N ALA A 322 -33.75 -40.67 -24.54
CA ALA A 322 -34.80 -39.90 -23.87
C ALA A 322 -34.90 -40.28 -22.40
N LYS A 323 -34.74 -41.56 -22.07
CA LYS A 323 -34.86 -41.99 -20.68
C LYS A 323 -33.81 -41.32 -19.81
N ILE A 324 -32.57 -41.25 -20.30
CA ILE A 324 -31.50 -40.65 -19.50
C ILE A 324 -31.78 -39.16 -19.30
N ASP A 325 -32.17 -38.47 -20.36
CA ASP A 325 -32.43 -37.04 -20.26
C ASP A 325 -33.57 -36.76 -19.29
N LYS A 326 -34.66 -37.51 -19.39
CA LYS A 326 -35.77 -37.34 -18.47
C LYS A 326 -35.37 -37.71 -17.05
N MET A 327 -34.61 -38.80 -16.89
CA MET A 327 -34.16 -39.21 -15.57
C MET A 327 -33.26 -38.14 -14.94
N SER A 328 -32.38 -37.55 -15.74
CA SER A 328 -31.46 -36.55 -15.21
C SER A 328 -32.20 -35.38 -14.58
N ARG A 329 -33.40 -35.08 -15.06
CA ARG A 329 -34.17 -33.97 -14.50
C ARG A 329 -34.57 -34.23 -13.05
N ILE A 330 -34.54 -35.48 -12.61
CA ILE A 330 -34.95 -35.85 -11.25
C ILE A 330 -33.79 -36.36 -10.41
N VAL A 331 -32.61 -36.59 -11.00
CA VAL A 331 -31.49 -37.15 -10.26
C VAL A 331 -30.56 -36.03 -9.80
N PHE A 332 -30.01 -35.28 -10.75
CA PHE A 332 -29.04 -34.24 -10.42
C PHE A 332 -29.56 -33.24 -9.40
N PRO A 333 -30.78 -32.70 -9.52
CA PRO A 333 -31.25 -31.77 -8.47
C PRO A 333 -31.29 -32.40 -7.09
N ILE A 334 -31.64 -33.68 -7.01
CA ILE A 334 -31.74 -34.34 -5.71
C ILE A 334 -30.37 -34.54 -5.10
N LEU A 335 -29.41 -35.00 -5.91
CA LEU A 335 -28.06 -35.23 -5.40
C LEU A 335 -27.44 -33.94 -4.89
N PHE A 336 -27.57 -32.86 -5.66
CA PHE A 336 -27.04 -31.58 -5.22
C PHE A 336 -27.73 -31.10 -3.95
N GLY A 337 -29.05 -31.24 -3.88
CA GLY A 337 -29.76 -30.89 -2.67
C GLY A 337 -29.35 -31.76 -1.49
N THR A 338 -29.23 -33.07 -1.73
CA THR A 338 -28.81 -33.97 -0.65
C THR A 338 -27.40 -33.64 -0.17
N PHE A 339 -26.50 -33.32 -1.10
CA PHE A 339 -25.12 -33.01 -0.72
C PHE A 339 -25.07 -31.78 0.18
N ASN A 340 -25.88 -30.76 -0.13
CA ASN A 340 -25.84 -29.53 0.66
C ASN A 340 -26.21 -29.80 2.11
N LEU A 341 -27.24 -30.62 2.34
CA LEU A 341 -27.67 -30.90 3.71
C LEU A 341 -26.54 -31.57 4.49
N VAL A 342 -25.87 -32.55 3.87
CA VAL A 342 -24.74 -33.20 4.53
C VAL A 342 -23.61 -32.21 4.75
N TYR A 343 -23.31 -31.41 3.73
CA TYR A 343 -22.21 -30.44 3.84
C TYR A 343 -22.48 -29.42 4.92
N TRP A 344 -23.64 -28.77 4.87
CA TRP A 344 -23.96 -27.74 5.85
C TRP A 344 -24.12 -28.32 7.24
N ALA A 345 -24.81 -29.45 7.36
CA ALA A 345 -25.02 -30.05 8.67
C ALA A 345 -23.69 -30.48 9.29
N THR A 346 -22.79 -31.06 8.50
CA THR A 346 -21.52 -31.52 9.03
C THR A 346 -20.69 -30.36 9.58
N TYR A 347 -20.63 -29.25 8.85
CA TYR A 347 -19.79 -28.13 9.24
C TYR A 347 -20.51 -27.11 10.12
N LEU A 348 -21.81 -27.26 10.33
CA LEU A 348 -22.56 -26.40 11.24
C LEU A 348 -22.87 -27.09 12.56
N ASN A 349 -22.30 -28.27 12.80
CA ASN A 349 -22.53 -29.00 14.03
C ASN A 349 -21.27 -29.07 14.88
N ASN B 14 14.46 47.28 24.03
CA ASN B 14 13.20 47.03 24.79
C ASN B 14 12.71 45.60 24.59
N ILE B 15 13.64 44.70 24.27
CA ILE B 15 13.31 43.30 24.04
C ILE B 15 13.78 42.49 25.23
N THR B 16 14.89 42.91 25.86
CA THR B 16 15.42 42.18 27.01
C THR B 16 14.42 42.15 28.16
N ILE B 17 13.51 43.11 28.23
CA ILE B 17 12.49 43.10 29.29
C ILE B 17 11.64 41.84 29.20
N PHE B 18 11.25 41.45 27.97
CA PHE B 18 10.46 40.25 27.80
C PHE B 18 11.22 39.01 28.27
N THR B 19 12.52 38.95 28.00
CA THR B 19 13.31 37.81 28.43
C THR B 19 13.32 37.68 29.94
N ARG B 20 13.48 38.80 30.65
CA ARG B 20 13.47 38.76 32.11
C ARG B 20 12.12 38.29 32.63
N ILE B 21 11.04 38.78 32.04
CA ILE B 21 9.70 38.35 32.46
C ILE B 21 9.54 36.86 32.20
N LEU B 22 9.96 36.39 31.04
CA LEU B 22 9.82 34.98 30.70
C LEU B 22 10.62 34.11 31.66
N ASP B 23 11.84 34.52 31.99
CA ASP B 23 12.69 33.70 32.87
C ASP B 23 12.04 33.53 34.24
N GLY B 24 11.44 34.60 34.77
CA GLY B 24 10.81 34.49 36.08
C GLY B 24 9.71 33.46 36.12
N LEU B 25 8.93 33.35 35.03
CA LEU B 25 7.85 32.38 34.99
C LEU B 25 8.38 30.95 35.10
N LEU B 26 9.47 30.65 34.39
CA LEU B 26 10.03 29.30 34.41
C LEU B 26 10.88 29.03 35.63
N ASP B 27 11.15 30.05 36.46
CA ASP B 27 11.94 29.85 37.66
C ASP B 27 11.11 29.14 38.71
N GLY B 28 11.41 27.87 38.96
CA GLY B 28 10.68 27.09 39.92
C GLY B 28 9.35 26.55 39.44
N TYR B 29 9.08 26.61 38.14
CA TYR B 29 7.83 26.12 37.58
C TYR B 29 7.97 24.62 37.32
N ASP B 30 7.22 23.82 38.07
CA ASP B 30 7.25 22.37 37.93
C ASP B 30 6.23 21.95 36.88
N ASN B 31 6.70 21.41 35.77
CA ASN B 31 5.84 21.00 34.68
C ASN B 31 5.22 19.62 34.91
N ARG B 32 5.58 18.93 35.99
CA ARG B 32 5.00 17.63 36.31
C ARG B 32 3.75 17.75 37.17
N LEU B 33 3.38 18.96 37.58
CA LEU B 33 2.24 19.19 38.47
C LEU B 33 1.24 20.09 37.77
N ARG B 34 -0.03 19.70 37.83
CA ARG B 34 -1.08 20.51 37.23
C ARG B 34 -1.30 21.77 38.07
N PRO B 35 -1.82 22.84 37.46
CA PRO B 35 -2.14 24.04 38.24
C PRO B 35 -3.25 23.76 39.25
N GLY B 36 -3.19 24.48 40.37
CA GLY B 36 -4.18 24.30 41.40
C GLY B 36 -4.21 22.90 41.97
N LEU B 37 -3.04 22.31 42.18
CA LEU B 37 -2.97 20.96 42.71
C LEU B 37 -3.38 20.95 44.19
N GLY B 38 -4.30 20.06 44.54
CA GLY B 38 -4.75 19.96 45.91
C GLY B 38 -5.42 21.22 46.43
N GLU B 39 -5.90 22.09 45.55
CA GLU B 39 -6.55 23.33 45.97
C GLU B 39 -7.91 23.48 45.29
N ARG B 40 -8.05 22.95 44.09
CA ARG B 40 -9.29 23.06 43.31
C ARG B 40 -9.20 22.05 42.18
N ILE B 41 -10.17 22.12 41.26
CA ILE B 41 -10.22 21.24 40.09
C ILE B 41 -9.90 22.07 38.87
N THR B 42 -8.90 21.63 38.11
CA THR B 42 -8.50 22.36 36.90
C THR B 42 -9.61 22.29 35.87
N GLN B 43 -9.93 23.44 35.27
CA GLN B 43 -10.96 23.54 34.26
C GLN B 43 -10.34 23.90 32.92
N VAL B 44 -10.64 23.11 31.89
CA VAL B 44 -10.07 23.28 30.57
C VAL B 44 -11.20 23.58 29.59
N ARG B 45 -11.05 24.67 28.83
CA ARG B 45 -12.00 25.05 27.80
C ARG B 45 -11.40 24.74 26.44
N THR B 46 -12.13 24.01 25.62
CA THR B 46 -11.64 23.51 24.35
C THR B 46 -12.51 23.98 23.20
N ASP B 47 -11.88 24.36 22.10
CA ASP B 47 -12.55 24.69 20.86
C ASP B 47 -11.78 24.03 19.71
N MET B 48 -12.51 23.73 18.64
CA MET B 48 -11.95 23.00 17.51
C MET B 48 -12.33 23.68 16.21
N TYR B 49 -11.42 23.60 15.23
CA TYR B 49 -11.66 24.07 13.88
C TYR B 49 -11.18 22.99 12.92
N VAL B 50 -12.11 22.42 12.15
CA VAL B 50 -11.81 21.33 11.24
C VAL B 50 -11.33 21.96 9.93
N ASN B 51 -10.01 21.93 9.71
CA ASN B 51 -9.47 22.45 8.48
C ASN B 51 -9.97 21.66 7.26
N SER B 52 -10.02 20.34 7.38
CA SER B 52 -10.46 19.50 6.27
C SER B 52 -10.86 18.14 6.82
N PHE B 53 -12.05 17.68 6.42
CA PHE B 53 -12.53 16.36 6.80
C PHE B 53 -11.96 15.34 5.81
N GLY B 54 -10.97 14.58 6.24
CA GLY B 54 -10.28 13.66 5.38
C GLY B 54 -11.20 12.59 4.81
N PRO B 55 -10.67 11.77 3.91
CA PRO B 55 -11.50 10.72 3.30
C PRO B 55 -11.97 9.71 4.33
N VAL B 56 -13.15 9.15 4.08
CA VAL B 56 -13.74 8.14 4.94
C VAL B 56 -13.52 6.79 4.29
N SER B 57 -12.75 5.93 4.96
CA SER B 57 -12.44 4.60 4.46
C SER B 57 -13.50 3.64 5.01
N ASP B 58 -14.49 3.31 4.17
CA ASP B 58 -15.53 2.39 4.60
C ASP B 58 -14.96 1.02 4.91
N THR B 59 -14.00 0.56 4.11
CA THR B 59 -13.42 -0.76 4.33
C THR B 59 -12.78 -0.87 5.70
N GLU B 60 -12.03 0.16 6.11
CA GLU B 60 -11.36 0.16 7.40
C GLU B 60 -12.18 0.85 8.49
N MET B 61 -13.37 1.34 8.18
CA MET B 61 -14.22 1.98 9.17
C MET B 61 -13.49 3.12 9.88
N GLU B 62 -12.78 3.92 9.10
CA GLU B 62 -12.01 5.03 9.64
C GLU B 62 -12.22 6.26 8.78
N TYR B 63 -11.97 7.43 9.37
CA TYR B 63 -12.10 8.70 8.68
C TYR B 63 -10.98 9.63 9.13
N THR B 64 -10.17 10.09 8.20
CA THR B 64 -9.12 11.04 8.50
C THR B 64 -9.71 12.44 8.67
N ILE B 65 -9.05 13.25 9.50
CA ILE B 65 -9.51 14.60 9.77
C ILE B 65 -8.33 15.44 10.22
N ASP B 66 -8.33 16.71 9.85
CA ASP B 66 -7.33 17.68 10.26
C ASP B 66 -8.02 18.78 11.04
N ILE B 67 -7.48 19.13 12.20
CA ILE B 67 -8.12 20.09 13.10
C ILE B 67 -7.06 20.95 13.75
N PHE B 68 -7.42 22.21 14.02
CA PHE B 68 -6.59 23.11 14.82
C PHE B 68 -7.08 23.08 16.27
N PHE B 69 -6.88 21.93 16.90
CA PHE B 69 -7.35 21.72 18.26
C PHE B 69 -6.77 22.78 19.19
N ALA B 70 -7.62 23.34 20.04
CA ALA B 70 -7.24 24.42 20.94
C ALA B 70 -7.70 24.11 22.35
N GLN B 71 -6.91 24.56 23.32
CA GLN B 71 -7.21 24.36 24.73
C GLN B 71 -6.92 25.64 25.49
N THR B 72 -7.62 25.82 26.60
CA THR B 72 -7.47 26.99 27.44
C THR B 72 -7.64 26.60 28.90
N TRP B 73 -6.80 27.15 29.76
CA TRP B 73 -6.88 26.89 31.19
C TRP B 73 -6.20 28.04 31.93
N LYS B 74 -6.46 28.09 33.24
CA LYS B 74 -5.96 29.14 34.11
C LYS B 74 -4.82 28.61 34.95
N ASP B 75 -3.69 29.32 34.95
CA ASP B 75 -2.53 28.95 35.74
C ASP B 75 -1.99 30.21 36.41
N GLU B 76 -2.05 30.25 37.74
CA GLU B 76 -1.56 31.41 38.47
C GLU B 76 -0.05 31.49 38.49
N ARG B 77 0.65 30.37 38.32
CA ARG B 77 2.10 30.39 38.34
C ARG B 77 2.70 31.21 37.21
N LEU B 78 1.93 31.45 36.14
CA LEU B 78 2.41 32.20 34.99
C LEU B 78 2.02 33.68 35.06
N ARG B 79 1.47 34.12 36.18
CA ARG B 79 1.08 35.53 36.30
C ARG B 79 2.31 36.43 36.16
N PHE B 80 2.11 37.55 35.47
CA PHE B 80 3.19 38.52 35.27
C PHE B 80 2.57 39.88 35.03
N LYS B 81 3.40 40.90 35.17
CA LYS B 81 2.99 42.29 34.92
C LYS B 81 4.02 42.94 34.01
N GLY B 82 3.55 43.57 32.94
CA GLY B 82 4.41 44.22 31.99
C GLY B 82 3.63 45.07 31.00
N PRO B 83 4.36 45.80 30.14
CA PRO B 83 3.68 46.66 29.16
C PRO B 83 2.78 45.89 28.21
N MET B 84 3.15 44.66 27.86
CA MET B 84 2.41 43.86 26.89
C MET B 84 1.47 42.91 27.64
N GLN B 85 0.21 42.89 27.23
CA GLN B 85 -0.80 42.05 27.86
C GLN B 85 -0.81 40.63 27.33
N ARG B 86 -0.06 40.33 26.27
CA ARG B 86 -0.02 39.02 25.68
C ARG B 86 1.41 38.67 25.31
N LEU B 87 1.71 37.37 25.30
CA LEU B 87 3.05 36.86 25.03
C LEU B 87 2.96 35.75 23.98
N PRO B 88 2.84 36.11 22.71
CA PRO B 88 2.89 35.08 21.65
C PRO B 88 4.21 34.33 21.70
N LEU B 89 4.14 33.02 21.47
CA LEU B 89 5.31 32.15 21.57
C LEU B 89 5.16 31.03 20.55
N ASN B 90 6.02 30.02 20.67
CA ASN B 90 6.03 28.89 19.75
C ASN B 90 6.29 27.62 20.56
N ASN B 91 6.57 26.52 19.86
CA ASN B 91 6.74 25.23 20.52
C ASN B 91 7.95 25.20 21.44
N LEU B 92 8.87 26.15 21.31
CA LEU B 92 10.10 26.10 22.10
C LEU B 92 9.80 26.11 23.59
N LEU B 93 8.88 26.97 24.02
CA LEU B 93 8.52 27.07 25.43
C LEU B 93 7.39 26.12 25.83
N ALA B 94 6.75 25.45 24.88
CA ALA B 94 5.62 24.58 25.21
C ALA B 94 6.05 23.45 26.12
N SER B 95 7.20 22.83 25.83
CA SER B 95 7.66 21.69 26.62
C SER B 95 8.19 22.11 27.99
N LYS B 96 8.41 23.41 28.22
CA LYS B 96 8.96 23.86 29.49
C LYS B 96 7.91 24.03 30.58
N ILE B 97 6.63 23.87 30.26
CA ILE B 97 5.54 24.06 31.20
C ILE B 97 4.65 22.83 31.20
N TRP B 98 3.58 22.89 31.99
CA TRP B 98 2.62 21.81 32.10
C TRP B 98 1.53 21.95 31.06
N THR B 99 1.18 20.85 30.42
CA THR B 99 0.09 20.80 29.47
C THR B 99 -0.75 19.55 29.74
N PRO B 100 -2.05 19.60 29.44
CA PRO B 100 -2.89 18.43 29.70
C PRO B 100 -2.48 17.24 28.85
N ASP B 101 -2.67 16.05 29.42
CA ASP B 101 -2.33 14.81 28.72
C ASP B 101 -3.54 14.32 27.92
N THR B 102 -4.02 15.19 27.04
CA THR B 102 -5.18 14.90 26.23
C THR B 102 -4.88 13.80 25.22
N PHE B 103 -5.85 12.90 25.05
CA PHE B 103 -5.73 11.81 24.09
C PHE B 103 -7.10 11.54 23.50
N PHE B 104 -7.10 10.93 22.32
CA PHE B 104 -8.33 10.61 21.60
C PHE B 104 -8.65 9.14 21.84
N HIS B 105 -9.71 8.89 22.62
CA HIS B 105 -10.08 7.52 22.95
C HIS B 105 -10.45 6.73 21.71
N ASN B 106 -11.19 7.35 20.79
CA ASN B 106 -11.63 6.68 19.58
C ASN B 106 -10.56 6.68 18.48
N GLY B 107 -9.46 7.41 18.67
CA GLY B 107 -8.43 7.45 17.65
C GLY B 107 -7.65 6.16 17.56
N LYS B 108 -7.05 5.95 16.39
CA LYS B 108 -6.23 4.78 16.10
C LYS B 108 -4.76 5.14 15.90
N LYS B 109 -4.48 6.07 14.99
CA LYS B 109 -3.11 6.49 14.72
C LYS B 109 -3.14 7.96 14.30
N SER B 110 -2.68 8.83 15.19
CA SER B 110 -2.63 10.26 14.94
C SER B 110 -1.18 10.72 14.99
N PHE B 111 -0.75 11.47 13.97
CA PHE B 111 0.60 11.98 13.87
C PHE B 111 0.56 13.49 13.75
N ALA B 112 1.50 14.16 14.41
CA ALA B 112 1.53 15.61 14.44
C ALA B 112 2.21 16.15 13.17
N HIS B 113 2.12 17.47 13.00
CA HIS B 113 2.71 18.16 11.86
C HIS B 113 3.95 18.91 12.37
N TRP B 114 5.13 18.49 11.92
CA TRP B 114 6.39 19.09 12.31
C TRP B 114 7.00 19.91 11.17
N MET B 115 6.16 20.45 10.29
CA MET B 115 6.62 21.17 9.12
C MET B 115 5.91 22.53 9.04
N THR B 116 6.68 23.59 8.81
CA THR B 116 8.13 23.64 8.74
C THR B 116 8.72 23.50 10.13
N THR B 117 8.01 24.10 11.10
CA THR B 117 8.31 24.03 12.51
C THR B 117 7.14 23.39 13.23
N PRO B 118 7.39 22.65 14.33
CA PRO B 118 6.26 22.05 15.06
C PRO B 118 5.10 23.02 15.24
N ASN B 119 3.98 22.70 14.63
CA ASN B 119 2.84 23.62 14.56
C ASN B 119 2.16 23.74 15.91
N ARG B 120 2.68 24.62 16.76
CA ARG B 120 2.09 24.86 18.07
C ARG B 120 2.22 26.33 18.40
N MET B 121 1.10 26.93 18.82
CA MET B 121 1.05 28.33 19.24
C MET B 121 0.66 28.39 20.70
N LEU B 122 1.46 29.11 21.49
CA LEU B 122 1.22 29.27 22.91
C LEU B 122 1.11 30.75 23.23
N ARG B 123 0.03 31.13 23.90
CA ARG B 123 -0.22 32.51 24.25
C ARG B 123 -0.55 32.60 25.74
N ILE B 124 -0.01 33.63 26.39
CA ILE B 124 -0.17 33.82 27.82
C ILE B 124 -0.57 35.26 28.09
N TRP B 125 -1.53 35.44 28.99
CA TRP B 125 -1.98 36.75 29.42
C TRP B 125 -1.48 37.04 30.84
N ASN B 126 -1.46 38.32 31.18
CA ASN B 126 -0.98 38.73 32.50
C ASN B 126 -1.79 38.08 33.61
N ASP B 127 -3.08 37.82 33.37
CA ASP B 127 -3.92 37.20 34.38
C ASP B 127 -3.53 35.76 34.68
N GLY B 128 -2.72 35.15 33.82
CA GLY B 128 -2.35 33.75 33.97
C GLY B 128 -3.07 32.81 33.02
N ARG B 129 -4.08 33.29 32.30
CA ARG B 129 -4.78 32.45 31.34
C ARG B 129 -3.83 32.01 30.25
N VAL B 130 -4.05 30.79 29.74
CA VAL B 130 -3.16 30.18 28.77
C VAL B 130 -3.98 29.67 27.59
N LEU B 131 -3.32 29.56 26.45
CA LEU B 131 -3.95 29.04 25.23
C LEU B 131 -2.90 28.23 24.49
N TYR B 132 -3.13 26.93 24.36
CA TYR B 132 -2.19 26.00 23.72
C TYR B 132 -2.91 25.31 22.58
N THR B 133 -2.87 25.93 21.40
CA THR B 133 -3.48 25.35 20.21
C THR B 133 -2.48 24.46 19.49
N LEU B 134 -3.01 23.57 18.65
CA LEU B 134 -2.20 22.56 18.00
C LEU B 134 -2.94 22.06 16.77
N ARG B 135 -2.16 21.60 15.78
CA ARG B 135 -2.69 21.05 14.54
C ARG B 135 -2.47 19.54 14.52
N LEU B 136 -3.52 18.79 14.21
CA LEU B 136 -3.51 17.35 14.32
C LEU B 136 -4.08 16.70 13.07
N THR B 137 -3.66 15.47 12.82
CA THR B 137 -4.24 14.61 11.80
C THR B 137 -4.57 13.27 12.45
N ILE B 138 -5.86 12.92 12.48
CA ILE B 138 -6.35 11.80 13.26
C ILE B 138 -7.03 10.82 12.32
N SER B 139 -6.61 9.55 12.39
CA SER B 139 -7.25 8.47 11.65
C SER B 139 -8.22 7.74 12.58
N ALA B 140 -9.28 8.44 12.93
CA ALA B 140 -10.26 7.92 13.86
C ALA B 140 -11.07 6.79 13.20
N GLU B 141 -11.74 6.00 14.03
CA GLU B 141 -12.53 4.86 13.60
C GLU B 141 -14.01 5.20 13.69
N CYS B 142 -14.75 4.88 12.64
CA CYS B 142 -16.19 5.16 12.58
C CYS B 142 -16.96 3.85 12.43
N PRO B 143 -17.55 3.33 13.51
CA PRO B 143 -18.37 2.11 13.36
C PRO B 143 -19.66 2.38 12.63
N MET B 144 -19.81 1.82 11.43
CA MET B 144 -20.96 2.07 10.57
C MET B 144 -21.85 0.83 10.50
N ASP B 145 -23.16 1.06 10.50
CA ASP B 145 -24.16 0.02 10.37
C ASP B 145 -24.73 0.11 8.95
N LEU B 146 -24.19 -0.68 8.04
CA LEU B 146 -24.58 -0.65 6.63
C LEU B 146 -25.81 -1.51 6.37
N GLU B 147 -26.87 -1.30 7.16
CA GLU B 147 -28.10 -2.05 6.96
C GLU B 147 -28.94 -1.44 5.83
N ASP B 148 -28.92 -0.12 5.70
CA ASP B 148 -29.65 0.59 4.66
C ASP B 148 -28.72 1.13 3.57
N PHE B 149 -27.55 0.52 3.42
CA PHE B 149 -26.61 1.00 2.42
C PHE B 149 -27.22 0.89 1.04
N PRO B 150 -27.01 1.89 0.15
CA PRO B 150 -26.25 3.13 0.35
C PRO B 150 -27.08 4.26 0.99
N MET B 151 -28.38 4.04 1.25
CA MET B 151 -29.20 5.07 1.88
C MET B 151 -29.02 4.97 3.39
N ASP B 152 -27.92 5.53 3.87
CA ASP B 152 -27.57 5.51 5.28
C ASP B 152 -27.12 6.89 5.73
N GLU B 153 -27.31 7.16 7.01
CA GLU B 153 -26.89 8.41 7.64
C GLU B 153 -25.89 8.06 8.73
N GLN B 154 -24.62 7.95 8.35
CA GLN B 154 -23.59 7.60 9.30
C GLN B 154 -23.35 8.75 10.28
N ASN B 155 -23.04 8.38 11.52
CA ASN B 155 -22.76 9.34 12.60
C ASN B 155 -21.39 8.98 13.16
N CYS B 156 -20.34 9.54 12.57
CA CYS B 156 -18.99 9.23 13.00
C CYS B 156 -18.61 10.12 14.18
N PRO B 157 -18.34 9.56 15.35
CA PRO B 157 -18.01 10.38 16.52
C PRO B 157 -16.53 10.63 16.67
N LEU B 158 -16.21 11.64 17.48
CA LEU B 158 -14.85 11.95 17.88
C LEU B 158 -14.83 12.13 19.39
N LYS B 159 -13.92 11.42 20.06
CA LYS B 159 -13.85 11.42 21.51
C LYS B 159 -12.43 11.70 21.96
N PHE B 160 -12.30 12.47 23.04
CA PHE B 160 -10.99 12.75 23.62
C PHE B 160 -11.18 13.11 25.09
N GLY B 161 -10.08 13.04 25.82
CA GLY B 161 -10.11 13.34 27.24
C GLY B 161 -8.74 13.16 27.86
N SER B 162 -8.70 13.32 29.17
CA SER B 162 -7.45 13.16 29.91
C SER B 162 -7.09 11.69 30.04
N TYR B 163 -5.80 11.41 29.91
CA TYR B 163 -5.30 10.03 30.03
C TYR B 163 -4.87 9.70 31.44
N ALA B 164 -4.45 10.70 32.23
CA ALA B 164 -3.94 10.47 33.57
C ALA B 164 -4.70 11.20 34.66
N TYR B 165 -5.42 12.28 34.34
CA TYR B 165 -6.10 13.07 35.34
C TYR B 165 -7.58 12.73 35.34
N PRO B 166 -8.12 12.15 36.41
CA PRO B 166 -9.55 11.81 36.42
C PRO B 166 -10.46 13.03 36.40
N ASN B 167 -11.77 12.78 36.42
CA ASN B 167 -12.73 13.88 36.40
C ASN B 167 -12.66 14.74 37.65
N SER B 168 -12.13 14.21 38.75
CA SER B 168 -12.05 14.96 39.99
C SER B 168 -10.93 16.00 39.99
N GLU B 169 -10.04 15.97 39.00
CA GLU B 169 -8.91 16.90 38.91
C GLU B 169 -8.98 17.77 37.68
N VAL B 170 -9.21 17.18 36.50
CA VAL B 170 -9.25 17.92 35.24
C VAL B 170 -10.60 17.68 34.59
N VAL B 171 -11.25 18.76 34.17
CA VAL B 171 -12.56 18.70 33.53
C VAL B 171 -12.48 19.44 32.19
N TYR B 172 -13.00 18.83 31.14
CA TYR B 172 -13.03 19.42 29.81
C TYR B 172 -14.44 19.91 29.53
N VAL B 173 -14.54 21.15 29.07
CA VAL B 173 -15.82 21.77 28.76
C VAL B 173 -15.68 22.57 27.47
N TRP B 174 -16.70 22.49 26.61
CA TRP B 174 -16.69 23.29 25.39
C TRP B 174 -16.85 24.76 25.73
N THR B 175 -16.09 25.60 25.02
CA THR B 175 -16.08 27.03 25.29
C THR B 175 -17.18 27.74 24.52
N ASN B 176 -17.68 28.82 25.11
CA ASN B 176 -18.69 29.66 24.47
C ASN B 176 -19.87 28.84 23.99
N GLY B 177 -20.31 27.90 24.84
CA GLY B 177 -21.44 27.06 24.51
C GLY B 177 -21.07 25.97 23.52
N SER B 178 -22.11 25.31 23.01
CA SER B 178 -21.96 24.20 22.07
C SER B 178 -22.19 24.62 20.63
N THR B 179 -22.34 25.92 20.36
CA THR B 179 -22.62 26.41 19.02
C THR B 179 -21.33 26.70 18.25
N LYS B 180 -20.50 27.60 18.77
CA LYS B 180 -19.26 27.99 18.12
C LYS B 180 -18.06 27.17 18.61
N SER B 181 -18.28 26.18 19.46
CA SER B 181 -17.16 25.37 19.96
C SER B 181 -16.47 24.63 18.83
N VAL B 182 -17.23 24.07 17.90
CA VAL B 182 -16.71 23.31 16.78
C VAL B 182 -17.08 24.04 15.50
N VAL B 183 -16.08 24.27 14.65
CA VAL B 183 -16.27 24.96 13.37
C VAL B 183 -15.64 24.12 12.27
N VAL B 184 -16.32 24.05 11.13
CA VAL B 184 -15.86 23.28 9.98
C VAL B 184 -15.72 24.24 8.81
N ALA B 185 -14.56 24.19 8.14
CA ALA B 185 -14.32 25.05 7.00
C ALA B 185 -15.27 24.73 5.86
N GLU B 186 -15.64 25.76 5.11
CA GLU B 186 -16.56 25.56 4.00
C GLU B 186 -15.99 24.61 2.96
N ASP B 187 -14.71 24.78 2.61
CA ASP B 187 -14.05 23.90 1.67
C ASP B 187 -13.41 22.69 2.34
N GLY B 188 -13.37 22.65 3.67
CA GLY B 188 -12.79 21.50 4.34
C GLY B 188 -13.56 20.22 4.07
N SER B 189 -14.89 20.30 4.09
CA SER B 189 -15.75 19.15 3.82
C SER B 189 -15.73 18.88 2.32
N ARG B 190 -14.79 18.04 1.89
CA ARG B 190 -14.62 17.73 0.48
C ARG B 190 -14.67 16.23 0.26
N LEU B 191 -15.65 15.57 0.86
CA LEU B 191 -15.81 14.13 0.70
C LEU B 191 -16.44 13.83 -0.67
N ASN B 192 -16.06 12.67 -1.22
CA ASN B 192 -16.52 12.30 -2.55
C ASN B 192 -17.84 11.55 -2.52
N GLN B 193 -18.04 10.67 -1.55
CA GLN B 193 -19.24 9.84 -1.46
C GLN B 193 -20.10 10.16 -0.24
N TYR B 194 -19.77 11.23 0.49
CA TYR B 194 -20.54 11.63 1.66
C TYR B 194 -20.81 13.12 1.60
N HIS B 195 -21.94 13.52 2.20
CA HIS B 195 -22.35 14.92 2.25
C HIS B 195 -22.61 15.28 3.71
N LEU B 196 -21.69 16.03 4.30
CA LEU B 196 -21.84 16.44 5.69
C LEU B 196 -23.04 17.35 5.86
N MET B 197 -23.83 17.09 6.89
CA MET B 197 -25.02 17.87 7.19
C MET B 197 -24.87 18.77 8.41
N GLY B 198 -24.24 18.29 9.47
CA GLY B 198 -24.08 19.10 10.66
C GLY B 198 -23.21 18.39 11.68
N GLN B 199 -22.99 19.06 12.80
CA GLN B 199 -22.15 18.55 13.87
C GLN B 199 -22.87 18.72 15.20
N THR B 200 -22.60 17.79 16.12
CA THR B 200 -23.13 17.86 17.48
C THR B 200 -22.01 17.54 18.45
N VAL B 201 -22.07 18.16 19.62
CA VAL B 201 -21.05 18.00 20.66
C VAL B 201 -21.73 17.62 21.95
N GLY B 202 -21.17 16.62 22.65
CA GLY B 202 -21.73 16.17 23.91
C GLY B 202 -20.63 15.84 24.90
N THR B 203 -21.05 15.63 26.15
CA THR B 203 -20.16 15.34 27.24
C THR B 203 -20.71 14.15 28.03
N GLU B 204 -19.80 13.37 28.61
CA GLU B 204 -20.19 12.20 29.39
C GLU B 204 -19.05 11.83 30.33
N ASN B 205 -19.37 11.03 31.34
CA ASN B 205 -18.41 10.52 32.29
C ASN B 205 -18.38 9.00 32.19
N ILE B 206 -17.17 8.43 32.26
CA ILE B 206 -16.97 6.99 32.24
C ILE B 206 -16.28 6.59 33.54
N SER B 207 -16.83 5.58 34.21
CA SER B 207 -16.30 5.12 35.49
C SER B 207 -15.44 3.89 35.24
N THR B 208 -14.18 4.14 34.89
CA THR B 208 -13.23 3.06 34.66
C THR B 208 -12.64 2.58 35.98
N SER B 209 -11.71 1.62 35.89
CA SER B 209 -11.06 1.11 37.08
C SER B 209 -10.14 2.14 37.72
N THR B 210 -9.79 3.21 36.99
CA THR B 210 -8.90 4.25 37.48
C THR B 210 -9.65 5.55 37.75
N GLY B 211 -10.89 5.42 38.23
CA GLY B 211 -11.69 6.59 38.54
C GLY B 211 -12.50 7.08 37.36
N GLU B 212 -13.31 8.10 37.63
CA GLU B 212 -14.14 8.71 36.61
C GLU B 212 -13.31 9.61 35.70
N TYR B 213 -13.65 9.60 34.42
CA TYR B 213 -12.98 10.44 33.42
C TYR B 213 -14.03 11.12 32.58
N THR B 214 -13.94 12.45 32.46
CA THR B 214 -14.82 13.19 31.58
C THR B 214 -14.41 12.98 30.14
N ILE B 215 -15.41 12.88 29.26
CA ILE B 215 -15.18 12.64 27.84
C ILE B 215 -15.92 13.71 27.04
N MET B 216 -15.21 14.36 26.12
CA MET B 216 -15.80 15.30 25.18
C MET B 216 -16.06 14.55 23.88
N THR B 217 -17.32 14.50 23.47
CA THR B 217 -17.74 13.74 22.30
C THR B 217 -18.31 14.69 21.26
N ALA B 218 -17.84 14.55 20.02
CA ALA B 218 -18.34 15.32 18.89
C ALA B 218 -18.76 14.36 17.80
N HIS B 219 -19.98 14.54 17.29
CA HIS B 219 -20.54 13.69 16.25
C HIS B 219 -20.74 14.50 14.98
N PHE B 220 -20.34 13.92 13.85
CA PHE B 220 -20.53 14.51 12.55
C PHE B 220 -21.59 13.71 11.80
N HIS B 221 -22.67 14.38 11.39
CA HIS B 221 -23.75 13.71 10.68
C HIS B 221 -23.39 13.64 9.21
N LEU B 222 -23.22 12.42 8.70
CA LEU B 222 -22.85 12.18 7.31
C LEU B 222 -24.03 11.59 6.57
N LYS B 223 -24.39 12.21 5.45
CA LYS B 223 -25.44 11.73 4.56
C LYS B 223 -24.79 11.31 3.25
N ARG B 224 -24.74 10.01 2.99
CA ARG B 224 -24.13 9.52 1.78
C ARG B 224 -24.83 10.10 0.56
N LYS B 225 -24.04 10.60 -0.38
CA LYS B 225 -24.57 11.20 -1.61
C LYS B 225 -24.58 10.13 -2.69
N ILE B 226 -25.78 9.68 -3.05
CA ILE B 226 -25.93 8.64 -4.06
C ILE B 226 -25.69 9.23 -5.45
N GLY B 227 -25.33 8.36 -6.38
CA GLY B 227 -25.07 8.76 -7.75
C GLY B 227 -23.89 8.02 -8.34
N TYR B 228 -22.92 7.67 -7.49
CA TYR B 228 -21.82 6.83 -7.94
C TYR B 228 -22.27 5.38 -8.12
N PHE B 229 -23.05 4.88 -7.16
CA PHE B 229 -23.54 3.50 -7.27
C PHE B 229 -24.59 3.36 -8.36
N VAL B 230 -25.38 4.41 -8.59
CA VAL B 230 -26.36 4.37 -9.67
C VAL B 230 -25.67 4.17 -11.01
N ILE B 231 -24.61 4.93 -11.25
CA ILE B 231 -23.87 4.80 -12.50
C ILE B 231 -22.99 3.56 -12.50
N GLN B 232 -22.73 2.97 -11.34
CA GLN B 232 -21.82 1.84 -11.23
C GLN B 232 -22.53 0.50 -11.08
N THR B 233 -23.60 0.44 -10.28
CA THR B 233 -24.26 -0.82 -9.98
C THR B 233 -25.70 -0.86 -10.47
N TYR B 234 -26.53 0.11 -10.09
CA TYR B 234 -27.96 0.02 -10.37
C TYR B 234 -28.23 0.01 -11.87
N LEU B 235 -27.70 1.00 -12.59
CA LEU B 235 -28.00 1.11 -14.02
C LEU B 235 -27.56 -0.13 -14.79
N PRO B 236 -26.33 -0.64 -14.62
CA PRO B 236 -26.00 -1.91 -15.28
C PRO B 236 -26.96 -3.03 -14.93
N CYS B 237 -27.40 -3.10 -13.69
CA CYS B 237 -28.41 -4.10 -13.31
C CYS B 237 -29.75 -3.80 -13.97
N ILE B 238 -30.16 -2.53 -13.95
CA ILE B 238 -31.44 -2.17 -14.55
C ILE B 238 -31.44 -2.44 -16.05
N MET B 239 -30.38 -2.03 -16.75
CA MET B 239 -30.26 -2.33 -18.17
C MET B 239 -30.04 -3.81 -18.44
N THR B 240 -29.39 -4.51 -17.51
CA THR B 240 -29.21 -5.95 -17.67
C THR B 240 -30.55 -6.68 -17.67
N VAL B 241 -31.48 -6.26 -16.81
CA VAL B 241 -32.80 -6.89 -16.77
C VAL B 241 -33.52 -6.65 -18.09
N ILE B 242 -33.46 -5.42 -18.61
CA ILE B 242 -34.17 -5.09 -19.84
C ILE B 242 -33.67 -5.96 -20.98
N LEU B 243 -32.36 -6.24 -21.01
CA LEU B 243 -31.80 -7.04 -22.09
C LEU B 243 -32.47 -8.41 -22.15
N SER B 244 -32.69 -9.05 -20.99
CA SER B 244 -33.34 -10.35 -20.97
C SER B 244 -34.77 -10.24 -21.51
N GLN B 245 -35.49 -9.19 -21.13
CA GLN B 245 -36.88 -9.06 -21.53
C GLN B 245 -37.04 -8.95 -23.04
N VAL B 246 -35.98 -8.59 -23.76
CA VAL B 246 -36.05 -8.55 -25.22
C VAL B 246 -36.30 -9.94 -25.78
N SER B 247 -35.89 -10.98 -25.06
CA SER B 247 -36.07 -12.34 -25.54
C SER B 247 -37.55 -12.66 -25.77
N PHE B 248 -38.44 -12.08 -24.96
CA PHE B 248 -39.86 -12.36 -25.11
C PHE B 248 -40.40 -11.84 -26.44
N TRP B 249 -39.69 -10.94 -27.10
CA TRP B 249 -40.08 -10.41 -28.41
C TRP B 249 -39.47 -11.20 -29.56
N LEU B 250 -39.17 -12.48 -29.35
CA LEU B 250 -38.54 -13.32 -30.35
C LEU B 250 -39.35 -14.58 -30.55
N ASN B 251 -39.19 -15.19 -31.72
CA ASN B 251 -39.92 -16.41 -32.04
C ASN B 251 -39.53 -17.52 -31.07
N ARG B 252 -40.51 -18.35 -30.71
CA ARG B 252 -40.26 -19.42 -29.75
C ARG B 252 -39.24 -20.42 -30.28
N GLU B 253 -39.35 -20.79 -31.56
CA GLU B 253 -38.46 -21.78 -32.13
C GLU B 253 -37.00 -21.32 -32.18
N SER B 254 -36.74 -20.03 -32.01
CA SER B 254 -35.37 -19.53 -31.99
C SER B 254 -34.72 -19.88 -30.66
N VAL B 255 -34.47 -21.18 -30.45
CA VAL B 255 -33.94 -21.64 -29.17
C VAL B 255 -32.56 -21.04 -28.91
N ALA B 256 -31.70 -21.04 -29.93
CA ALA B 256 -30.35 -20.55 -29.74
C ALA B 256 -30.34 -19.06 -29.42
N ALA B 257 -31.16 -18.28 -30.12
CA ALA B 257 -31.15 -16.83 -29.93
C ALA B 257 -31.56 -16.47 -28.51
N ARG B 258 -32.71 -16.99 -28.06
CA ARG B 258 -33.19 -16.66 -26.72
C ARG B 258 -32.27 -17.23 -25.65
N THR B 259 -31.59 -18.35 -25.94
CA THR B 259 -30.68 -18.93 -24.97
C THR B 259 -29.55 -17.98 -24.63
N VAL B 260 -28.98 -17.32 -25.64
CA VAL B 260 -27.86 -16.41 -25.41
C VAL B 260 -28.29 -15.26 -24.51
N PHE B 261 -29.47 -14.69 -24.75
CA PHE B 261 -29.96 -13.59 -23.93
C PHE B 261 -30.01 -13.99 -22.46
N GLY B 262 -30.77 -15.04 -22.15
CA GLY B 262 -30.94 -15.42 -20.76
C GLY B 262 -29.64 -15.89 -20.14
N VAL B 263 -28.90 -16.76 -20.85
CA VAL B 263 -27.69 -17.33 -20.28
C VAL B 263 -26.64 -16.23 -20.05
N THR B 264 -26.38 -15.42 -21.07
CA THR B 264 -25.39 -14.36 -20.93
C THR B 264 -25.84 -13.34 -19.89
N THR B 265 -27.13 -13.00 -19.88
CA THR B 265 -27.63 -12.01 -18.94
C THR B 265 -27.44 -12.47 -17.49
N VAL B 266 -27.74 -13.75 -17.22
CA VAL B 266 -27.66 -14.25 -15.85
C VAL B 266 -26.24 -14.16 -15.33
N LEU B 267 -25.26 -14.62 -16.13
CA LEU B 267 -23.88 -14.55 -15.69
C LEU B 267 -23.43 -13.11 -15.51
N THR B 268 -23.83 -12.22 -16.42
CA THR B 268 -23.48 -10.82 -16.28
C THR B 268 -24.09 -10.24 -15.01
N MET B 269 -25.30 -10.69 -14.65
CA MET B 269 -25.90 -10.27 -13.40
C MET B 269 -25.07 -10.72 -12.21
N THR B 270 -24.54 -11.95 -12.27
CA THR B 270 -23.78 -12.49 -11.14
C THR B 270 -22.50 -11.71 -10.92
N THR B 271 -21.74 -11.45 -11.99
CA THR B 271 -20.45 -10.78 -11.84
C THR B 271 -20.60 -9.37 -11.27
N LEU B 272 -21.71 -8.69 -11.59
CA LEU B 272 -21.93 -7.37 -11.04
C LEU B 272 -22.04 -7.43 -9.52
N SER B 273 -22.72 -8.45 -8.99
CA SER B 273 -22.80 -8.62 -7.55
C SER B 273 -21.41 -8.81 -6.95
N ILE B 274 -20.58 -9.63 -7.60
CA ILE B 274 -19.23 -9.88 -7.10
C ILE B 274 -18.42 -8.58 -7.14
N SER B 275 -18.48 -7.86 -8.26
CA SER B 275 -17.69 -6.64 -8.39
C SER B 275 -18.19 -5.55 -7.45
N ALA B 276 -19.51 -5.47 -7.25
CA ALA B 276 -20.05 -4.40 -6.44
C ALA B 276 -19.53 -4.45 -5.00
N ARG B 277 -19.47 -5.65 -4.43
CA ARG B 277 -19.05 -5.80 -3.04
C ARG B 277 -17.56 -5.64 -2.86
N ASN B 278 -16.78 -5.58 -3.94
CA ASN B 278 -15.34 -5.40 -3.79
C ASN B 278 -15.02 -4.10 -3.05
N SER B 279 -15.63 -3.00 -3.48
CA SER B 279 -15.44 -1.74 -2.77
C SER B 279 -16.10 -1.77 -1.40
N LEU B 280 -17.28 -2.38 -1.31
CA LEU B 280 -18.00 -2.43 -0.05
C LEU B 280 -17.24 -3.28 0.97
N PRO B 281 -17.32 -2.93 2.25
CA PRO B 281 -16.69 -3.76 3.28
C PRO B 281 -17.32 -5.14 3.35
N LYS B 282 -16.53 -6.12 3.79
CA LYS B 282 -16.97 -7.51 3.88
C LYS B 282 -17.89 -7.66 5.09
N VAL B 283 -19.09 -7.12 4.94
CA VAL B 283 -20.10 -7.20 6.00
C VAL B 283 -20.82 -8.53 5.91
N ALA B 284 -21.08 -9.13 7.07
CA ALA B 284 -21.72 -10.45 7.13
C ALA B 284 -23.24 -10.34 7.25
N TYR B 285 -23.84 -9.59 6.32
CA TYR B 285 -25.30 -9.49 6.24
C TYR B 285 -25.63 -8.85 4.90
N ALA B 286 -26.93 -8.77 4.61
CA ALA B 286 -27.42 -8.30 3.32
C ALA B 286 -27.80 -6.83 3.41
N THR B 287 -27.31 -6.05 2.45
CA THR B 287 -27.64 -4.63 2.37
C THR B 287 -28.82 -4.43 1.44
N ALA B 288 -29.32 -3.19 1.39
CA ALA B 288 -30.44 -2.87 0.52
C ALA B 288 -30.07 -3.10 -0.94
N MET B 289 -28.84 -2.72 -1.32
CA MET B 289 -28.40 -2.95 -2.70
C MET B 289 -28.40 -4.43 -3.04
N ASP B 290 -27.99 -5.27 -2.09
CA ASP B 290 -27.97 -6.70 -2.35
C ASP B 290 -29.38 -7.22 -2.65
N TRP B 291 -30.37 -6.76 -1.89
CA TRP B 291 -31.75 -7.17 -2.18
C TRP B 291 -32.17 -6.72 -3.56
N PHE B 292 -31.81 -5.50 -3.96
CA PHE B 292 -32.13 -5.03 -5.29
C PHE B 292 -31.48 -5.91 -6.36
N ILE B 293 -30.22 -6.29 -6.15
CA ILE B 293 -29.54 -7.17 -7.09
C ILE B 293 -30.24 -8.51 -7.17
N ALA B 294 -30.63 -9.07 -6.01
CA ALA B 294 -31.31 -10.36 -6.00
C ALA B 294 -32.61 -10.29 -6.78
N VAL B 295 -33.38 -9.22 -6.60
CA VAL B 295 -34.63 -9.07 -7.34
C VAL B 295 -34.35 -9.01 -8.83
N CYS B 296 -33.34 -8.24 -9.23
CA CYS B 296 -32.96 -8.19 -10.64
C CYS B 296 -32.52 -9.57 -11.12
N TYR B 297 -31.84 -10.33 -10.25
CA TYR B 297 -31.44 -11.69 -10.62
C TYR B 297 -32.67 -12.56 -10.86
N ALA B 298 -33.71 -12.39 -10.05
CA ALA B 298 -34.91 -13.19 -10.21
C ALA B 298 -35.57 -12.94 -11.56
N PHE B 299 -35.66 -11.66 -11.96
CA PHE B 299 -36.30 -11.34 -13.24
C PHE B 299 -35.58 -12.01 -14.40
N VAL B 300 -34.26 -11.83 -14.48
CA VAL B 300 -33.50 -12.43 -15.56
C VAL B 300 -33.55 -13.95 -15.46
N PHE B 301 -33.38 -14.49 -14.26
CA PHE B 301 -33.44 -15.94 -14.08
C PHE B 301 -34.83 -16.47 -14.39
N SER B 302 -35.87 -15.78 -13.93
CA SER B 302 -37.23 -16.23 -14.20
C SER B 302 -37.53 -16.22 -15.68
N ALA B 303 -37.08 -15.20 -16.40
CA ALA B 303 -37.29 -15.15 -17.84
C ALA B 303 -36.72 -16.39 -18.52
N LEU B 304 -35.54 -16.82 -18.07
CA LEU B 304 -34.95 -18.04 -18.62
C LEU B 304 -35.83 -19.24 -18.34
N LEU B 305 -36.39 -19.33 -17.13
CA LEU B 305 -37.28 -20.44 -16.81
C LEU B 305 -38.51 -20.45 -17.71
N GLU B 306 -39.07 -19.26 -17.96
CA GLU B 306 -40.24 -19.18 -18.84
C GLU B 306 -39.91 -19.70 -20.23
N PHE B 307 -38.75 -19.31 -20.76
CA PHE B 307 -38.34 -19.80 -22.07
C PHE B 307 -38.15 -21.31 -22.06
N ALA B 308 -37.50 -21.83 -21.01
CA ALA B 308 -37.32 -23.28 -20.90
C ALA B 308 -38.66 -23.99 -20.78
N PHE B 309 -39.56 -23.47 -19.95
CA PHE B 309 -40.88 -24.07 -19.81
C PHE B 309 -41.66 -24.02 -21.10
N VAL B 310 -41.59 -22.89 -21.81
CA VAL B 310 -42.32 -22.76 -23.07
C VAL B 310 -41.83 -23.79 -24.08
N ASN B 311 -40.51 -23.93 -24.21
CA ASN B 311 -39.96 -24.90 -25.15
C ASN B 311 -40.29 -26.33 -24.74
N TYR B 312 -40.59 -26.57 -23.47
CA TYR B 312 -40.93 -27.91 -23.02
C TYR B 312 -42.35 -28.32 -23.39
N ILE B 313 -43.22 -27.35 -23.69
CA ILE B 313 -44.61 -27.64 -24.00
C ILE B 313 -45.01 -27.20 -25.41
N THR B 314 -44.15 -26.46 -26.12
CA THR B 314 -44.50 -26.00 -27.46
C THR B 314 -44.76 -27.15 -28.42
N LYS B 315 -44.25 -28.34 -28.12
CA LYS B 315 -44.47 -29.52 -28.94
C LYS B 315 -45.72 -30.29 -28.54
N SER B 316 -46.40 -29.89 -27.47
CA SER B 316 -47.60 -30.58 -27.00
C SER B 316 -48.82 -29.66 -27.00
N GLN B 317 -48.71 -28.47 -26.43
CA GLN B 317 -49.81 -27.51 -26.36
C GLN B 317 -49.32 -26.15 -26.83
N PRO B 318 -49.14 -25.98 -28.14
CA PRO B 318 -48.66 -24.68 -28.65
C PRO B 318 -49.56 -23.51 -28.30
N ALA B 319 -50.86 -23.75 -28.13
CA ALA B 319 -51.79 -22.65 -27.90
C ALA B 319 -51.44 -21.89 -26.63
N ARG B 320 -51.14 -22.61 -25.55
CA ARG B 320 -50.81 -21.94 -24.30
C ARG B 320 -49.40 -21.35 -24.34
N ALA B 321 -48.51 -21.94 -25.14
CA ALA B 321 -47.14 -21.44 -25.20
C ALA B 321 -47.10 -20.01 -25.71
N ALA B 322 -47.86 -19.70 -26.76
CA ALA B 322 -47.88 -18.34 -27.30
C ALA B 322 -48.47 -17.36 -26.30
N LYS B 323 -49.52 -17.78 -25.58
CA LYS B 323 -50.15 -16.89 -24.62
C LYS B 323 -49.18 -16.46 -23.54
N ILE B 324 -48.41 -17.40 -23.00
CA ILE B 324 -47.45 -17.07 -21.94
C ILE B 324 -46.39 -16.12 -22.45
N ASP B 325 -45.85 -16.40 -23.64
CA ASP B 325 -44.80 -15.55 -24.19
C ASP B 325 -45.31 -14.14 -24.44
N LYS B 326 -46.50 -14.02 -25.03
CA LYS B 326 -47.07 -12.70 -25.26
C LYS B 326 -47.39 -12.01 -23.94
N MET B 327 -47.94 -12.76 -22.97
CA MET B 327 -48.25 -12.18 -21.67
C MET B 327 -47.00 -11.68 -20.97
N SER B 328 -45.91 -12.45 -21.07
CA SER B 328 -44.67 -12.06 -20.39
C SER B 328 -44.17 -10.70 -20.86
N ARG B 329 -44.47 -10.33 -22.10
CA ARG B 329 -44.04 -9.03 -22.61
C ARG B 329 -44.69 -7.87 -21.87
N ILE B 330 -45.79 -8.12 -21.17
CA ILE B 330 -46.52 -7.07 -20.47
C ILE B 330 -46.48 -7.25 -18.95
N VAL B 331 -45.97 -8.36 -18.45
CA VAL B 331 -45.97 -8.63 -17.01
C VAL B 331 -44.62 -8.25 -16.41
N PHE B 332 -43.55 -8.89 -16.89
CA PHE B 332 -42.22 -8.66 -16.32
C PHE B 332 -41.81 -7.19 -16.33
N PRO B 333 -41.98 -6.44 -17.42
CA PRO B 333 -41.62 -5.02 -17.35
C PRO B 333 -42.38 -4.25 -16.29
N ILE B 334 -43.65 -4.58 -16.08
CA ILE B 334 -44.45 -3.86 -15.11
C ILE B 334 -43.99 -4.18 -13.69
N LEU B 335 -43.77 -5.46 -13.41
CA LEU B 335 -43.33 -5.85 -12.06
C LEU B 335 -42.00 -5.20 -11.70
N PHE B 336 -41.05 -5.23 -12.64
CA PHE B 336 -39.76 -4.59 -12.36
C PHE B 336 -39.92 -3.09 -12.17
N GLY B 337 -40.74 -2.45 -13.01
CA GLY B 337 -41.00 -1.03 -12.82
C GLY B 337 -41.71 -0.76 -11.51
N THR B 338 -42.70 -1.57 -11.16
CA THR B 338 -43.41 -1.40 -9.90
C THR B 338 -42.47 -1.58 -8.71
N PHE B 339 -41.59 -2.58 -8.79
CA PHE B 339 -40.67 -2.84 -7.68
C PHE B 339 -39.75 -1.64 -7.44
N ASN B 340 -39.26 -1.02 -8.51
CA ASN B 340 -38.34 0.10 -8.36
C ASN B 340 -39.00 1.24 -7.58
N LEU B 341 -40.24 1.57 -7.91
CA LEU B 341 -40.92 2.66 -7.22
C LEU B 341 -41.02 2.38 -5.73
N VAL B 342 -41.39 1.16 -5.36
CA VAL B 342 -41.46 0.80 -3.95
C VAL B 342 -40.07 0.84 -3.33
N TYR B 343 -39.07 0.29 -4.03
CA TYR B 343 -37.72 0.26 -3.49
C TYR B 343 -37.17 1.66 -3.30
N TRP B 344 -37.22 2.49 -4.34
CA TRP B 344 -36.66 3.83 -4.24
C TRP B 344 -37.47 4.68 -3.26
N ALA B 345 -38.80 4.61 -3.32
CA ALA B 345 -39.62 5.42 -2.42
C ALA B 345 -39.37 5.04 -0.97
N THR B 346 -39.26 3.74 -0.68
CA THR B 346 -39.07 3.30 0.69
C THR B 346 -37.76 3.82 1.27
N TYR B 347 -36.68 3.74 0.49
CA TYR B 347 -35.36 4.11 0.98
C TYR B 347 -35.02 5.58 0.73
N LEU B 348 -35.86 6.32 0.01
CA LEU B 348 -35.67 7.75 -0.18
C LEU B 348 -36.62 8.57 0.67
N ASN B 349 -37.34 7.95 1.59
CA ASN B 349 -38.27 8.65 2.46
C ASN B 349 -37.80 8.62 3.91
N ASN C 14 43.43 31.85 10.99
CA ASN C 14 42.45 32.94 10.69
C ASN C 14 41.03 32.39 10.65
N ILE C 15 40.80 31.29 11.38
CA ILE C 15 39.49 30.65 11.44
C ILE C 15 38.86 30.95 12.78
N THR C 16 39.70 31.05 13.82
CA THR C 16 39.19 31.33 15.16
C THR C 16 38.45 32.66 15.24
N ILE C 17 38.77 33.59 14.35
CA ILE C 17 38.06 34.88 14.34
C ILE C 17 36.58 34.67 14.08
N PHE C 18 36.25 33.78 13.14
CA PHE C 18 34.84 33.50 12.84
C PHE C 18 34.13 32.93 14.06
N THR C 19 34.81 32.05 14.80
CA THR C 19 34.19 31.46 15.99
C THR C 19 33.85 32.54 17.01
N ARG C 20 34.77 33.48 17.24
CA ARG C 20 34.50 34.55 18.19
C ARG C 20 33.32 35.41 17.74
N ILE C 21 33.26 35.72 16.45
CA ILE C 21 32.13 36.50 15.93
C ILE C 21 30.83 35.72 16.11
N LEU C 22 30.85 34.44 15.79
CA LEU C 22 29.64 33.62 15.91
C LEU C 22 29.18 33.55 17.36
N ASP C 23 30.10 33.37 18.30
CA ASP C 23 29.73 33.25 19.70
C ASP C 23 29.03 34.51 20.20
N GLY C 24 29.53 35.67 19.80
CA GLY C 24 28.91 36.91 20.24
C GLY C 24 27.46 37.02 19.82
N LEU C 25 27.13 36.55 18.61
CA LEU C 25 25.76 36.63 18.14
C LEU C 25 24.82 35.82 19.01
N LEU C 26 25.25 34.61 19.40
CA LEU C 26 24.41 33.74 20.22
C LEU C 26 24.44 34.10 21.69
N ASP C 27 25.29 35.04 22.10
CA ASP C 27 25.36 35.46 23.49
C ASP C 27 24.16 36.34 23.82
N GLY C 28 23.22 35.80 24.58
CA GLY C 28 22.02 36.54 24.94
C GLY C 28 20.96 36.59 23.87
N TYR C 29 21.07 35.78 22.82
CA TYR C 29 20.10 35.77 21.74
C TYR C 29 18.95 34.83 22.14
N ASP C 30 17.78 35.41 22.35
CA ASP C 30 16.59 34.64 22.73
C ASP C 30 15.88 34.18 21.46
N ASN C 31 15.84 32.87 21.25
CA ASN C 31 15.21 32.31 20.06
C ASN C 31 13.70 32.16 20.21
N ARG C 32 13.14 32.48 21.37
CA ARG C 32 11.70 32.44 21.58
C ARG C 32 11.01 33.75 21.24
N LEU C 33 11.77 34.77 20.87
CA LEU C 33 11.24 36.10 20.59
C LEU C 33 11.57 36.49 19.16
N ARG C 34 10.58 36.98 18.43
CA ARG C 34 10.80 37.42 17.06
C ARG C 34 11.61 38.72 17.06
N PRO C 35 12.33 39.00 15.98
CA PRO C 35 13.05 40.28 15.89
C PRO C 35 12.09 41.45 15.86
N GLY C 36 12.55 42.57 16.40
CA GLY C 36 11.72 43.76 16.45
C GLY C 36 10.43 43.57 17.23
N LEU C 37 10.51 42.88 18.36
CA LEU C 37 9.33 42.64 19.18
C LEU C 37 8.89 43.94 19.85
N GLY C 38 7.60 44.26 19.70
CA GLY C 38 7.07 45.46 20.31
C GLY C 38 7.69 46.73 19.81
N GLU C 39 8.31 46.71 18.62
CA GLU C 39 8.94 47.90 18.06
C GLU C 39 8.47 48.13 16.63
N ARG C 40 8.14 47.08 15.92
CA ARG C 40 7.71 47.16 14.52
C ARG C 40 7.09 45.82 14.16
N ILE C 41 6.79 45.64 12.87
CA ILE C 41 6.20 44.41 12.35
C ILE C 41 7.26 43.71 11.51
N THR C 42 7.53 42.45 11.85
CA THR C 42 8.54 41.68 11.13
C THR C 42 8.06 41.43 9.70
N GLN C 43 8.95 41.66 8.74
CA GLN C 43 8.66 41.47 7.33
C GLN C 43 9.49 40.32 6.78
N VAL C 44 8.84 39.35 6.15
CA VAL C 44 9.49 38.16 5.63
C VAL C 44 9.30 38.13 4.12
N ARG C 45 10.41 37.97 3.40
CA ARG C 45 10.39 37.85 1.95
C ARG C 45 10.67 36.41 1.58
N THR C 46 9.80 35.83 0.76
CA THR C 46 9.84 34.41 0.44
C THR C 46 9.96 34.20 -1.06
N ASP C 47 10.78 33.23 -1.45
CA ASP C 47 10.89 32.79 -2.82
C ASP C 47 10.92 31.27 -2.83
N MET C 48 10.47 30.69 -3.94
CA MET C 48 10.32 29.25 -4.06
C MET C 48 10.90 28.77 -5.38
N TYR C 49 11.45 27.56 -5.35
CA TYR C 49 11.93 26.88 -6.54
C TYR C 49 11.43 25.44 -6.50
N VAL C 50 10.58 25.09 -7.47
CA VAL C 50 9.97 23.76 -7.51
C VAL C 50 10.95 22.83 -8.22
N ASN C 51 11.65 22.00 -7.44
CA ASN C 51 12.57 21.04 -8.03
C ASN C 51 11.85 20.05 -8.92
N SER C 52 10.69 19.55 -8.47
CA SER C 52 9.92 18.58 -9.24
C SER C 52 8.49 18.58 -8.74
N PHE C 53 7.54 18.66 -9.68
CA PHE C 53 6.12 18.59 -9.35
C PHE C 53 5.73 17.12 -9.29
N GLY C 54 5.54 16.61 -8.08
CA GLY C 54 5.26 15.21 -7.88
C GLY C 54 3.98 14.77 -8.56
N PRO C 55 3.69 13.47 -8.52
CA PRO C 55 2.48 12.96 -9.17
C PRO C 55 1.22 13.50 -8.51
N VAL C 56 0.18 13.66 -9.31
CA VAL C 56 -1.11 14.14 -8.86
C VAL C 56 -2.03 12.94 -8.70
N SER C 57 -2.45 12.67 -7.47
CA SER C 57 -3.33 11.55 -7.17
C SER C 57 -4.77 12.05 -7.25
N ASP C 58 -5.43 11.77 -8.37
CA ASP C 58 -6.82 12.20 -8.54
C ASP C 58 -7.72 11.53 -7.51
N THR C 59 -7.46 10.26 -7.22
CA THR C 59 -8.31 9.54 -6.27
C THR C 59 -8.29 10.19 -4.90
N GLU C 60 -7.10 10.59 -4.44
CA GLU C 60 -6.95 11.21 -3.13
C GLU C 60 -6.97 12.74 -3.20
N MET C 61 -7.13 13.32 -4.39
CA MET C 61 -7.20 14.77 -4.54
C MET C 61 -5.97 15.45 -3.93
N GLU C 62 -4.80 14.86 -4.18
CA GLU C 62 -3.56 15.38 -3.64
C GLU C 62 -2.49 15.40 -4.73
N TYR C 63 -1.48 16.24 -4.53
CA TYR C 63 -0.37 16.35 -5.46
C TYR C 63 0.91 16.56 -4.68
N THR C 64 1.87 15.66 -4.87
CA THR C 64 3.17 15.79 -4.24
C THR C 64 4.01 16.83 -4.97
N ILE C 65 4.91 17.48 -4.23
CA ILE C 65 5.76 18.52 -4.79
C ILE C 65 7.00 18.64 -3.93
N ASP C 66 8.13 18.94 -4.58
CA ASP C 66 9.40 19.19 -3.90
C ASP C 66 9.84 20.60 -4.23
N ILE C 67 10.23 21.35 -3.20
CA ILE C 67 10.56 22.76 -3.35
C ILE C 67 11.74 23.11 -2.46
N PHE C 68 12.57 24.05 -2.93
CA PHE C 68 13.62 24.64 -2.12
C PHE C 68 13.12 25.94 -1.51
N PHE C 69 12.16 25.79 -0.60
CA PHE C 69 11.52 26.95 0.02
C PHE C 69 12.57 27.82 0.70
N ALA C 70 12.47 29.14 0.48
CA ALA C 70 13.43 30.10 0.99
C ALA C 70 12.71 31.24 1.68
N GLN C 71 13.35 31.77 2.73
CA GLN C 71 12.79 32.88 3.50
C GLN C 71 13.91 33.87 3.80
N THR C 72 13.51 35.12 3.98
CA THR C 72 14.45 36.20 4.26
C THR C 72 13.80 37.19 5.21
N TRP C 73 14.57 37.67 6.19
CA TRP C 73 14.08 38.66 7.13
C TRP C 73 15.27 39.38 7.74
N LYS C 74 14.98 40.50 8.39
CA LYS C 74 15.99 41.38 8.97
C LYS C 74 16.00 41.20 10.48
N ASP C 75 17.19 40.95 11.04
CA ASP C 75 17.36 40.80 12.48
C ASP C 75 18.59 41.59 12.90
N GLU C 76 18.39 42.63 13.70
CA GLU C 76 19.50 43.46 14.15
C GLU C 76 20.36 42.76 15.20
N ARG C 77 19.80 41.78 15.91
CA ARG C 77 20.58 41.09 16.94
C ARG C 77 21.75 40.32 16.36
N LEU C 78 21.71 40.01 15.06
CA LEU C 78 22.77 39.25 14.41
C LEU C 78 23.80 40.15 13.73
N ARG C 79 23.72 41.47 13.93
CA ARG C 79 24.67 42.37 13.31
C ARG C 79 26.09 42.06 13.79
N PHE C 80 27.04 42.15 12.86
CA PHE C 80 28.43 41.90 13.17
C PHE C 80 29.30 42.64 12.16
N LYS C 81 30.57 42.78 12.51
CA LYS C 81 31.56 43.41 11.64
C LYS C 81 32.79 42.52 11.56
N GLY C 82 33.23 42.24 10.34
CA GLY C 82 34.37 41.40 10.12
C GLY C 82 34.84 41.42 8.68
N PRO C 83 35.97 40.75 8.40
CA PRO C 83 36.48 40.75 7.03
C PRO C 83 35.53 40.14 6.02
N MET C 84 34.74 39.15 6.44
CA MET C 84 33.83 38.44 5.54
C MET C 84 32.44 39.03 5.66
N GLN C 85 31.82 39.34 4.53
CA GLN C 85 30.49 39.94 4.50
C GLN C 85 29.38 38.92 4.59
N ARG C 86 29.69 37.62 4.51
CA ARG C 86 28.69 36.57 4.56
C ARG C 86 29.20 35.43 5.43
N LEU C 87 28.26 34.70 6.03
CA LEU C 87 28.59 33.60 6.94
C LEU C 87 27.77 32.37 6.54
N PRO C 88 28.21 31.64 5.52
CA PRO C 88 27.54 30.37 5.19
C PRO C 88 27.59 29.42 6.38
N LEU C 89 26.49 28.70 6.59
CA LEU C 89 26.35 27.81 7.72
C LEU C 89 25.50 26.61 7.31
N ASN C 90 25.09 25.82 8.29
CA ASN C 90 24.28 24.63 8.05
C ASN C 90 23.23 24.54 9.15
N ASN C 91 22.56 23.38 9.24
CA ASN C 91 21.46 23.21 10.18
C ASN C 91 21.92 23.27 11.63
N LEU C 92 23.23 23.16 11.89
CA LEU C 92 23.69 23.11 13.27
C LEU C 92 23.31 24.38 14.03
N LEU C 93 23.48 25.54 13.40
CA LEU C 93 23.15 26.81 14.03
C LEU C 93 21.71 27.25 13.81
N ALA C 94 20.97 26.54 12.95
CA ALA C 94 19.60 26.96 12.65
C ALA C 94 18.73 26.92 13.89
N SER C 95 18.84 25.86 14.70
CA SER C 95 18.02 25.71 15.88
C SER C 95 18.42 26.66 17.01
N LYS C 96 19.59 27.30 16.91
CA LYS C 96 20.06 28.18 17.97
C LYS C 96 19.48 29.58 17.90
N ILE C 97 18.73 29.91 16.85
CA ILE C 97 18.18 31.24 16.66
C ILE C 97 16.68 31.13 16.41
N TRP C 98 16.06 32.27 16.16
CA TRP C 98 14.62 32.34 15.91
C TRP C 98 14.34 32.19 14.42
N THR C 99 13.33 31.39 14.11
CA THR C 99 12.87 31.19 12.75
C THR C 99 11.34 31.25 12.73
N PRO C 100 10.75 31.69 11.62
CA PRO C 100 9.30 31.79 11.56
C PRO C 100 8.64 30.41 11.67
N ASP C 101 7.46 30.40 12.27
CA ASP C 101 6.70 29.16 12.44
C ASP C 101 5.79 28.94 11.23
N THR C 102 6.41 28.91 10.05
CA THR C 102 5.68 28.76 8.81
C THR C 102 5.08 27.37 8.70
N PHE C 103 3.84 27.31 8.20
CA PHE C 103 3.14 26.05 8.00
C PHE C 103 2.29 26.17 6.75
N PHE C 104 1.97 25.03 6.17
CA PHE C 104 1.16 24.95 4.95
C PHE C 104 -0.27 24.64 5.34
N HIS C 105 -1.15 25.62 5.19
CA HIS C 105 -2.55 25.44 5.58
C HIS C 105 -3.21 24.35 4.76
N ASN C 106 -2.93 24.31 3.45
CA ASN C 106 -3.52 23.33 2.56
C ASN C 106 -2.80 21.98 2.60
N GLY C 107 -1.65 21.90 3.26
CA GLY C 107 -0.92 20.66 3.30
C GLY C 107 -1.58 19.62 4.18
N LYS C 108 -1.25 18.36 3.90
CA LYS C 108 -1.77 17.22 4.65
C LYS C 108 -0.67 16.50 5.42
N LYS C 109 0.41 16.10 4.73
CA LYS C 109 1.51 15.40 5.38
C LYS C 109 2.79 15.76 4.64
N SER C 110 3.63 16.58 5.27
CA SER C 110 4.89 17.01 4.70
C SER C 110 6.03 16.54 5.59
N PHE C 111 7.03 15.91 4.99
CA PHE C 111 8.18 15.38 5.72
C PHE C 111 9.45 15.99 5.14
N ALA C 112 10.40 16.31 6.01
CA ALA C 112 11.63 16.97 5.60
C ALA C 112 12.63 15.94 5.08
N HIS C 113 13.72 16.44 4.50
CA HIS C 113 14.79 15.60 3.96
C HIS C 113 15.98 15.71 4.90
N TRP C 114 16.31 14.59 5.57
CA TRP C 114 17.41 14.53 6.52
C TRP C 114 18.59 13.75 5.94
N MET C 115 18.75 13.76 4.62
CA MET C 115 19.77 12.97 3.95
C MET C 115 20.55 13.86 3.00
N THR C 116 21.88 13.80 3.05
CA THR C 116 22.70 13.04 4.00
C THR C 116 22.66 13.74 5.35
N THR C 117 22.65 15.07 5.29
CA THR C 117 22.53 15.93 6.44
C THR C 117 21.26 16.77 6.30
N PRO C 118 20.60 17.14 7.41
CA PRO C 118 19.40 17.96 7.29
C PRO C 118 19.57 19.11 6.31
N ASN C 119 18.81 19.07 5.22
CA ASN C 119 19.01 19.99 4.11
C ASN C 119 18.54 21.39 4.47
N ARG C 120 19.43 22.16 5.11
CA ARG C 120 19.11 23.53 5.48
C ARG C 120 20.36 24.38 5.32
N MET C 121 20.21 25.51 4.63
CA MET C 121 21.29 26.46 4.44
C MET C 121 20.91 27.77 5.11
N LEU C 122 21.81 28.29 5.95
CA LEU C 122 21.59 29.54 6.66
C LEU C 122 22.72 30.49 6.33
N ARG C 123 22.38 31.69 5.89
CA ARG C 123 23.35 32.70 5.52
C ARG C 123 23.03 34.01 6.22
N ILE C 124 24.06 34.68 6.70
CA ILE C 124 23.92 35.91 7.47
C ILE C 124 24.87 36.96 6.91
N TRP C 125 24.39 38.18 6.77
CA TRP C 125 25.19 39.31 6.34
C TRP C 125 25.47 40.25 7.51
N ASN C 126 26.50 41.08 7.35
CA ASN C 126 26.88 41.99 8.42
C ASN C 126 25.73 42.93 8.78
N ASP C 127 24.89 43.27 7.80
CA ASP C 127 23.77 44.17 8.06
C ASP C 127 22.73 43.55 8.98
N GLY C 128 22.76 42.24 9.18
CA GLY C 128 21.76 41.54 9.96
C GLY C 128 20.75 40.77 9.14
N ARG C 129 20.73 40.96 7.82
CA ARG C 129 19.81 40.21 6.97
C ARG C 129 20.12 38.73 7.05
N VAL C 130 19.06 37.92 6.96
CA VAL C 130 19.15 36.48 7.14
C VAL C 130 18.49 35.78 5.95
N LEU C 131 18.92 34.55 5.70
CA LEU C 131 18.34 33.73 4.64
C LEU C 131 18.34 32.29 5.14
N TYR C 132 17.13 31.73 5.29
CA TYR C 132 16.94 30.38 5.82
C TYR C 132 16.17 29.57 4.79
N THR C 133 16.89 28.95 3.87
CA THR C 133 16.28 28.10 2.85
C THR C 133 16.16 26.68 3.35
N LEU C 134 15.27 25.92 2.71
CA LEU C 134 14.96 24.57 3.16
C LEU C 134 14.34 23.80 2.01
N ARG C 135 14.51 22.47 2.05
CA ARG C 135 13.97 21.57 1.05
C ARG C 135 12.83 20.78 1.66
N LEU C 136 11.69 20.73 0.96
CA LEU C 136 10.47 20.16 1.49
C LEU C 136 9.83 19.22 0.47
N THR C 137 9.05 18.28 0.99
CA THR C 137 8.19 17.42 0.19
C THR C 137 6.80 17.48 0.80
N ILE C 138 5.83 17.98 0.03
CA ILE C 138 4.50 18.31 0.54
C ILE C 138 3.47 17.50 -0.24
N SER C 139 2.63 16.77 0.50
CA SER C 139 1.49 16.06 -0.09
C SER C 139 0.23 16.91 0.06
N ALA C 140 0.22 18.01 -0.66
CA ALA C 140 -0.89 18.95 -0.58
C ALA C 140 -2.15 18.36 -1.22
N GLU C 141 -3.29 18.95 -0.90
CA GLU C 141 -4.58 18.51 -1.38
C GLU C 141 -5.08 19.48 -2.45
N CYS C 142 -5.58 18.91 -3.55
CA CYS C 142 -6.09 19.70 -4.68
C CYS C 142 -7.56 19.39 -4.90
N PRO C 143 -8.48 20.24 -4.45
CA PRO C 143 -9.90 19.99 -4.73
C PRO C 143 -10.23 20.22 -6.20
N MET C 144 -10.60 19.15 -6.89
CA MET C 144 -10.85 19.19 -8.33
C MET C 144 -12.33 19.03 -8.61
N ASP C 145 -12.83 19.78 -9.60
CA ASP C 145 -14.21 19.70 -10.05
C ASP C 145 -14.20 18.99 -11.39
N LEU C 146 -14.44 17.67 -11.36
CA LEU C 146 -14.40 16.84 -12.57
C LEU C 146 -15.73 16.87 -13.32
N GLU C 147 -16.22 18.08 -13.61
CA GLU C 147 -17.45 18.21 -14.37
C GLU C 147 -17.21 18.05 -15.86
N ASP C 148 -16.06 18.54 -16.34
CA ASP C 148 -15.69 18.44 -17.75
C ASP C 148 -14.59 17.41 -17.98
N PHE C 149 -14.46 16.45 -17.08
CA PHE C 149 -13.41 15.45 -17.21
C PHE C 149 -13.60 14.67 -18.51
N PRO C 150 -12.52 14.36 -19.25
CA PRO C 150 -11.11 14.70 -18.98
C PRO C 150 -10.70 16.07 -19.48
N MET C 151 -11.59 16.82 -20.14
CA MET C 151 -11.27 18.16 -20.63
C MET C 151 -11.49 19.14 -19.49
N ASP C 152 -10.51 19.20 -18.59
CA ASP C 152 -10.58 20.07 -17.42
C ASP C 152 -9.26 20.79 -17.25
N GLU C 153 -9.33 21.97 -16.63
CA GLU C 153 -8.16 22.79 -16.33
C GLU C 153 -8.10 22.95 -14.81
N GLN C 154 -7.47 21.98 -14.15
CA GLN C 154 -7.37 22.02 -12.70
C GLN C 154 -6.45 23.15 -12.25
N ASN C 155 -6.79 23.76 -11.12
CA ASN C 155 -6.01 24.85 -10.52
C ASN C 155 -5.69 24.42 -9.09
N CYS C 156 -4.57 23.71 -8.92
CA CYS C 156 -4.18 23.23 -7.61
C CYS C 156 -3.43 24.31 -6.85
N PRO C 157 -3.95 24.80 -5.73
CA PRO C 157 -3.27 25.88 -5.00
C PRO C 157 -2.31 25.36 -3.94
N LEU C 158 -1.43 26.26 -3.52
CA LEU C 158 -0.52 26.02 -2.41
C LEU C 158 -0.59 27.21 -1.47
N LYS C 159 -0.83 26.94 -0.19
CA LYS C 159 -1.02 27.99 0.81
C LYS C 159 -0.11 27.74 2.00
N PHE C 160 0.44 28.82 2.55
CA PHE C 160 1.27 28.73 3.74
C PHE C 160 1.24 30.07 4.46
N GLY C 161 1.63 30.05 5.72
CA GLY C 161 1.64 31.25 6.53
C GLY C 161 2.11 30.96 7.93
N SER C 162 2.06 31.99 8.77
CA SER C 162 2.46 31.85 10.17
C SER C 162 1.40 31.10 10.95
N TYR C 163 1.85 30.24 11.86
CA TYR C 163 0.95 29.47 12.70
C TYR C 163 0.67 30.15 14.03
N ALA C 164 1.60 30.98 14.52
CA ALA C 164 1.48 31.62 15.82
C ALA C 164 1.51 33.14 15.76
N TYR C 165 2.09 33.73 14.72
CA TYR C 165 2.24 35.17 14.66
C TYR C 165 1.18 35.76 13.74
N PRO C 166 0.24 36.56 14.24
CA PRO C 166 -0.79 37.13 13.35
C PRO C 166 -0.23 38.11 12.33
N ASN C 167 -1.12 38.67 11.51
CA ASN C 167 -0.71 39.62 10.49
C ASN C 167 -0.14 40.89 11.08
N SER C 168 -0.48 41.21 12.33
CA SER C 168 0.01 42.43 12.96
C SER C 168 1.46 42.34 13.42
N GLU C 169 2.05 41.14 13.40
CA GLU C 169 3.42 40.94 13.83
C GLU C 169 4.32 40.45 12.72
N VAL C 170 3.89 39.43 11.98
CA VAL C 170 4.68 38.83 10.90
C VAL C 170 3.87 38.91 9.62
N VAL C 171 4.51 39.40 8.55
CA VAL C 171 3.88 39.55 7.25
C VAL C 171 4.75 38.85 6.21
N TYR C 172 4.13 38.04 5.36
CA TYR C 172 4.82 37.34 4.29
C TYR C 172 4.54 38.04 2.97
N VAL C 173 5.61 38.32 2.21
CA VAL C 173 5.51 39.00 0.93
C VAL C 173 6.45 38.32 -0.05
N TRP C 174 5.99 38.14 -1.29
CA TRP C 174 6.85 37.59 -2.33
C TRP C 174 7.96 38.58 -2.68
N THR C 175 9.16 38.06 -2.86
CA THR C 175 10.33 38.89 -3.12
C THR C 175 10.48 39.17 -4.61
N ASN C 176 11.02 40.35 -4.91
CA ASN C 176 11.30 40.75 -6.29
C ASN C 176 10.06 40.62 -7.16
N GLY C 177 8.93 41.03 -6.63
CA GLY C 177 7.69 40.97 -7.36
C GLY C 177 7.11 39.57 -7.41
N SER C 178 6.09 39.41 -8.26
CA SER C 178 5.39 38.15 -8.43
C SER C 178 5.86 37.37 -9.65
N THR C 179 6.91 37.84 -10.33
CA THR C 179 7.38 37.18 -11.55
C THR C 179 8.41 36.10 -11.24
N LYS C 180 9.52 36.48 -10.61
CA LYS C 180 10.60 35.55 -10.28
C LYS C 180 10.47 34.96 -8.89
N SER C 181 9.38 35.26 -8.17
CA SER C 181 9.21 34.72 -6.83
C SER C 181 9.13 33.20 -6.85
N VAL C 182 8.40 32.64 -7.80
CA VAL C 182 8.21 31.20 -7.93
C VAL C 182 8.83 30.75 -9.24
N VAL C 183 9.68 29.73 -9.18
CA VAL C 183 10.36 29.18 -10.35
C VAL C 183 10.16 27.68 -10.37
N VAL C 184 9.92 27.14 -11.56
CA VAL C 184 9.70 25.72 -11.76
C VAL C 184 10.77 25.19 -12.71
N ALA C 185 11.42 24.10 -12.32
CA ALA C 185 12.46 23.51 -13.16
C ALA C 185 11.86 23.00 -14.46
N GLU C 186 12.66 23.08 -15.52
CA GLU C 186 12.19 22.63 -16.83
C GLU C 186 11.84 21.14 -16.81
N ASP C 187 12.70 20.33 -16.20
CA ASP C 187 12.46 18.90 -16.08
C ASP C 187 11.68 18.54 -14.83
N GLY C 188 11.45 19.50 -13.93
CA GLY C 188 10.69 19.19 -12.73
C GLY C 188 9.26 18.81 -13.04
N SER C 189 8.63 19.50 -13.98
CA SER C 189 7.25 19.22 -14.39
C SER C 189 7.28 17.97 -15.27
N ARG C 190 7.13 16.81 -14.63
CA ARG C 190 7.18 15.54 -15.34
C ARG C 190 5.92 14.73 -15.05
N LEU C 191 4.77 15.37 -15.13
CA LEU C 191 3.50 14.68 -14.91
C LEU C 191 3.14 13.84 -16.12
N ASN C 192 2.45 12.73 -15.88
CA ASN C 192 2.11 11.79 -16.94
C ASN C 192 0.79 12.14 -17.61
N GLN C 193 -0.21 12.57 -16.84
CA GLN C 193 -1.54 12.86 -17.36
C GLN C 193 -1.91 14.33 -17.26
N TYR C 194 -0.97 15.20 -16.89
CA TYR C 194 -1.21 16.62 -16.80
C TYR C 194 -0.09 17.39 -17.48
N HIS C 195 -0.44 18.57 -18.00
CA HIS C 195 0.51 19.44 -18.69
C HIS C 195 0.46 20.81 -18.04
N LEU C 196 1.48 21.13 -17.23
CA LEU C 196 1.52 22.42 -16.56
C LEU C 196 1.63 23.55 -17.58
N MET C 197 0.84 24.59 -17.37
CA MET C 197 0.82 25.76 -18.24
C MET C 197 1.47 26.99 -17.63
N GLY C 198 1.23 27.25 -16.35
CA GLY C 198 1.81 28.42 -15.72
C GLY C 198 1.50 28.43 -14.24
N GLN C 199 2.00 29.46 -13.57
CA GLN C 199 1.84 29.62 -12.13
C GLN C 199 1.39 31.04 -11.82
N THR C 200 0.62 31.16 -10.74
CA THR C 200 0.18 32.46 -10.25
C THR C 200 0.34 32.50 -8.74
N VAL C 201 0.66 33.67 -8.22
CA VAL C 201 0.89 33.87 -6.79
C VAL C 201 0.01 35.00 -6.30
N GLY C 202 -0.64 34.80 -5.15
CA GLY C 202 -1.51 35.80 -4.58
C GLY C 202 -1.37 35.85 -3.07
N THR C 203 -1.95 36.90 -2.50
CA THR C 203 -1.92 37.13 -1.06
C THR C 203 -3.32 37.47 -0.57
N GLU C 204 -3.59 37.09 0.68
CA GLU C 204 -4.89 37.35 1.28
C GLU C 204 -4.76 37.30 2.79
N ASN C 205 -5.76 37.86 3.47
CA ASN C 205 -5.84 37.86 4.92
C ASN C 205 -7.08 37.09 5.35
N ILE C 206 -6.94 36.30 6.41
CA ILE C 206 -8.03 35.53 6.98
C ILE C 206 -8.22 35.98 8.42
N SER C 207 -9.46 36.31 8.79
CA SER C 207 -9.77 36.79 10.14
C SER C 207 -10.31 35.62 10.95
N THR C 208 -9.40 34.86 11.52
CA THR C 208 -9.76 33.72 12.36
C THR C 208 -10.07 34.21 13.78
N SER C 209 -10.38 33.25 14.66
CA SER C 209 -10.65 33.58 16.05
C SER C 209 -9.40 34.05 16.79
N THR C 210 -8.22 33.82 16.23
CA THR C 210 -6.95 34.20 16.83
C THR C 210 -6.30 35.36 16.09
N GLY C 211 -7.12 36.28 15.58
CA GLY C 211 -6.62 37.43 14.87
C GLY C 211 -6.44 37.18 13.38
N GLU C 212 -6.04 38.24 12.69
CA GLU C 212 -5.81 38.15 11.25
C GLU C 212 -4.48 37.48 10.96
N TYR C 213 -4.45 36.68 9.89
CA TYR C 213 -3.26 35.98 9.45
C TYR C 213 -3.10 36.19 7.95
N THR C 214 -1.92 36.64 7.54
CA THR C 214 -1.62 36.76 6.12
C THR C 214 -1.35 35.38 5.53
N ILE C 215 -1.81 35.18 4.30
CA ILE C 215 -1.67 33.90 3.61
C ILE C 215 -1.04 34.16 2.25
N MET C 216 0.02 33.41 1.95
CA MET C 216 0.65 33.42 0.63
C MET C 216 0.10 32.25 -0.17
N THR C 217 -0.55 32.55 -1.29
CA THR C 217 -1.22 31.55 -2.10
C THR C 217 -0.54 31.48 -3.47
N ALA C 218 -0.23 30.26 -3.90
CA ALA C 218 0.33 30.00 -5.22
C ALA C 218 -0.53 28.98 -5.93
N HIS C 219 -0.93 29.29 -7.16
CA HIS C 219 -1.77 28.41 -7.96
C HIS C 219 -0.99 27.92 -9.17
N PHE C 220 -1.10 26.63 -9.44
CA PHE C 220 -0.49 26.02 -10.62
C PHE C 220 -1.60 25.63 -11.59
N HIS C 221 -1.54 26.16 -12.80
CA HIS C 221 -2.54 25.86 -13.82
C HIS C 221 -2.19 24.55 -14.50
N LEU C 222 -3.04 23.55 -14.33
CA LEU C 222 -2.84 22.23 -14.89
C LEU C 222 -3.83 21.98 -16.01
N LYS C 223 -3.33 21.61 -17.18
CA LYS C 223 -4.14 21.26 -18.34
C LYS C 223 -3.94 19.78 -18.61
N ARG C 224 -4.97 18.99 -18.34
CA ARG C 224 -4.87 17.55 -18.56
C ARG C 224 -4.55 17.24 -20.01
N LYS C 225 -3.58 16.38 -20.23
CA LYS C 225 -3.15 15.99 -21.57
C LYS C 225 -3.89 14.72 -21.96
N ILE C 226 -4.84 14.84 -22.88
CA ILE C 226 -5.63 13.70 -23.32
C ILE C 226 -4.80 12.82 -24.23
N GLY C 227 -5.20 11.56 -24.32
CA GLY C 227 -4.49 10.59 -25.15
C GLY C 227 -4.42 9.23 -24.49
N TYR C 228 -4.34 9.22 -23.16
CA TYR C 228 -4.40 7.96 -22.42
C TYR C 228 -5.82 7.41 -22.40
N PHE C 229 -6.80 8.28 -22.17
CA PHE C 229 -8.19 7.83 -22.15
C PHE C 229 -8.69 7.48 -23.54
N VAL C 230 -8.18 8.16 -24.56
CA VAL C 230 -8.56 7.84 -25.94
C VAL C 230 -8.15 6.41 -26.26
N ILE C 231 -6.92 6.04 -25.93
CA ILE C 231 -6.45 4.69 -26.17
C ILE C 231 -7.03 3.69 -25.19
N GLN C 232 -7.58 4.16 -24.07
CA GLN C 232 -8.07 3.30 -23.00
C GLN C 232 -9.58 3.15 -23.00
N THR C 233 -10.33 4.25 -23.19
CA THR C 233 -11.77 4.24 -23.07
C THR C 233 -12.48 4.57 -24.38
N TYR C 234 -12.15 5.70 -25.00
CA TYR C 234 -12.93 6.16 -26.15
C TYR C 234 -12.85 5.18 -27.31
N LEU C 235 -11.63 4.82 -27.72
CA LEU C 235 -11.47 3.95 -28.88
C LEU C 235 -12.15 2.60 -28.70
N PRO C 236 -11.98 1.90 -27.57
CA PRO C 236 -12.76 0.66 -27.38
C PRO C 236 -14.25 0.90 -27.48
N CYS C 237 -14.74 2.02 -26.96
CA CYS C 237 -16.15 2.35 -27.10
C CYS C 237 -16.50 2.67 -28.54
N ILE C 238 -15.65 3.44 -29.22
CA ILE C 238 -15.93 3.80 -30.61
C ILE C 238 -15.92 2.55 -31.49
N MET C 239 -14.91 1.70 -31.34
CA MET C 239 -14.87 0.45 -32.09
C MET C 239 -15.95 -0.53 -31.65
N THR C 240 -16.36 -0.47 -30.38
CA THR C 240 -17.44 -1.32 -29.91
C THR C 240 -18.75 -0.99 -30.62
N VAL C 241 -19.03 0.30 -30.83
CA VAL C 241 -20.24 0.70 -31.53
C VAL C 241 -20.21 0.20 -32.96
N ILE C 242 -19.07 0.33 -33.64
CA ILE C 242 -18.97 -0.09 -35.03
C ILE C 242 -19.25 -1.58 -35.16
N LEU C 243 -18.81 -2.37 -34.18
CA LEU C 243 -19.03 -3.81 -34.24
C LEU C 243 -20.50 -4.14 -34.32
N SER C 244 -21.33 -3.46 -33.53
CA SER C 244 -22.77 -3.69 -33.57
C SER C 244 -23.34 -3.34 -34.94
N GLN C 245 -22.90 -2.23 -35.52
CA GLN C 245 -23.45 -1.78 -36.78
C GLN C 245 -23.20 -2.78 -37.91
N VAL C 246 -22.23 -3.68 -37.75
CA VAL C 246 -22.00 -4.71 -38.75
C VAL C 246 -23.22 -5.62 -38.87
N SER C 247 -23.98 -5.76 -37.79
CA SER C 247 -25.14 -6.63 -37.81
C SER C 247 -26.15 -6.22 -38.88
N PHE C 248 -26.26 -4.92 -39.15
CA PHE C 248 -27.20 -4.45 -40.16
C PHE C 248 -26.85 -4.93 -41.55
N TRP C 249 -25.61 -5.38 -41.76
CA TRP C 249 -25.17 -5.92 -43.05
C TRP C 249 -25.33 -7.44 -43.12
N LEU C 250 -26.28 -8.00 -42.38
CA LEU C 250 -26.50 -9.43 -42.34
C LEU C 250 -27.95 -9.73 -42.64
N ASN C 251 -28.20 -10.96 -43.10
CA ASN C 251 -29.55 -11.37 -43.43
C ASN C 251 -30.43 -11.36 -42.19
N ARG C 252 -31.69 -10.97 -42.38
CA ARG C 252 -32.61 -10.85 -41.25
C ARG C 252 -32.84 -12.20 -40.58
N GLU C 253 -32.99 -13.27 -41.38
CA GLU C 253 -33.28 -14.58 -40.81
C GLU C 253 -32.13 -15.13 -39.97
N SER C 254 -30.93 -14.56 -40.09
CA SER C 254 -29.80 -14.99 -39.28
C SER C 254 -29.97 -14.49 -37.85
N VAL C 255 -30.96 -15.03 -37.14
CA VAL C 255 -31.27 -14.55 -35.79
C VAL C 255 -30.08 -14.78 -34.86
N ALA C 256 -29.49 -15.96 -34.92
CA ALA C 256 -28.39 -16.27 -34.01
C ALA C 256 -27.19 -15.37 -34.26
N ALA C 257 -26.84 -15.14 -35.53
CA ALA C 257 -25.66 -14.35 -35.84
C ALA C 257 -25.80 -12.92 -35.32
N ARG C 258 -26.90 -12.25 -35.67
CA ARG C 258 -27.08 -10.87 -35.23
C ARG C 258 -27.25 -10.79 -33.71
N THR C 259 -27.79 -11.83 -33.09
CA THR C 259 -27.96 -11.83 -31.64
C THR C 259 -26.63 -11.72 -30.93
N VAL C 260 -25.61 -12.46 -31.40
CA VAL C 260 -24.31 -12.43 -30.75
C VAL C 260 -23.71 -11.03 -30.82
N PHE C 261 -23.80 -10.38 -31.98
CA PHE C 261 -23.27 -9.03 -32.12
C PHE C 261 -23.85 -8.10 -31.09
N GLY C 262 -25.17 -7.94 -31.10
CA GLY C 262 -25.80 -7.00 -30.17
C GLY C 262 -25.62 -7.39 -28.73
N VAL C 263 -25.86 -8.67 -28.42
CA VAL C 263 -25.79 -9.10 -27.02
C VAL C 263 -24.36 -8.96 -26.49
N THR C 264 -23.38 -9.50 -27.22
CA THR C 264 -22.00 -9.40 -26.78
C THR C 264 -21.54 -7.95 -26.72
N THR C 265 -21.94 -7.15 -27.72
CA THR C 265 -21.51 -5.77 -27.76
C THR C 265 -22.03 -4.98 -26.55
N VAL C 266 -23.29 -5.20 -26.18
CA VAL C 266 -23.88 -4.45 -25.08
C VAL C 266 -23.16 -4.73 -23.78
N LEU C 267 -22.90 -6.00 -23.48
CA LEU C 267 -22.19 -6.34 -22.26
C LEU C 267 -20.78 -5.78 -22.28
N THR C 268 -20.10 -5.87 -23.41
CA THR C 268 -18.76 -5.30 -23.52
C THR C 268 -18.80 -3.80 -23.30
N MET C 269 -19.86 -3.14 -23.77
CA MET C 269 -20.01 -1.71 -23.50
C MET C 269 -20.14 -1.45 -22.01
N THR C 270 -20.89 -2.30 -21.31
CA THR C 270 -21.12 -2.09 -19.88
C THR C 270 -19.83 -2.21 -19.08
N THR C 271 -19.05 -3.26 -19.34
CA THR C 271 -17.84 -3.48 -18.54
C THR C 271 -16.84 -2.35 -18.72
N LEU C 272 -16.79 -1.75 -19.91
CA LEU C 272 -15.88 -0.63 -20.12
C LEU C 272 -16.23 0.53 -19.18
N SER C 273 -17.51 0.80 -19.00
CA SER C 273 -17.92 1.84 -18.06
C SER C 273 -17.46 1.50 -16.65
N ILE C 274 -17.62 0.24 -16.24
CA ILE C 274 -17.19 -0.16 -14.90
C ILE C 274 -15.68 -0.01 -14.77
N SER C 275 -14.94 -0.50 -15.75
CA SER C 275 -13.47 -0.44 -15.68
C SER C 275 -12.98 0.99 -15.75
N ALA C 276 -13.62 1.83 -16.56
CA ALA C 276 -13.14 3.20 -16.74
C ALA C 276 -13.14 3.97 -15.43
N ARG C 277 -14.20 3.83 -14.64
CA ARG C 277 -14.32 4.59 -13.41
C ARG C 277 -13.44 4.07 -12.30
N ASN C 278 -12.82 2.90 -12.47
CA ASN C 278 -11.93 2.37 -11.44
C ASN C 278 -10.80 3.35 -11.13
N SER C 279 -10.12 3.83 -12.19
CA SER C 279 -9.08 4.82 -11.98
C SER C 279 -9.66 6.16 -11.54
N LEU C 280 -10.80 6.53 -12.11
CA LEU C 280 -11.42 7.80 -11.78
C LEU C 280 -11.89 7.82 -10.33
N PRO C 281 -11.84 8.96 -9.66
CA PRO C 281 -12.37 9.04 -8.29
C PRO C 281 -13.87 8.78 -8.26
N LYS C 282 -14.34 8.28 -7.12
CA LYS C 282 -15.75 7.95 -6.94
C LYS C 282 -16.55 9.24 -6.74
N VAL C 283 -16.70 9.97 -7.85
CA VAL C 283 -17.46 11.22 -7.83
C VAL C 283 -18.94 10.91 -7.98
N ALA C 284 -19.76 11.63 -7.21
CA ALA C 284 -21.21 11.41 -7.21
C ALA C 284 -21.92 12.29 -8.23
N TYR C 285 -21.47 12.24 -9.48
CA TYR C 285 -22.12 12.95 -10.58
C TYR C 285 -21.56 12.41 -11.88
N ALA C 286 -22.12 12.86 -12.99
CA ALA C 286 -21.78 12.37 -14.31
C ALA C 286 -20.75 13.27 -14.97
N THR C 287 -19.69 12.67 -15.50
CA THR C 287 -18.67 13.41 -16.22
C THR C 287 -18.96 13.39 -17.71
N ALA C 288 -18.17 14.16 -18.47
CA ALA C 288 -18.35 14.20 -19.91
C ALA C 288 -18.12 12.82 -20.53
N MET C 289 -17.11 12.11 -20.04
CA MET C 289 -16.85 10.77 -20.56
C MET C 289 -18.03 9.85 -20.32
N ASP C 290 -18.68 9.96 -19.16
CA ASP C 290 -19.84 9.13 -18.87
C ASP C 290 -20.95 9.37 -19.88
N TRP C 291 -21.20 10.63 -20.23
CA TRP C 291 -22.22 10.92 -21.24
C TRP C 291 -21.85 10.30 -22.57
N PHE C 292 -20.57 10.37 -22.95
CA PHE C 292 -20.13 9.75 -24.19
C PHE C 292 -20.37 8.25 -24.16
N ILE C 293 -20.07 7.60 -23.03
CA ILE C 293 -20.30 6.17 -22.89
C ILE C 293 -21.78 5.86 -23.01
N ALA C 294 -22.63 6.67 -22.36
CA ALA C 294 -24.06 6.43 -22.43
C ALA C 294 -24.57 6.53 -23.86
N VAL C 295 -24.11 7.53 -24.61
CA VAL C 295 -24.52 7.66 -26.01
C VAL C 295 -24.08 6.43 -26.79
N CYS C 296 -22.84 5.99 -26.59
CA CYS C 296 -22.39 4.77 -27.26
C CYS C 296 -23.24 3.58 -26.83
N TYR C 297 -23.65 3.54 -25.56
CA TYR C 297 -24.53 2.47 -25.11
C TYR C 297 -25.86 2.51 -25.84
N ALA C 298 -26.39 3.71 -26.10
CA ALA C 298 -27.66 3.82 -26.79
C ALA C 298 -27.58 3.26 -28.20
N PHE C 299 -26.49 3.57 -28.92
CA PHE C 299 -26.36 3.09 -30.29
C PHE C 299 -26.36 1.56 -30.34
N VAL C 300 -25.51 0.93 -29.52
CA VAL C 300 -25.45 -0.53 -29.51
C VAL C 300 -26.77 -1.11 -29.01
N PHE C 301 -27.32 -0.53 -27.94
CA PHE C 301 -28.59 -1.01 -27.42
C PHE C 301 -29.71 -0.80 -28.42
N SER C 302 -29.75 0.37 -29.06
CA SER C 302 -30.79 0.65 -30.04
C SER C 302 -30.72 -0.31 -31.22
N ALA C 303 -29.51 -0.61 -31.68
CA ALA C 303 -29.35 -1.55 -32.79
C ALA C 303 -29.97 -2.89 -32.44
N LEU C 304 -29.80 -3.34 -31.19
CA LEU C 304 -30.43 -4.59 -30.76
C LEU C 304 -31.95 -4.48 -30.82
N LEU C 305 -32.49 -3.34 -30.40
CA LEU C 305 -33.94 -3.16 -30.46
C LEU C 305 -34.45 -3.22 -31.90
N GLU C 306 -33.71 -2.60 -32.83
CA GLU C 306 -34.11 -2.64 -34.23
C GLU C 306 -34.16 -4.07 -34.74
N PHE C 307 -33.14 -4.87 -34.40
CA PHE C 307 -33.13 -6.27 -34.81
C PHE C 307 -34.31 -7.03 -34.20
N ALA C 308 -34.57 -6.79 -32.91
CA ALA C 308 -35.70 -7.45 -32.27
C ALA C 308 -37.02 -7.01 -32.90
N PHE C 309 -37.17 -5.71 -33.16
CA PHE C 309 -38.40 -5.23 -33.78
C PHE C 309 -38.56 -5.78 -35.18
N VAL C 310 -37.46 -5.84 -35.95
CA VAL C 310 -37.53 -6.36 -37.31
C VAL C 310 -37.98 -7.81 -37.30
N ASN C 311 -37.40 -8.62 -36.43
CA ASN C 311 -37.77 -10.03 -36.36
C ASN C 311 -39.21 -10.21 -35.88
N TYR C 312 -39.77 -9.22 -35.19
CA TYR C 312 -41.14 -9.31 -34.72
C TYR C 312 -42.16 -9.06 -35.81
N ILE C 313 -41.76 -8.43 -36.91
CA ILE C 313 -42.67 -8.09 -38.00
C ILE C 313 -42.29 -8.75 -39.32
N THR C 314 -41.12 -9.38 -39.41
CA THR C 314 -40.70 -9.99 -40.67
C THR C 314 -41.65 -11.08 -41.11
N LYS C 315 -42.44 -11.65 -40.19
CA LYS C 315 -43.41 -12.68 -40.52
C LYS C 315 -44.77 -12.11 -40.89
N SER C 316 -44.95 -10.80 -40.79
CA SER C 316 -46.23 -10.15 -41.11
C SER C 316 -46.09 -9.14 -42.24
N GLN C 317 -45.12 -8.25 -42.16
CA GLN C 317 -44.90 -7.21 -43.17
C GLN C 317 -43.44 -7.19 -43.57
N PRO C 318 -42.99 -8.18 -44.34
CA PRO C 318 -41.58 -8.22 -44.74
C PRO C 318 -41.12 -6.99 -45.50
N ALA C 319 -42.02 -6.33 -46.22
CA ALA C 319 -41.62 -5.21 -47.06
C ALA C 319 -41.00 -4.09 -46.22
N ARG C 320 -41.61 -3.76 -45.09
CA ARG C 320 -41.08 -2.69 -44.25
C ARG C 320 -39.84 -3.16 -43.49
N ALA C 321 -39.74 -4.46 -43.20
CA ALA C 321 -38.60 -4.97 -42.45
C ALA C 321 -37.30 -4.71 -43.20
N ALA C 322 -37.27 -4.99 -44.50
CA ALA C 322 -36.06 -4.77 -45.28
C ALA C 322 -35.71 -3.29 -45.35
N LYS C 323 -36.71 -2.43 -45.48
CA LYS C 323 -36.44 -1.00 -45.58
C LYS C 323 -35.74 -0.48 -44.32
N ILE C 324 -36.22 -0.89 -43.15
CA ILE C 324 -35.62 -0.43 -41.90
C ILE C 324 -34.18 -0.91 -41.79
N ASP C 325 -33.95 -2.18 -42.10
CA ASP C 325 -32.61 -2.74 -42.00
C ASP C 325 -31.64 -2.03 -42.95
N LYS C 326 -32.07 -1.84 -44.19
CA LYS C 326 -31.22 -1.13 -45.16
C LYS C 326 -31.02 0.33 -44.73
N MET C 327 -32.09 0.98 -44.25
CA MET C 327 -31.96 2.36 -43.80
C MET C 327 -31.00 2.48 -42.63
N SER C 328 -31.07 1.53 -41.70
CA SER C 328 -30.20 1.60 -40.52
C SER C 328 -28.73 1.60 -40.90
N ARG C 329 -28.37 0.99 -42.04
CA ARG C 329 -26.98 0.97 -42.47
C ARG C 329 -26.47 2.36 -42.79
N ILE C 330 -27.36 3.33 -43.03
CA ILE C 330 -26.97 4.68 -43.40
C ILE C 330 -27.34 5.71 -42.34
N VAL C 331 -28.08 5.32 -41.31
CA VAL C 331 -28.53 6.28 -40.29
C VAL C 331 -27.60 6.23 -39.09
N PHE C 332 -27.51 5.06 -38.45
CA PHE C 332 -26.71 4.92 -37.23
C PHE C 332 -25.27 5.38 -37.41
N PRO C 333 -24.55 4.98 -38.46
CA PRO C 333 -23.17 5.48 -38.62
C PRO C 333 -23.10 6.99 -38.69
N ILE C 334 -24.07 7.64 -39.33
CA ILE C 334 -24.04 9.08 -39.49
C ILE C 334 -24.29 9.76 -38.14
N LEU C 335 -25.29 9.29 -37.41
CA LEU C 335 -25.60 9.90 -36.11
C LEU C 335 -24.42 9.80 -35.16
N PHE C 336 -23.81 8.62 -35.09
CA PHE C 336 -22.64 8.46 -34.21
C PHE C 336 -21.49 9.36 -34.67
N GLY C 337 -21.25 9.44 -35.97
CA GLY C 337 -20.23 10.34 -36.47
C GLY C 337 -20.57 11.79 -36.20
N THR C 338 -21.83 12.18 -36.41
CA THR C 338 -22.25 13.54 -36.14
C THR C 338 -22.10 13.88 -34.66
N PHE C 339 -22.46 12.93 -33.78
CA PHE C 339 -22.37 13.19 -32.35
C PHE C 339 -20.93 13.45 -31.93
N ASN C 340 -19.99 12.69 -32.47
CA ASN C 340 -18.59 12.84 -32.08
C ASN C 340 -18.09 14.25 -32.39
N LEU C 341 -18.42 14.78 -33.57
CA LEU C 341 -17.96 16.11 -33.93
C LEU C 341 -18.48 17.16 -32.94
N VAL C 342 -19.76 17.06 -32.58
CA VAL C 342 -20.32 17.99 -31.60
C VAL C 342 -19.65 17.77 -30.24
N TYR C 343 -19.49 16.52 -29.84
CA TYR C 343 -18.89 16.22 -28.54
C TYR C 343 -17.46 16.73 -28.47
N TRP C 344 -16.63 16.34 -29.43
CA TRP C 344 -15.23 16.74 -29.40
C TRP C 344 -15.08 18.26 -29.59
N ALA C 345 -15.83 18.83 -30.53
CA ALA C 345 -15.72 20.27 -30.76
C ALA C 345 -16.14 21.06 -29.53
N THR C 346 -17.22 20.63 -28.87
CA THR C 346 -17.71 21.38 -27.71
C THR C 346 -16.68 21.38 -26.58
N TYR C 347 -16.06 20.24 -26.31
CA TYR C 347 -15.13 20.11 -25.19
C TYR C 347 -13.69 20.41 -25.57
N LEU C 348 -13.40 20.62 -26.85
CA LEU C 348 -12.06 21.02 -27.29
C LEU C 348 -12.00 22.50 -27.66
N ASN C 349 -13.05 23.26 -27.36
CA ASN C 349 -13.07 24.68 -27.66
C ASN C 349 -13.08 25.51 -26.39
N ASN D 14 47.63 0.89 27.42
CA ASN D 14 48.07 1.63 26.20
C ASN D 14 46.88 2.06 25.37
N ILE D 15 45.73 2.22 26.02
CA ILE D 15 44.50 2.63 25.35
C ILE D 15 44.21 4.08 25.69
N THR D 16 44.57 4.49 26.92
CA THR D 16 44.32 5.86 27.35
C THR D 16 45.04 6.87 26.46
N ILE D 17 46.14 6.47 25.82
CA ILE D 17 46.85 7.39 24.93
C ILE D 17 45.94 7.83 23.79
N PHE D 18 45.16 6.90 23.23
CA PHE D 18 44.25 7.25 22.15
C PHE D 18 43.21 8.25 22.62
N THR D 19 42.71 8.08 23.85
CA THR D 19 41.71 9.01 24.37
C THR D 19 42.27 10.42 24.47
N ARG D 20 43.50 10.56 24.96
CA ARG D 20 44.12 11.87 25.06
C ARG D 20 44.28 12.51 23.68
N ILE D 21 44.72 11.71 22.70
CA ILE D 21 44.87 12.24 21.34
C ILE D 21 43.52 12.66 20.80
N LEU D 22 42.49 11.85 21.00
CA LEU D 22 41.16 12.18 20.49
C LEU D 22 40.63 13.46 21.13
N ASP D 23 40.82 13.61 22.44
CA ASP D 23 40.30 14.78 23.13
C ASP D 23 40.91 16.06 22.58
N GLY D 24 42.21 16.04 22.31
CA GLY D 24 42.86 17.24 21.77
C GLY D 24 42.26 17.69 20.46
N LEU D 25 41.89 16.74 19.60
CA LEU D 25 41.31 17.10 18.31
C LEU D 25 40.00 17.85 18.48
N LEU D 26 39.15 17.40 19.40
CA LEU D 26 37.86 18.03 19.62
C LEU D 26 37.94 19.27 20.48
N ASP D 27 39.11 19.57 21.05
CA ASP D 27 39.28 20.77 21.88
C ASP D 27 39.34 21.99 20.98
N GLY D 28 38.27 22.78 20.99
CA GLY D 28 38.21 23.97 20.16
C GLY D 28 37.88 23.73 18.71
N TYR D 29 37.42 22.54 18.36
CA TYR D 29 37.06 22.21 16.99
C TYR D 29 35.63 22.65 16.74
N ASP D 30 35.46 23.65 15.88
CA ASP D 30 34.14 24.18 15.54
C ASP D 30 33.58 23.38 14.37
N ASN D 31 32.50 22.66 14.60
CA ASN D 31 31.89 21.83 13.57
C ASN D 31 30.95 22.63 12.67
N ARG D 32 30.74 23.92 12.94
CA ARG D 32 29.92 24.76 12.09
C ARG D 32 30.72 25.44 10.98
N LEU D 33 32.03 25.24 10.94
CA LEU D 33 32.90 25.89 9.98
C LEU D 33 33.63 24.84 9.17
N ARG D 34 33.65 25.01 7.85
CA ARG D 34 34.35 24.08 6.99
C ARG D 34 35.86 24.26 7.14
N PRO D 35 36.63 23.22 6.85
CA PRO D 35 38.10 23.36 6.90
C PRO D 35 38.58 24.34 5.84
N GLY D 36 39.68 25.03 6.17
CA GLY D 36 40.24 26.00 5.24
C GLY D 36 39.28 27.13 4.93
N LEU D 37 38.57 27.63 5.94
CA LEU D 37 37.62 28.72 5.71
C LEU D 37 38.37 30.02 5.45
N GLY D 38 37.99 30.69 4.36
CA GLY D 38 38.63 31.95 4.01
C GLY D 38 40.10 31.83 3.71
N GLU D 39 40.59 30.63 3.38
CA GLU D 39 42.01 30.44 3.09
C GLU D 39 42.19 29.71 1.77
N ARG D 40 41.23 28.87 1.41
CA ARG D 40 41.30 28.08 0.17
C ARG D 40 39.91 27.52 -0.09
N ILE D 41 39.81 26.63 -1.07
CA ILE D 41 38.55 25.98 -1.45
C ILE D 41 38.64 24.52 -1.03
N THR D 42 37.68 24.07 -0.23
CA THR D 42 37.68 22.69 0.23
C THR D 42 37.43 21.75 -0.94
N GLN D 43 38.24 20.70 -1.02
CA GLN D 43 38.14 19.71 -2.08
C GLN D 43 37.70 18.37 -1.49
N VAL D 44 36.66 17.79 -2.06
CA VAL D 44 36.07 16.55 -1.58
C VAL D 44 36.18 15.51 -2.68
N ARG D 45 36.75 14.35 -2.34
CA ARG D 45 36.87 13.23 -3.25
C ARG D 45 35.85 12.17 -2.84
N THR D 46 35.05 11.73 -3.81
CA THR D 46 33.92 10.84 -3.55
C THR D 46 34.05 9.57 -4.38
N ASP D 47 33.72 8.45 -3.75
CA ASP D 47 33.63 7.16 -4.43
C ASP D 47 32.37 6.46 -3.95
N MET D 48 31.82 5.61 -4.81
CA MET D 48 30.55 4.94 -4.53
C MET D 48 30.65 3.46 -4.84
N TYR D 49 29.92 2.67 -4.07
CA TYR D 49 29.79 1.23 -4.29
C TYR D 49 28.32 0.87 -4.17
N VAL D 50 27.73 0.41 -5.28
CA VAL D 50 26.31 0.09 -5.32
C VAL D 50 26.15 -1.34 -4.81
N ASN D 51 25.69 -1.47 -3.57
CA ASN D 51 25.46 -2.80 -3.00
C ASN D 51 24.38 -3.55 -3.78
N SER D 52 23.31 -2.86 -4.14
CA SER D 52 22.21 -3.49 -4.87
C SER D 52 21.38 -2.40 -5.54
N PHE D 53 21.10 -2.59 -6.83
CA PHE D 53 20.25 -1.68 -7.58
C PHE D 53 18.81 -2.10 -7.36
N GLY D 54 18.08 -1.33 -6.55
CA GLY D 54 16.74 -1.68 -6.18
C GLY D 54 15.81 -1.73 -7.37
N PRO D 55 14.56 -2.15 -7.14
CA PRO D 55 13.60 -2.25 -8.25
C PRO D 55 13.30 -0.90 -8.86
N VAL D 56 13.01 -0.91 -10.15
CA VAL D 56 12.68 0.29 -10.91
C VAL D 56 11.17 0.32 -11.07
N SER D 57 10.52 1.32 -10.48
CA SER D 57 9.07 1.49 -10.55
C SER D 57 8.76 2.36 -11.75
N ASP D 58 8.35 1.72 -12.86
CA ASP D 58 8.02 2.49 -14.06
C ASP D 58 6.83 3.40 -13.82
N THR D 59 5.84 2.92 -13.05
CA THR D 59 4.65 3.72 -12.80
C THR D 59 5.00 5.02 -12.10
N GLU D 60 5.88 4.95 -11.09
CA GLU D 60 6.28 6.13 -10.34
C GLU D 60 7.56 6.78 -10.86
N MET D 61 8.14 6.24 -11.93
CA MET D 61 9.35 6.81 -12.52
C MET D 61 10.46 6.94 -11.48
N GLU D 62 10.62 5.92 -10.65
CA GLU D 62 11.62 5.93 -9.60
C GLU D 62 12.36 4.60 -9.57
N TYR D 63 13.56 4.63 -9.00
CA TYR D 63 14.38 3.43 -8.87
C TYR D 63 15.09 3.47 -7.53
N THR D 64 14.87 2.46 -6.71
CA THR D 64 15.56 2.33 -5.44
C THR D 64 16.99 1.84 -5.66
N ILE D 65 17.88 2.24 -4.75
CA ILE D 65 19.29 1.86 -4.85
C ILE D 65 19.91 1.94 -3.47
N ASP D 66 20.84 1.03 -3.20
CA ASP D 66 21.60 1.02 -1.95
C ASP D 66 23.08 1.19 -2.30
N ILE D 67 23.75 2.10 -1.60
CA ILE D 67 25.13 2.45 -1.90
C ILE D 67 25.89 2.68 -0.61
N PHE D 68 27.18 2.35 -0.63
CA PHE D 68 28.10 2.68 0.45
C PHE D 68 28.84 3.97 0.09
N PHE D 69 28.07 5.06 0.06
CA PHE D 69 28.61 6.35 -0.34
C PHE D 69 29.78 6.74 0.55
N ALA D 70 30.87 7.20 -0.06
CA ALA D 70 32.09 7.54 0.64
C ALA D 70 32.57 8.92 0.24
N GLN D 71 33.18 9.63 1.19
CA GLN D 71 33.69 10.96 0.97
C GLN D 71 35.07 11.08 1.62
N THR D 72 35.89 11.97 1.07
CA THR D 72 37.23 12.20 1.57
C THR D 72 37.58 13.67 1.43
N TRP D 73 38.22 14.22 2.46
CA TRP D 73 38.65 15.61 2.43
C TRP D 73 39.79 15.80 3.42
N LYS D 74 40.48 16.93 3.29
CA LYS D 74 41.64 17.25 4.11
C LYS D 74 41.26 18.29 5.14
N ASP D 75 41.59 18.00 6.40
CA ASP D 75 41.32 18.93 7.51
C ASP D 75 42.56 18.98 8.39
N GLU D 76 43.19 20.15 8.46
CA GLU D 76 44.40 20.29 9.26
C GLU D 76 44.10 20.33 10.75
N ARG D 77 42.87 20.70 11.13
CA ARG D 77 42.53 20.79 12.55
C ARG D 77 42.59 19.42 13.23
N LEU D 78 42.51 18.33 12.46
CA LEU D 78 42.54 16.98 13.00
C LEU D 78 43.94 16.37 13.00
N ARG D 79 44.96 17.15 12.66
CA ARG D 79 46.31 16.62 12.64
C ARG D 79 46.72 16.13 14.03
N PHE D 80 47.43 15.00 14.06
CA PHE D 80 47.91 14.44 15.31
C PHE D 80 49.13 13.59 15.03
N LYS D 81 49.86 13.28 16.09
CA LYS D 81 51.04 12.43 16.01
C LYS D 81 50.95 11.36 17.09
N GLY D 82 51.13 10.11 16.69
CA GLY D 82 51.05 9.00 17.61
C GLY D 82 51.55 7.70 16.99
N PRO D 83 51.62 6.64 17.80
CA PRO D 83 52.10 5.36 17.27
C PRO D 83 51.24 4.82 16.14
N MET D 84 49.94 5.06 16.17
CA MET D 84 49.01 4.53 15.17
C MET D 84 48.76 5.59 14.10
N GLN D 85 48.88 5.18 12.84
CA GLN D 85 48.69 6.09 11.71
C GLN D 85 47.24 6.26 11.31
N ARG D 86 46.33 5.46 11.88
CA ARG D 86 44.92 5.52 11.55
C ARG D 86 44.09 5.40 12.82
N LEU D 87 42.90 5.98 12.79
CA LEU D 87 41.99 6.01 13.94
C LEU D 87 40.60 5.57 13.50
N PRO D 88 40.38 4.26 13.37
CA PRO D 88 39.01 3.79 13.08
C PRO D 88 38.06 4.22 14.18
N LEU D 89 36.84 4.60 13.77
CA LEU D 89 35.85 5.11 14.69
C LEU D 89 34.47 4.70 14.20
N ASN D 90 33.44 5.28 14.80
CA ASN D 90 32.05 4.97 14.46
C ASN D 90 31.25 6.27 14.47
N ASN D 91 29.93 6.14 14.42
CA ASN D 91 29.06 7.31 14.32
C ASN D 91 29.12 8.19 15.56
N LEU D 92 29.66 7.69 16.67
CA LEU D 92 29.66 8.46 17.91
C LEU D 92 30.40 9.78 17.74
N LEU D 93 31.56 9.75 17.09
CA LEU D 93 32.36 10.94 16.88
C LEU D 93 32.01 11.69 15.60
N ALA D 94 31.17 11.11 14.74
CA ALA D 94 30.85 11.75 13.47
C ALA D 94 30.17 13.09 13.68
N SER D 95 29.22 13.15 14.61
CA SER D 95 28.47 14.39 14.85
C SER D 95 29.30 15.44 15.58
N LYS D 96 30.46 15.08 16.11
CA LYS D 96 31.28 16.02 16.86
C LYS D 96 32.16 16.89 15.98
N ILE D 97 32.20 16.63 14.68
CA ILE D 97 33.07 17.35 13.76
C ILE D 97 32.23 17.86 12.59
N TRP D 98 32.91 18.49 11.63
CA TRP D 98 32.26 19.05 10.47
C TRP D 98 32.21 18.01 9.34
N THR D 99 31.06 17.93 8.69
CA THR D 99 30.87 17.05 7.55
C THR D 99 30.14 17.82 6.45
N PRO D 100 30.37 17.48 5.19
CA PRO D 100 29.70 18.21 4.11
C PRO D 100 28.18 18.00 4.15
N ASP D 101 27.45 19.03 3.73
CA ASP D 101 25.99 18.98 3.69
C ASP D 101 25.53 18.43 2.34
N THR D 102 26.02 17.23 2.02
CA THR D 102 25.70 16.60 0.75
C THR D 102 24.24 16.20 0.69
N PHE D 103 23.63 16.41 -0.47
CA PHE D 103 22.24 16.06 -0.70
C PHE D 103 22.09 15.59 -2.14
N PHE D 104 21.05 14.80 -2.38
CA PHE D 104 20.76 14.27 -3.71
C PHE D 104 19.68 15.13 -4.36
N HIS D 105 20.08 15.90 -5.37
CA HIS D 105 19.14 16.80 -6.04
C HIS D 105 18.01 16.02 -6.69
N ASN D 106 18.33 14.90 -7.32
CA ASN D 106 17.33 14.10 -8.01
C ASN D 106 16.57 13.16 -7.07
N GLY D 107 17.01 13.04 -5.81
CA GLY D 107 16.34 12.15 -4.90
C GLY D 107 14.98 12.67 -4.46
N LYS D 108 14.14 11.73 -4.03
CA LYS D 108 12.80 12.04 -3.54
C LYS D 108 12.64 11.74 -2.06
N LYS D 109 12.97 10.52 -1.63
CA LYS D 109 12.86 10.15 -0.23
C LYS D 109 13.94 9.12 0.07
N SER D 110 14.97 9.54 0.80
CA SER D 110 16.08 8.67 1.18
C SER D 110 16.14 8.57 2.70
N PHE D 111 16.22 7.34 3.20
CA PHE D 111 16.27 7.08 4.62
C PHE D 111 17.54 6.29 4.94
N ALA D 112 18.15 6.61 6.07
CA ALA D 112 19.42 5.99 6.45
C ALA D 112 19.15 4.64 7.14
N HIS D 113 20.23 3.90 7.36
CA HIS D 113 20.18 2.60 8.00
C HIS D 113 20.74 2.75 9.41
N TRP D 114 19.87 2.58 10.42
CA TRP D 114 20.24 2.71 11.82
C TRP D 114 20.29 1.35 12.51
N MET D 115 20.59 0.29 11.75
CA MET D 115 20.57 -1.06 12.27
C MET D 115 21.87 -1.76 11.92
N THR D 116 22.50 -2.42 12.90
CA THR D 116 22.14 -2.46 14.31
C THR D 116 22.49 -1.12 14.95
N THR D 117 23.61 -0.55 14.50
CA THR D 117 24.10 0.74 14.89
C THR D 117 24.16 1.64 13.66
N PRO D 118 23.95 2.96 13.81
CA PRO D 118 24.04 3.84 12.63
C PRO D 118 25.24 3.53 11.77
N ASN D 119 24.98 3.09 10.55
CA ASN D 119 26.03 2.57 9.67
C ASN D 119 26.91 3.69 9.15
N ARG D 120 27.91 4.08 9.94
CA ARG D 120 28.84 5.12 9.54
C ARG D 120 30.23 4.77 10.03
N MET D 121 31.21 4.84 9.13
CA MET D 121 32.60 4.58 9.46
C MET D 121 33.40 5.85 9.22
N LEU D 122 34.16 6.27 10.23
CA LEU D 122 34.98 7.46 10.17
C LEU D 122 36.43 7.07 10.44
N ARG D 123 37.32 7.46 9.54
CA ARG D 123 38.74 7.15 9.66
C ARG D 123 39.55 8.42 9.49
N ILE D 124 40.59 8.56 10.31
CA ILE D 124 41.42 9.76 10.32
C ILE D 124 42.88 9.34 10.31
N TRP D 125 43.68 10.02 9.49
CA TRP D 125 45.11 9.81 9.42
C TRP D 125 45.85 10.96 10.09
N ASN D 126 47.11 10.70 10.45
CA ASN D 126 47.92 11.72 11.11
C ASN D 126 48.05 12.97 10.26
N ASP D 127 48.05 12.81 8.94
CA ASP D 127 48.18 13.96 8.04
C ASP D 127 46.97 14.89 8.11
N GLY D 128 45.85 14.43 8.67
CA GLY D 128 44.63 15.19 8.70
C GLY D 128 43.58 14.75 7.70
N ARG D 129 43.93 13.86 6.78
CA ARG D 129 42.97 13.35 5.81
C ARG D 129 41.87 12.59 6.54
N VAL D 130 40.65 12.69 6.00
CA VAL D 130 39.46 12.13 6.62
C VAL D 130 38.72 11.27 5.61
N LEU D 131 37.95 10.32 6.13
CA LEU D 131 37.12 9.44 5.30
C LEU D 131 35.84 9.18 6.06
N TYR D 132 34.72 9.63 5.50
CA TYR D 132 33.40 9.51 6.13
C TYR D 132 32.48 8.77 5.17
N THR D 133 32.48 7.45 5.27
CA THR D 133 31.61 6.61 4.45
C THR D 133 30.27 6.41 5.14
N LEU D 134 29.28 6.03 4.34
CA LEU D 134 27.91 5.93 4.83
C LEU D 134 27.12 5.02 3.89
N ARG D 135 26.09 4.38 4.44
CA ARG D 135 25.21 3.50 3.69
C ARG D 135 23.86 4.16 3.54
N LEU D 136 23.34 4.18 2.32
CA LEU D 136 22.14 4.93 1.99
C LEU D 136 21.17 4.07 1.17
N THR D 137 19.89 4.42 1.26
CA THR D 137 18.85 3.87 0.41
C THR D 137 18.08 5.04 -0.18
N ILE D 138 18.11 5.17 -1.50
CA ILE D 138 17.62 6.35 -2.19
C ILE D 138 16.53 5.93 -3.17
N SER D 139 15.36 6.56 -3.05
CA SER D 139 14.26 6.37 -4.00
C SER D 139 14.29 7.49 -5.03
N ALA D 140 15.33 7.45 -5.86
CA ALA D 140 15.53 8.48 -6.87
C ALA D 140 14.47 8.37 -7.97
N GLU D 141 14.33 9.45 -8.74
CA GLU D 141 13.36 9.54 -9.82
C GLU D 141 14.07 9.41 -11.15
N CYS D 142 13.51 8.58 -12.04
CA CYS D 142 14.09 8.35 -13.37
C CYS D 142 13.09 8.77 -14.44
N PRO D 143 13.27 9.95 -15.06
CA PRO D 143 12.35 10.33 -16.15
C PRO D 143 12.60 9.51 -17.40
N MET D 144 11.62 8.69 -17.77
CA MET D 144 11.75 7.77 -18.89
C MET D 144 10.89 8.22 -20.05
N ASP D 145 11.42 8.08 -21.26
CA ASP D 145 10.70 8.38 -22.50
C ASP D 145 10.31 7.06 -23.15
N LEU D 146 9.08 6.61 -22.89
CA LEU D 146 8.61 5.32 -23.37
C LEU D 146 8.05 5.43 -24.80
N GLU D 147 8.85 6.01 -25.70
CA GLU D 147 8.42 6.12 -27.10
C GLU D 147 8.67 4.81 -27.84
N ASP D 148 9.74 4.10 -27.51
CA ASP D 148 10.07 2.83 -28.14
C ASP D 148 9.82 1.64 -27.20
N PHE D 149 8.94 1.83 -26.23
CA PHE D 149 8.67 0.76 -25.28
C PHE D 149 8.12 -0.46 -26.01
N PRO D 150 8.54 -1.68 -25.65
CA PRO D 150 9.51 -2.04 -24.60
C PRO D 150 10.96 -2.00 -25.06
N MET D 151 11.22 -1.71 -26.34
CA MET D 151 12.59 -1.64 -26.85
C MET D 151 13.12 -0.24 -26.57
N ASP D 152 13.55 -0.03 -25.33
CA ASP D 152 14.05 1.26 -24.89
C ASP D 152 15.32 1.06 -24.08
N GLU D 153 16.18 2.07 -24.09
CA GLU D 153 17.43 2.09 -23.34
C GLU D 153 17.35 3.27 -22.36
N GLN D 154 16.77 3.01 -21.19
CA GLN D 154 16.62 4.06 -20.19
C GLN D 154 17.98 4.43 -19.61
N ASN D 155 18.14 5.72 -19.30
CA ASN D 155 19.36 6.27 -18.70
C ASN D 155 18.95 6.98 -17.42
N CYS D 156 18.91 6.24 -16.32
CA CYS D 156 18.50 6.81 -15.05
C CYS D 156 19.68 7.48 -14.37
N PRO D 157 19.64 8.79 -14.15
CA PRO D 157 20.79 9.48 -13.54
C PRO D 157 20.69 9.56 -12.02
N LEU D 158 21.84 9.84 -11.41
CA LEU D 158 21.93 10.11 -9.99
C LEU D 158 22.75 11.37 -9.79
N LYS D 159 22.20 12.32 -9.04
CA LYS D 159 22.82 13.63 -8.86
C LYS D 159 22.90 13.96 -7.38
N PHE D 160 24.01 14.57 -6.97
CA PHE D 160 24.18 15.01 -5.60
C PHE D 160 25.18 16.16 -5.57
N GLY D 161 25.15 16.89 -4.46
CA GLY D 161 26.05 18.02 -4.31
C GLY D 161 25.82 18.70 -2.98
N SER D 162 26.53 19.81 -2.79
CA SER D 162 26.40 20.59 -1.56
C SER D 162 25.10 21.37 -1.56
N TYR D 163 24.47 21.43 -0.39
CA TYR D 163 23.22 22.17 -0.23
C TYR D 163 23.44 23.60 0.24
N ALA D 164 24.54 23.86 0.94
CA ALA D 164 24.81 25.18 1.49
C ALA D 164 26.11 25.81 1.01
N TYR D 165 27.07 25.01 0.55
CA TYR D 165 28.38 25.53 0.16
C TYR D 165 28.46 25.63 -1.35
N PRO D 166 28.57 26.83 -1.93
CA PRO D 166 28.65 26.94 -3.39
C PRO D 166 29.91 26.35 -3.96
N ASN D 167 30.05 26.41 -5.29
CA ASN D 167 31.22 25.88 -5.96
C ASN D 167 32.50 26.61 -5.57
N SER D 168 32.40 27.85 -5.10
CA SER D 168 33.56 28.62 -4.73
C SER D 168 34.17 28.19 -3.40
N GLU D 169 33.48 27.36 -2.63
CA GLU D 169 33.96 26.91 -1.33
C GLU D 169 34.18 25.41 -1.28
N VAL D 170 33.23 24.62 -1.75
CA VAL D 170 33.31 23.16 -1.70
C VAL D 170 33.16 22.64 -3.13
N VAL D 171 34.07 21.75 -3.53
CA VAL D 171 34.06 21.15 -4.85
C VAL D 171 34.09 19.64 -4.71
N TYR D 172 33.23 18.96 -5.44
CA TYR D 172 33.16 17.51 -5.45
C TYR D 172 33.81 16.97 -6.71
N VAL D 173 34.72 16.00 -6.55
CA VAL D 173 35.43 15.40 -7.66
C VAL D 173 35.52 13.91 -7.42
N TRP D 174 35.33 13.13 -8.49
CA TRP D 174 35.46 11.69 -8.40
C TRP D 174 36.93 11.32 -8.17
N THR D 175 37.15 10.35 -7.30
CA THR D 175 38.49 9.95 -6.91
C THR D 175 39.05 8.90 -7.86
N ASN D 176 40.37 8.93 -8.05
CA ASN D 176 41.07 7.94 -8.87
C ASN D 176 40.44 7.84 -10.25
N GLY D 177 40.12 9.00 -10.83
CA GLY D 177 39.54 9.03 -12.15
C GLY D 177 38.06 8.65 -12.14
N SER D 178 37.53 8.46 -13.35
CA SER D 178 36.14 8.12 -13.55
C SER D 178 35.92 6.63 -13.79
N THR D 179 36.96 5.81 -13.64
CA THR D 179 36.86 4.38 -13.90
C THR D 179 36.44 3.61 -12.65
N LYS D 180 37.22 3.71 -11.58
CA LYS D 180 36.96 3.00 -10.34
C LYS D 180 36.17 3.83 -9.34
N SER D 181 35.74 5.04 -9.73
CA SER D 181 35.00 5.88 -8.80
C SER D 181 33.68 5.23 -8.40
N VAL D 182 32.99 4.63 -9.35
CA VAL D 182 31.70 3.98 -9.12
C VAL D 182 31.85 2.50 -9.41
N VAL D 183 31.42 1.67 -8.45
CA VAL D 183 31.50 0.21 -8.57
C VAL D 183 30.14 -0.37 -8.26
N VAL D 184 29.75 -1.38 -9.03
CA VAL D 184 28.47 -2.06 -8.87
C VAL D 184 28.74 -3.53 -8.59
N ALA D 185 28.10 -4.05 -7.54
CA ALA D 185 28.28 -5.45 -7.18
C ALA D 185 27.74 -6.36 -8.28
N GLU D 186 28.40 -7.51 -8.45
CA GLU D 186 27.98 -8.45 -9.48
C GLU D 186 26.55 -8.93 -9.24
N ASP D 187 26.22 -9.27 -8.00
CA ASP D 187 24.87 -9.69 -7.65
C ASP D 187 23.96 -8.53 -7.27
N GLY D 188 24.50 -7.32 -7.13
CA GLY D 188 23.67 -6.18 -6.80
C GLY D 188 22.64 -5.88 -7.87
N SER D 189 23.05 -5.96 -9.13
CA SER D 189 22.15 -5.71 -10.26
C SER D 189 21.26 -6.93 -10.43
N ARG D 190 20.11 -6.90 -9.76
CA ARG D 190 19.18 -8.02 -9.79
C ARG D 190 17.80 -7.55 -10.23
N LEU D 191 17.75 -6.75 -11.28
CA LEU D 191 16.48 -6.27 -11.80
C LEU D 191 15.78 -7.37 -12.58
N ASN D 192 14.44 -7.34 -12.55
CA ASN D 192 13.65 -8.38 -13.19
C ASN D 192 13.35 -8.07 -14.65
N GLN D 193 13.07 -6.80 -14.98
CA GLN D 193 12.70 -6.40 -16.32
C GLN D 193 13.73 -5.49 -16.98
N TYR D 194 14.89 -5.29 -16.35
CA TYR D 194 15.95 -4.46 -16.90
C TYR D 194 17.28 -5.18 -16.80
N HIS D 195 18.17 -4.87 -17.74
CA HIS D 195 19.50 -5.46 -17.81
C HIS D 195 20.52 -4.33 -17.85
N LEU D 196 21.20 -4.10 -16.72
CA LEU D 196 22.19 -3.05 -16.65
C LEU D 196 23.36 -3.35 -17.58
N MET D 197 23.80 -2.34 -18.33
CA MET D 197 24.90 -2.46 -19.26
C MET D 197 26.17 -1.77 -18.80
N GLY D 198 26.06 -0.58 -18.22
CA GLY D 198 27.25 0.13 -17.77
C GLY D 198 26.86 1.38 -17.02
N GLN D 199 27.88 2.09 -16.55
CA GLN D 199 27.70 3.31 -15.78
C GLN D 199 28.62 4.40 -16.32
N THR D 200 28.15 5.64 -16.21
CA THR D 200 28.94 6.80 -16.59
C THR D 200 28.81 7.86 -15.51
N VAL D 201 29.88 8.63 -15.32
CA VAL D 201 29.94 9.66 -14.29
C VAL D 201 30.36 10.97 -14.94
N GLY D 202 29.66 12.05 -14.57
CA GLY D 202 29.96 13.35 -15.12
C GLY D 202 29.84 14.43 -14.06
N THR D 203 30.32 15.62 -14.42
CA THR D 203 30.32 16.77 -13.53
C THR D 203 29.79 17.99 -14.28
N GLU D 204 29.13 18.88 -13.55
CA GLU D 204 28.59 20.09 -14.14
C GLU D 204 28.38 21.13 -13.06
N ASN D 205 28.22 22.37 -13.49
CA ASN D 205 27.95 23.50 -12.60
C ASN D 205 26.58 24.09 -12.94
N ILE D 206 25.84 24.46 -11.91
CA ILE D 206 24.53 25.08 -12.06
C ILE D 206 24.58 26.45 -11.38
N SER D 207 24.16 27.48 -12.11
CA SER D 207 24.19 28.85 -11.61
C SER D 207 22.78 29.20 -11.10
N THR D 208 22.53 28.82 -9.85
CA THR D 208 21.27 29.13 -9.21
C THR D 208 21.29 30.54 -8.64
N SER D 209 20.18 30.93 -7.99
CA SER D 209 20.10 32.25 -7.39
C SER D 209 21.03 32.39 -6.19
N THR D 210 21.55 31.28 -5.66
CA THR D 210 22.43 31.28 -4.50
C THR D 210 23.86 30.92 -4.89
N GLY D 211 24.28 31.36 -6.07
CA GLY D 211 25.62 31.09 -6.55
C GLY D 211 25.74 29.79 -7.30
N GLU D 212 26.93 29.54 -7.81
CA GLU D 212 27.21 28.32 -8.56
C GLU D 212 27.38 27.14 -7.62
N TYR D 213 26.89 25.98 -8.04
CA TYR D 213 27.01 24.75 -7.27
C TYR D 213 27.49 23.64 -8.20
N THR D 214 28.56 22.95 -7.79
CA THR D 214 29.04 21.81 -8.54
C THR D 214 28.11 20.62 -8.32
N ILE D 215 27.89 19.83 -9.37
CA ILE D 215 27.01 18.68 -9.33
C ILE D 215 27.76 17.46 -9.85
N MET D 216 27.72 16.38 -9.07
CA MET D 216 28.27 15.10 -9.50
C MET D 216 27.13 14.25 -10.04
N THR D 217 27.22 13.87 -11.31
CA THR D 217 26.16 13.15 -11.99
C THR D 217 26.66 11.77 -12.39
N ALA D 218 25.88 10.74 -12.07
CA ALA D 218 26.16 9.38 -12.46
C ALA D 218 24.96 8.82 -13.20
N HIS D 219 25.21 8.24 -14.37
CA HIS D 219 24.16 7.66 -15.20
C HIS D 219 24.34 6.16 -15.30
N PHE D 220 23.24 5.43 -15.15
CA PHE D 220 23.23 3.99 -15.30
C PHE D 220 22.48 3.63 -16.58
N HIS D 221 23.15 2.94 -17.49
CA HIS D 221 22.54 2.56 -18.76
C HIS D 221 21.73 1.28 -18.55
N LEU D 222 20.42 1.38 -18.72
CA LEU D 222 19.50 0.27 -18.52
C LEU D 222 18.96 -0.17 -19.87
N LYS D 223 19.09 -1.47 -20.16
CA LYS D 223 18.55 -2.08 -21.38
C LYS D 223 17.46 -3.04 -20.95
N ARG D 224 16.21 -2.70 -21.24
CA ARG D 224 15.09 -3.54 -20.88
C ARG D 224 15.24 -4.92 -21.51
N LYS D 225 15.05 -5.95 -20.70
CA LYS D 225 15.16 -7.33 -21.16
C LYS D 225 13.77 -7.83 -21.53
N ILE D 226 13.52 -7.98 -22.83
CA ILE D 226 12.22 -8.42 -23.29
C ILE D 226 12.05 -9.92 -23.04
N GLY D 227 10.80 -10.36 -22.99
CA GLY D 227 10.49 -11.74 -22.74
C GLY D 227 9.28 -11.89 -21.83
N TYR D 228 9.10 -10.95 -20.91
CA TYR D 228 7.91 -10.94 -20.09
C TYR D 228 6.70 -10.47 -20.89
N PHE D 229 6.88 -9.42 -21.69
CA PHE D 229 5.78 -8.91 -22.49
C PHE D 229 5.44 -9.86 -23.64
N VAL D 230 6.44 -10.57 -24.16
CA VAL D 230 6.18 -11.55 -25.22
C VAL D 230 5.25 -12.63 -24.70
N ILE D 231 5.52 -13.16 -23.52
CA ILE D 231 4.67 -14.18 -22.93
C ILE D 231 3.38 -13.60 -22.38
N GLN D 232 3.31 -12.28 -22.18
CA GLN D 232 2.17 -11.64 -21.56
C GLN D 232 1.25 -10.95 -22.57
N THR D 233 1.83 -10.24 -23.54
CA THR D 233 1.04 -9.43 -24.47
C THR D 233 1.15 -9.90 -25.91
N TYR D 234 2.38 -10.03 -26.45
CA TYR D 234 2.53 -10.28 -27.87
C TYR D 234 1.93 -11.63 -28.26
N LEU D 235 2.33 -12.70 -27.56
CA LEU D 235 1.86 -14.03 -27.95
C LEU D 235 0.35 -14.17 -27.88
N PRO D 236 -0.32 -13.73 -26.81
CA PRO D 236 -1.80 -13.75 -26.85
C PRO D 236 -2.36 -12.98 -28.02
N CYS D 237 -1.76 -11.84 -28.36
CA CYS D 237 -2.20 -11.10 -29.54
C CYS D 237 -1.89 -11.86 -30.82
N ILE D 238 -0.69 -12.43 -30.91
CA ILE D 238 -0.32 -13.18 -32.12
C ILE D 238 -1.21 -14.39 -32.30
N MET D 239 -1.44 -15.17 -31.23
CA MET D 239 -2.34 -16.30 -31.30
C MET D 239 -3.80 -15.87 -31.46
N THR D 240 -4.16 -14.70 -30.94
CA THR D 240 -5.51 -14.20 -31.12
C THR D 240 -5.80 -13.92 -32.59
N VAL D 241 -4.84 -13.37 -33.32
CA VAL D 241 -5.02 -13.10 -34.75
C VAL D 241 -5.20 -14.41 -35.51
N ILE D 242 -4.39 -15.42 -35.19
CA ILE D 242 -4.47 -16.70 -35.89
C ILE D 242 -5.85 -17.32 -35.71
N LEU D 243 -6.43 -17.17 -34.52
CA LEU D 243 -7.74 -17.75 -34.26
C LEU D 243 -8.78 -17.21 -35.24
N SER D 244 -8.76 -15.91 -35.52
CA SER D 244 -9.70 -15.34 -36.46
C SER D 244 -9.49 -15.91 -37.86
N GLN D 245 -8.24 -16.07 -38.26
CA GLN D 245 -7.95 -16.54 -39.62
C GLN D 245 -8.47 -17.94 -39.87
N VAL D 246 -8.76 -18.71 -38.81
CA VAL D 246 -9.34 -20.03 -38.98
C VAL D 246 -10.72 -19.92 -39.62
N SER D 247 -11.41 -18.79 -39.41
CA SER D 247 -12.75 -18.62 -39.95
C SER D 247 -12.75 -18.74 -41.47
N PHE D 248 -11.67 -18.30 -42.13
CA PHE D 248 -11.62 -18.38 -43.58
C PHE D 248 -11.61 -19.81 -44.10
N TRP D 249 -11.31 -20.78 -43.24
CA TRP D 249 -11.34 -22.19 -43.60
C TRP D 249 -12.67 -22.85 -43.29
N LEU D 250 -13.76 -22.08 -43.29
CA LEU D 250 -15.08 -22.58 -42.97
C LEU D 250 -16.05 -22.21 -44.08
N ASN D 251 -17.13 -22.99 -44.17
CA ASN D 251 -18.13 -22.75 -45.20
C ASN D 251 -18.78 -21.38 -45.00
N ARG D 252 -19.07 -20.72 -46.13
CA ARG D 252 -19.63 -19.38 -46.06
C ARG D 252 -20.99 -19.37 -45.37
N GLU D 253 -21.84 -20.35 -45.66
CA GLU D 253 -23.18 -20.38 -45.09
C GLU D 253 -23.16 -20.57 -43.58
N SER D 254 -22.04 -21.00 -43.00
CA SER D 254 -21.95 -21.14 -41.55
C SER D 254 -21.84 -19.78 -40.90
N VAL D 255 -22.92 -19.00 -40.95
CA VAL D 255 -22.89 -17.63 -40.45
C VAL D 255 -22.61 -17.62 -38.95
N ALA D 256 -23.28 -18.50 -38.20
CA ALA D 256 -23.11 -18.51 -36.75
C ALA D 256 -21.69 -18.88 -36.36
N ALA D 257 -21.12 -19.89 -37.02
CA ALA D 257 -19.79 -20.36 -36.65
C ALA D 257 -18.75 -19.27 -36.84
N ARG D 258 -18.71 -18.67 -38.04
CA ARG D 258 -17.71 -17.64 -38.31
C ARG D 258 -17.97 -16.39 -37.47
N THR D 259 -19.23 -16.14 -37.11
CA THR D 259 -19.54 -14.97 -36.30
C THR D 259 -18.86 -15.05 -34.94
N VAL D 260 -18.87 -16.23 -34.32
CA VAL D 260 -18.27 -16.39 -33.00
C VAL D 260 -16.78 -16.11 -33.06
N PHE D 261 -16.10 -16.63 -34.08
CA PHE D 261 -14.66 -16.40 -34.21
C PHE D 261 -14.34 -14.92 -34.25
N GLY D 262 -14.91 -14.20 -35.21
CA GLY D 262 -14.59 -12.79 -35.34
C GLY D 262 -15.05 -11.97 -34.15
N VAL D 263 -16.29 -12.19 -33.71
CA VAL D 263 -16.84 -11.39 -32.63
C VAL D 263 -16.06 -11.63 -31.34
N THR D 264 -15.89 -12.90 -30.97
CA THR D 264 -15.16 -13.22 -29.75
C THR D 264 -13.71 -12.75 -29.84
N THR D 265 -13.09 -12.95 -31.01
CA THR D 265 -11.68 -12.56 -31.17
C THR D 265 -11.50 -11.06 -30.99
N VAL D 266 -12.40 -10.25 -31.56
CA VAL D 266 -12.25 -8.80 -31.49
C VAL D 266 -12.31 -8.32 -30.06
N LEU D 267 -13.29 -8.80 -29.30
CA LEU D 267 -13.40 -8.39 -27.90
C LEU D 267 -12.19 -8.86 -27.10
N THR D 268 -11.73 -10.08 -27.34
CA THR D 268 -10.54 -10.56 -26.66
C THR D 268 -9.33 -9.71 -27.00
N MET D 269 -9.25 -9.23 -28.24
CA MET D 269 -8.18 -8.33 -28.63
C MET D 269 -8.27 -7.03 -27.83
N THR D 270 -9.48 -6.51 -27.63
CA THR D 270 -9.65 -5.24 -26.93
C THR D 270 -9.19 -5.35 -25.48
N THR D 271 -9.64 -6.39 -24.77
CA THR D 271 -9.31 -6.50 -23.35
C THR D 271 -7.82 -6.63 -23.11
N LEU D 272 -7.10 -7.27 -24.04
CA LEU D 272 -5.65 -7.37 -23.90
C LEU D 272 -5.01 -5.99 -23.89
N SER D 273 -5.48 -5.09 -24.74
CA SER D 273 -4.97 -3.72 -24.74
C SER D 273 -5.23 -3.05 -23.40
N ILE D 274 -6.43 -3.23 -22.85
CA ILE D 274 -6.76 -2.63 -21.56
C ILE D 274 -5.87 -3.21 -20.47
N SER D 275 -5.73 -4.53 -20.44
CA SER D 275 -4.94 -5.18 -19.40
C SER D 275 -3.46 -4.84 -19.54
N ALA D 276 -2.96 -4.75 -20.77
CA ALA D 276 -1.54 -4.52 -20.98
C ALA D 276 -1.09 -3.19 -20.37
N ARG D 277 -1.89 -2.13 -20.56
CA ARG D 277 -1.51 -0.82 -20.07
C ARG D 277 -1.66 -0.66 -18.57
N ASN D 278 -2.29 -1.63 -17.90
CA ASN D 278 -2.44 -1.53 -16.45
C ASN D 278 -1.08 -1.43 -15.76
N SER D 279 -0.15 -2.33 -16.13
CA SER D 279 1.19 -2.26 -15.58
C SER D 279 1.94 -1.04 -16.11
N LEU D 280 1.75 -0.73 -17.39
CA LEU D 280 2.45 0.39 -18.00
C LEU D 280 1.97 1.71 -17.38
N PRO D 281 2.87 2.70 -17.28
CA PRO D 281 2.43 4.02 -16.78
C PRO D 281 1.44 4.66 -17.72
N LYS D 282 0.59 5.52 -17.15
CA LYS D 282 -0.45 6.21 -17.91
C LYS D 282 0.18 7.33 -18.74
N VAL D 283 0.88 6.91 -19.78
CA VAL D 283 1.54 7.85 -20.68
C VAL D 283 0.54 8.34 -21.72
N ALA D 284 0.59 9.64 -22.01
CA ALA D 284 -0.35 10.26 -22.95
C ALA D 284 0.18 10.25 -24.38
N TYR D 285 0.56 9.08 -24.85
CA TYR D 285 0.99 8.90 -26.24
C TYR D 285 1.04 7.40 -26.53
N ALA D 286 1.30 7.07 -27.78
CA ALA D 286 1.26 5.69 -28.25
C ALA D 286 2.66 5.10 -28.25
N THR D 287 2.79 3.91 -27.67
CA THR D 287 4.06 3.18 -27.65
C THR D 287 4.12 2.21 -28.82
N ALA D 288 5.30 1.61 -28.99
CA ALA D 288 5.47 0.64 -30.07
C ALA D 288 4.53 -0.55 -29.89
N MET D 289 4.38 -1.01 -28.65
CA MET D 289 3.47 -2.13 -28.39
C MET D 289 2.05 -1.78 -28.77
N ASP D 290 1.63 -0.53 -28.50
CA ASP D 290 0.28 -0.12 -28.86
C ASP D 290 0.05 -0.20 -30.36
N TRP D 291 1.04 0.23 -31.16
CA TRP D 291 0.91 0.10 -32.61
C TRP D 291 0.80 -1.35 -33.02
N PHE D 292 1.58 -2.23 -32.40
CA PHE D 292 1.47 -3.65 -32.70
C PHE D 292 0.09 -4.18 -32.38
N ILE D 293 -0.47 -3.77 -31.24
CA ILE D 293 -1.82 -4.20 -30.87
C ILE D 293 -2.83 -3.70 -31.89
N ALA D 294 -2.69 -2.43 -32.30
CA ALA D 294 -3.63 -1.88 -33.27
C ALA D 294 -3.59 -2.65 -34.58
N VAL D 295 -2.39 -2.98 -35.05
CA VAL D 295 -2.27 -3.76 -36.27
C VAL D 295 -2.95 -5.12 -36.11
N CYS D 296 -2.71 -5.78 -34.99
CA CYS D 296 -3.39 -7.04 -34.72
C CYS D 296 -4.90 -6.84 -34.67
N TYR D 297 -5.34 -5.70 -34.12
CA TYR D 297 -6.78 -5.40 -34.11
C TYR D 297 -7.32 -5.28 -35.51
N ALA D 298 -6.55 -4.67 -36.42
CA ALA D 298 -7.01 -4.50 -37.79
C ALA D 298 -7.22 -5.84 -38.47
N PHE D 299 -6.28 -6.78 -38.28
CA PHE D 299 -6.40 -8.08 -38.93
C PHE D 299 -7.67 -8.80 -38.49
N VAL D 300 -7.88 -8.89 -37.18
CA VAL D 300 -9.08 -9.57 -36.67
C VAL D 300 -10.33 -8.80 -37.08
N PHE D 301 -10.31 -7.48 -36.95
CA PHE D 301 -11.45 -6.67 -37.34
C PHE D 301 -11.70 -6.77 -38.83
N SER D 302 -10.64 -6.71 -39.64
CA SER D 302 -10.80 -6.79 -41.09
C SER D 302 -11.37 -8.13 -41.51
N ALA D 303 -10.92 -9.21 -40.87
CA ALA D 303 -11.46 -10.53 -41.19
C ALA D 303 -12.96 -10.56 -40.98
N LEU D 304 -13.44 -9.93 -39.91
CA LEU D 304 -14.88 -9.85 -39.69
C LEU D 304 -15.58 -9.09 -40.80
N LEU D 305 -14.97 -8.00 -41.27
CA LEU D 305 -15.56 -7.24 -42.37
C LEU D 305 -15.64 -8.09 -43.63
N GLU D 306 -14.60 -8.87 -43.91
CA GLU D 306 -14.63 -9.73 -45.09
C GLU D 306 -15.77 -10.73 -45.01
N PHE D 307 -15.97 -11.34 -43.84
CA PHE D 307 -17.07 -12.27 -43.67
C PHE D 307 -18.41 -11.58 -43.86
N ALA D 308 -18.56 -10.38 -43.27
CA ALA D 308 -19.80 -9.64 -43.43
C ALA D 308 -20.02 -9.26 -44.90
N PHE D 309 -18.98 -8.79 -45.57
CA PHE D 309 -19.10 -8.43 -46.97
C PHE D 309 -19.43 -9.64 -47.83
N VAL D 310 -18.79 -10.77 -47.54
CA VAL D 310 -19.04 -11.99 -48.32
C VAL D 310 -20.50 -12.41 -48.18
N ASN D 311 -21.01 -12.41 -46.95
CA ASN D 311 -22.39 -12.79 -46.73
C ASN D 311 -23.37 -11.81 -47.36
N TYR D 312 -22.95 -10.57 -47.61
CA TYR D 312 -23.81 -9.59 -48.23
C TYR D 312 -23.95 -9.79 -49.72
N ILE D 313 -23.03 -10.51 -50.36
CA ILE D 313 -23.07 -10.73 -51.80
C ILE D 313 -23.22 -12.19 -52.18
N THR D 314 -23.12 -13.12 -51.23
CA THR D 314 -23.21 -14.53 -51.57
C THR D 314 -24.57 -14.88 -52.18
N LYS D 315 -25.59 -14.07 -51.95
CA LYS D 315 -26.91 -14.29 -52.52
C LYS D 315 -27.08 -13.64 -53.89
N SER D 316 -26.10 -12.87 -54.36
CA SER D 316 -26.16 -12.20 -55.64
C SER D 316 -25.08 -12.65 -56.60
N GLN D 317 -23.82 -12.68 -56.15
CA GLN D 317 -22.69 -13.07 -56.98
C GLN D 317 -21.84 -14.09 -56.22
N PRO D 318 -22.32 -15.33 -56.11
CA PRO D 318 -21.55 -16.34 -55.38
C PRO D 318 -20.16 -16.58 -55.94
N ALA D 319 -19.96 -16.38 -57.23
CA ALA D 319 -18.67 -16.70 -57.85
C ALA D 319 -17.55 -15.89 -57.21
N ARG D 320 -17.77 -14.59 -57.02
CA ARG D 320 -16.73 -13.76 -56.42
C ARG D 320 -16.60 -14.01 -54.93
N ALA D 321 -17.68 -14.43 -54.27
CA ALA D 321 -17.62 -14.66 -52.84
C ALA D 321 -16.62 -15.74 -52.49
N ALA D 322 -16.64 -16.85 -53.23
CA ALA D 322 -15.70 -17.94 -52.96
C ALA D 322 -14.26 -17.51 -53.22
N LYS D 323 -14.04 -16.72 -54.27
CA LYS D 323 -12.69 -16.28 -54.59
C LYS D 323 -12.08 -15.46 -53.46
N ILE D 324 -12.86 -14.54 -52.89
CA ILE D 324 -12.35 -13.70 -51.81
C ILE D 324 -12.02 -14.55 -50.59
N ASP D 325 -12.93 -15.47 -50.23
CA ASP D 325 -12.71 -16.30 -49.06
C ASP D 325 -11.47 -17.17 -49.23
N LYS D 326 -11.32 -17.80 -50.40
CA LYS D 326 -10.14 -18.61 -50.65
C LYS D 326 -8.88 -17.75 -50.69
N MET D 327 -8.96 -16.58 -51.32
CA MET D 327 -7.81 -15.69 -51.37
C MET D 327 -7.39 -15.23 -49.98
N SER D 328 -8.37 -14.93 -49.11
CA SER D 328 -8.05 -14.46 -47.77
C SER D 328 -7.21 -15.47 -47.01
N ARG D 329 -7.36 -16.76 -47.30
CA ARG D 329 -6.58 -17.78 -46.62
C ARG D 329 -5.10 -17.65 -46.90
N ILE D 330 -4.72 -16.96 -47.97
CA ILE D 330 -3.32 -16.83 -48.36
C ILE D 330 -2.82 -15.39 -48.25
N VAL D 331 -3.69 -14.43 -47.98
CA VAL D 331 -3.29 -13.02 -47.93
C VAL D 331 -3.03 -12.61 -46.48
N PHE D 332 -4.07 -12.70 -45.64
CA PHE D 332 -3.95 -12.25 -44.25
C PHE D 332 -2.79 -12.90 -43.50
N PRO D 333 -2.59 -14.21 -43.57
CA PRO D 333 -1.42 -14.78 -42.87
C PRO D 333 -0.10 -14.20 -43.33
N ILE D 334 0.03 -13.91 -44.63
CA ILE D 334 1.28 -13.39 -45.15
C ILE D 334 1.52 -11.97 -44.66
N LEU D 335 0.48 -11.13 -44.72
CA LEU D 335 0.63 -9.74 -44.30
C LEU D 335 1.00 -9.66 -42.82
N PHE D 336 0.33 -10.44 -41.98
CA PHE D 336 0.67 -10.45 -40.56
C PHE D 336 2.09 -10.95 -40.34
N GLY D 337 2.48 -12.01 -41.04
CA GLY D 337 3.85 -12.48 -40.94
C GLY D 337 4.85 -11.46 -41.44
N THR D 338 4.54 -10.82 -42.57
CA THR D 338 5.43 -9.80 -43.11
C THR D 338 5.56 -8.62 -42.15
N PHE D 339 4.44 -8.21 -41.55
CA PHE D 339 4.47 -7.07 -40.63
C PHE D 339 5.37 -7.36 -39.43
N ASN D 340 5.32 -8.58 -38.90
CA ASN D 340 6.12 -8.90 -37.73
C ASN D 340 7.61 -8.75 -38.02
N LEU D 341 8.07 -9.23 -39.17
CA LEU D 341 9.47 -9.13 -39.50
C LEU D 341 9.93 -7.67 -39.54
N VAL D 342 9.13 -6.81 -40.17
CA VAL D 342 9.45 -5.39 -40.20
C VAL D 342 9.41 -4.80 -38.80
N TYR D 343 8.37 -5.15 -38.02
CA TYR D 343 8.24 -4.60 -36.69
C TYR D 343 9.39 -5.04 -35.80
N TRP D 344 9.66 -6.34 -35.73
CA TRP D 344 10.73 -6.83 -34.86
C TRP D 344 12.09 -6.37 -35.34
N ALA D 345 12.34 -6.43 -36.65
CA ALA D 345 13.64 -6.02 -37.18
C ALA D 345 13.89 -4.54 -36.92
N THR D 346 12.87 -3.70 -37.10
CA THR D 346 13.05 -2.27 -36.91
C THR D 346 13.41 -1.94 -35.47
N TYR D 347 12.74 -2.56 -34.51
CA TYR D 347 12.93 -2.24 -33.11
C TYR D 347 14.00 -3.10 -32.44
N LEU D 348 14.53 -4.12 -33.13
CA LEU D 348 15.63 -4.92 -32.62
C LEU D 348 16.96 -4.57 -33.27
N ASN D 349 17.01 -3.48 -34.04
CA ASN D 349 18.24 -3.06 -34.70
C ASN D 349 18.73 -1.73 -34.14
N ASN E 14 21.28 -2.83 50.60
CA ASN E 14 22.33 -3.63 49.90
C ASN E 14 22.19 -3.46 48.39
N ILE E 15 21.62 -2.33 47.97
CA ILE E 15 21.44 -2.05 46.55
C ILE E 15 22.43 -0.99 46.12
N THR E 16 22.78 -0.08 47.04
CA THR E 16 23.73 0.98 46.72
C THR E 16 25.10 0.43 46.34
N ILE E 17 25.43 -0.78 46.80
CA ILE E 17 26.71 -1.38 46.43
C ILE E 17 26.79 -1.58 44.93
N PHE E 18 25.70 -2.04 44.31
CA PHE E 18 25.69 -2.23 42.86
C PHE E 18 25.90 -0.90 42.13
N THR E 19 25.30 0.17 42.63
CA THR E 19 25.47 1.48 41.99
C THR E 19 26.93 1.90 42.01
N ARG E 20 27.62 1.71 43.14
CA ARG E 20 29.03 2.08 43.22
C ARG E 20 29.86 1.26 42.25
N ILE E 21 29.58 -0.06 42.16
CA ILE E 21 30.31 -0.90 41.22
C ILE E 21 30.05 -0.44 39.79
N LEU E 22 28.79 -0.14 39.46
CA LEU E 22 28.46 0.28 38.12
C LEU E 22 29.15 1.59 37.77
N ASP E 23 29.17 2.54 38.70
CA ASP E 23 29.78 3.83 38.42
C ASP E 23 31.26 3.70 38.09
N GLY E 24 31.96 2.84 38.82
CA GLY E 24 33.38 2.65 38.56
C GLY E 24 33.66 2.18 37.15
N LEU E 25 32.80 1.30 36.62
CA LEU E 25 33.00 0.79 35.27
C LEU E 25 32.92 1.90 34.24
N LEU E 26 31.96 2.80 34.38
CA LEU E 26 31.78 3.89 33.44
C LEU E 26 32.74 5.05 33.68
N ASP E 27 33.50 5.03 34.76
CA ASP E 27 34.46 6.09 35.04
C ASP E 27 35.66 5.94 34.12
N GLY E 28 35.77 6.84 33.14
CA GLY E 28 36.87 6.78 32.19
C GLY E 28 36.72 5.76 31.10
N TYR E 29 35.53 5.18 30.92
CA TYR E 29 35.29 4.19 29.88
C TYR E 29 34.95 4.93 28.59
N ASP E 30 35.83 4.81 27.60
CA ASP E 30 35.64 5.45 26.30
C ASP E 30 34.87 4.50 25.40
N ASN E 31 33.65 4.89 25.02
CA ASN E 31 32.81 4.06 24.18
C ASN E 31 33.12 4.21 22.70
N ARG E 32 34.05 5.08 22.33
CA ARG E 32 34.47 5.25 20.94
C ARG E 32 35.62 4.33 20.58
N LEU E 33 36.15 3.56 21.52
CA LEU E 33 37.31 2.70 21.30
C LEU E 33 36.93 1.26 21.60
N ARG E 34 37.29 0.35 20.70
CA ARG E 34 37.01 -1.06 20.92
C ARG E 34 37.92 -1.61 22.01
N PRO E 35 37.50 -2.67 22.69
CA PRO E 35 38.37 -3.31 23.68
C PRO E 35 39.62 -3.89 23.03
N GLY E 36 40.71 -3.88 23.79
CA GLY E 36 41.97 -4.42 23.28
C GLY E 36 42.47 -3.67 22.06
N LEU E 37 42.35 -2.34 22.07
CA LEU E 37 42.81 -1.55 20.93
C LEU E 37 44.33 -1.55 20.87
N GLY E 38 44.87 -1.86 19.70
CA GLY E 38 46.30 -1.87 19.51
C GLY E 38 47.03 -2.87 20.39
N GLU E 39 46.33 -3.90 20.89
CA GLU E 39 46.94 -4.91 21.73
C GLU E 39 46.64 -6.31 21.22
N ARG E 40 45.49 -6.48 20.59
CA ARG E 40 45.06 -7.78 20.07
C ARG E 40 43.90 -7.54 19.11
N ILE E 41 43.26 -8.62 18.68
CA ILE E 41 42.12 -8.55 17.78
C ILE E 41 40.88 -8.96 18.56
N THR E 42 39.87 -8.08 18.55
CA THR E 42 38.64 -8.35 19.27
C THR E 42 37.91 -9.53 18.63
N GLN E 43 37.46 -10.46 19.47
CA GLN E 43 36.75 -11.64 19.02
C GLN E 43 35.31 -11.58 19.51
N VAL E 44 34.36 -11.75 18.59
CA VAL E 44 32.94 -11.66 18.88
C VAL E 44 32.30 -12.99 18.57
N ARG E 45 31.57 -13.54 19.54
CA ARG E 45 30.83 -14.78 19.38
C ARG E 45 29.35 -14.45 19.27
N THR E 46 28.71 -14.96 18.21
CA THR E 46 27.33 -14.61 17.89
C THR E 46 26.46 -15.85 17.82
N ASP E 47 25.26 -15.74 18.36
CA ASP E 47 24.23 -16.77 18.24
C ASP E 47 22.92 -16.11 17.91
N MET E 48 22.04 -16.84 17.23
CA MET E 48 20.78 -16.31 16.73
C MET E 48 19.65 -17.26 17.06
N TYR E 49 18.47 -16.68 17.31
CA TYR E 49 17.24 -17.42 17.52
C TYR E 49 16.15 -16.76 16.69
N VAL E 50 15.63 -17.50 15.70
CA VAL E 50 14.63 -16.97 14.79
C VAL E 50 13.27 -17.15 15.45
N ASN E 51 12.72 -16.06 15.98
CA ASN E 51 11.40 -16.12 16.60
C ASN E 51 10.34 -16.49 15.58
N SER E 52 10.40 -15.92 14.38
CA SER E 52 9.42 -16.20 13.35
C SER E 52 10.00 -15.80 12.00
N PHE E 53 9.90 -16.71 11.03
CA PHE E 53 10.35 -16.44 9.67
C PHE E 53 9.20 -15.74 8.93
N GLY E 54 9.34 -14.44 8.72
CA GLY E 54 8.29 -13.65 8.13
C GLY E 54 7.95 -14.10 6.72
N PRO E 55 6.91 -13.49 6.14
CA PRO E 55 6.50 -13.89 4.79
C PRO E 55 7.57 -13.59 3.77
N VAL E 56 7.62 -14.42 2.73
CA VAL E 56 8.56 -14.28 1.63
C VAL E 56 7.82 -13.63 0.46
N SER E 57 8.24 -12.41 0.10
CA SER E 57 7.63 -11.68 -1.01
C SER E 57 8.39 -12.04 -2.28
N ASP E 58 7.82 -12.94 -3.08
CA ASP E 58 8.47 -13.33 -4.33
C ASP E 58 8.58 -12.14 -5.28
N THR E 59 7.54 -11.30 -5.32
CA THR E 59 7.55 -10.17 -6.23
C THR E 59 8.71 -9.23 -5.94
N GLU E 60 8.96 -8.94 -4.66
CA GLU E 60 10.04 -8.06 -4.25
C GLU E 60 11.32 -8.79 -3.91
N MET E 61 11.35 -10.12 -4.03
CA MET E 61 12.54 -10.90 -3.75
C MET E 61 13.08 -10.61 -2.35
N GLU E 62 12.17 -10.54 -1.38
CA GLU E 62 12.54 -10.26 0.00
C GLU E 62 11.80 -11.19 0.94
N TYR E 63 12.36 -11.35 2.14
CA TYR E 63 11.77 -12.20 3.16
C TYR E 63 11.96 -11.54 4.52
N THR E 64 10.86 -11.27 5.21
CA THR E 64 10.93 -10.72 6.55
C THR E 64 11.29 -11.82 7.55
N ILE E 65 11.95 -11.40 8.64
CA ILE E 65 12.38 -12.34 9.66
C ILE E 65 12.55 -11.58 10.97
N ASP E 66 12.23 -12.25 12.07
CA ASP E 66 12.43 -11.71 13.41
C ASP E 66 13.39 -12.63 14.17
N ILE E 67 14.39 -12.03 14.81
CA ILE E 67 15.45 -12.78 15.46
C ILE E 67 15.85 -12.10 16.76
N PHE E 68 16.24 -12.91 17.73
CA PHE E 68 16.84 -12.40 18.97
C PHE E 68 18.36 -12.46 18.84
N PHE E 69 18.87 -11.62 17.96
CA PHE E 69 20.31 -11.60 17.68
C PHE E 69 21.09 -11.35 18.95
N ALA E 70 22.15 -12.13 19.16
CA ALA E 70 22.96 -12.07 20.36
C ALA E 70 24.43 -11.99 20.00
N GLN E 71 25.18 -11.26 20.83
CA GLN E 71 26.61 -11.09 20.62
C GLN E 71 27.32 -11.23 21.96
N THR E 72 28.59 -11.64 21.91
CA THR E 72 29.40 -11.82 23.09
C THR E 72 30.84 -11.45 22.78
N TRP E 73 31.48 -10.76 23.72
CA TRP E 73 32.87 -10.37 23.57
C TRP E 73 33.46 -10.11 24.95
N LYS E 74 34.79 -10.05 24.99
CA LYS E 74 35.53 -9.88 26.23
C LYS E 74 36.05 -8.45 26.32
N ASP E 75 35.78 -7.80 27.44
CA ASP E 75 36.24 -6.44 27.70
C ASP E 75 36.79 -6.37 29.11
N GLU E 76 38.09 -6.11 29.23
CA GLU E 76 38.72 -6.05 30.54
C GLU E 76 38.36 -4.77 31.29
N ARG E 77 37.97 -3.72 30.58
CA ARG E 77 37.63 -2.45 31.23
C ARG E 77 36.42 -2.59 32.14
N LEU E 78 35.59 -3.60 31.93
CA LEU E 78 34.39 -3.82 32.72
C LEU E 78 34.60 -4.79 33.87
N ARG E 79 35.84 -5.21 34.12
CA ARG E 79 36.11 -6.12 35.22
C ARG E 79 35.69 -5.51 36.55
N PHE E 80 35.11 -6.35 37.41
CA PHE E 80 34.69 -5.90 38.72
C PHE E 80 34.66 -7.11 39.66
N LYS E 81 34.62 -6.82 40.96
CA LYS E 81 34.53 -7.84 41.99
C LYS E 81 33.41 -7.47 42.95
N GLY E 82 32.52 -8.42 43.21
CA GLY E 82 31.41 -8.20 44.09
C GLY E 82 30.67 -9.48 44.43
N PRO E 83 29.69 -9.39 45.33
CA PRO E 83 28.95 -10.60 45.72
C PRO E 83 28.23 -11.26 44.56
N MET E 84 27.75 -10.47 43.60
CA MET E 84 26.98 -10.99 42.48
C MET E 84 27.90 -11.20 41.28
N GLN E 85 27.82 -12.38 40.67
CA GLN E 85 28.67 -12.72 39.53
C GLN E 85 28.10 -12.21 38.20
N ARG E 86 26.87 -11.70 38.19
CA ARG E 86 26.24 -11.22 36.97
C ARG E 86 25.51 -9.91 37.26
N LEU E 87 25.38 -9.08 36.23
CA LEU E 87 24.75 -7.77 36.35
C LEU E 87 23.73 -7.61 35.23
N PRO E 88 22.53 -8.18 35.40
CA PRO E 88 21.46 -7.93 34.41
C PRO E 88 21.15 -6.44 34.32
N LEU E 89 20.91 -5.97 33.10
CA LEU E 89 20.67 -4.56 32.85
C LEU E 89 19.68 -4.43 31.70
N ASN E 90 19.54 -3.21 31.19
CA ASN E 90 18.61 -2.92 30.11
C ASN E 90 19.28 -1.93 29.16
N ASN E 91 18.49 -1.38 28.24
CA ASN E 91 19.04 -0.49 27.21
C ASN E 91 19.61 0.80 27.79
N LEU E 92 19.29 1.13 29.04
CA LEU E 92 19.74 2.40 29.60
C LEU E 92 21.26 2.50 29.60
N LEU E 93 21.95 1.42 29.99
CA LEU E 93 23.40 1.41 30.04
C LEU E 93 24.04 0.97 28.73
N ALA E 94 23.25 0.48 27.76
CA ALA E 94 23.84 -0.02 26.53
C ALA E 94 24.56 1.08 25.77
N SER E 95 23.97 2.27 25.70
CA SER E 95 24.58 3.37 24.96
C SER E 95 25.78 3.97 25.67
N LYS E 96 25.99 3.64 26.94
CA LYS E 96 27.09 4.21 27.70
C LYS E 96 28.42 3.50 27.47
N ILE E 97 28.43 2.39 26.74
CA ILE E 97 29.63 1.60 26.52
C ILE E 97 29.80 1.38 25.02
N TRP E 98 30.84 0.62 24.67
CA TRP E 98 31.15 0.32 23.28
C TRP E 98 30.44 -0.96 22.85
N THR E 99 29.86 -0.91 21.65
CA THR E 99 29.22 -2.06 21.04
C THR E 99 29.66 -2.16 19.59
N PRO E 100 29.68 -3.37 19.03
CA PRO E 100 30.11 -3.52 17.64
C PRO E 100 29.14 -2.84 16.68
N ASP E 101 29.69 -2.32 15.58
CA ASP E 101 28.89 -1.65 14.56
C ASP E 101 28.40 -2.68 13.53
N THR E 102 27.70 -3.68 14.03
CA THR E 102 27.20 -4.75 13.19
C THR E 102 26.12 -4.25 12.26
N PHE E 103 26.16 -4.71 11.01
CA PHE E 103 25.17 -4.36 10.01
C PHE E 103 24.93 -5.56 9.12
N PHE E 104 23.76 -5.58 8.47
CA PHE E 104 23.37 -6.67 7.58
C PHE E 104 23.63 -6.23 6.15
N HIS E 105 24.64 -6.83 5.53
CA HIS E 105 25.02 -6.46 4.17
C HIS E 105 23.88 -6.74 3.19
N ASN E 106 23.20 -7.87 3.35
CA ASN E 106 22.11 -8.25 2.46
C ASN E 106 20.79 -7.59 2.84
N GLY E 107 20.72 -6.92 3.98
CA GLY E 107 19.48 -6.31 4.40
C GLY E 107 19.13 -5.08 3.58
N LYS E 108 17.84 -4.75 3.56
CA LYS E 108 17.32 -3.59 2.86
C LYS E 108 16.76 -2.54 3.80
N LYS E 109 15.85 -2.93 4.69
CA LYS E 109 15.24 -2.00 5.64
C LYS E 109 14.90 -2.78 6.90
N SER E 110 15.68 -2.56 7.96
CA SER E 110 15.47 -3.22 9.25
C SER E 110 15.18 -2.17 10.30
N PHE E 111 14.11 -2.38 11.07
CA PHE E 111 13.69 -1.46 12.11
C PHE E 111 13.64 -2.21 13.44
N ALA E 112 14.06 -1.53 14.50
CA ALA E 112 14.13 -2.15 15.82
C ALA E 112 12.76 -2.12 16.49
N HIS E 113 12.66 -2.82 17.62
CA HIS E 113 11.44 -2.89 18.41
C HIS E 113 11.64 -2.05 19.66
N TRP E 114 10.89 -0.95 19.76
CA TRP E 114 10.97 -0.04 20.90
C TRP E 114 9.75 -0.16 21.80
N MET E 115 9.13 -1.33 21.84
CA MET E 115 7.90 -1.55 22.59
C MET E 115 8.05 -2.77 23.48
N THR E 116 7.67 -2.65 24.75
CA THR E 116 7.24 -1.43 25.43
C THR E 116 8.44 -0.53 25.68
N THR E 117 9.57 -1.17 25.98
CA THR E 117 10.85 -0.55 26.18
C THR E 117 11.83 -1.08 25.13
N PRO E 118 12.80 -0.28 24.68
CA PRO E 118 13.78 -0.80 23.71
C PRO E 118 14.27 -2.19 24.08
N ASN E 119 13.96 -3.17 23.24
CA ASN E 119 14.21 -4.57 23.56
C ASN E 119 15.69 -4.89 23.48
N ARG E 120 16.41 -4.62 24.57
CA ARG E 120 17.84 -4.91 24.63
C ARG E 120 18.18 -5.39 26.03
N MET E 121 18.89 -6.51 26.11
CA MET E 121 19.36 -7.09 27.36
C MET E 121 20.87 -7.08 27.36
N LEU E 122 21.46 -6.53 28.43
CA LEU E 122 22.90 -6.46 28.58
C LEU E 122 23.29 -7.13 29.89
N ARG E 123 24.22 -8.08 29.80
CA ARG E 123 24.68 -8.83 30.96
C ARG E 123 26.20 -8.79 31.01
N ILE E 124 26.73 -8.63 32.23
CA ILE E 124 28.16 -8.50 32.44
C ILE E 124 28.57 -9.42 33.57
N TRP E 125 29.70 -10.11 33.39
CA TRP E 125 30.28 -10.98 34.40
C TRP E 125 31.53 -10.34 34.99
N ASN E 126 31.90 -10.81 36.18
CA ASN E 126 33.07 -10.25 36.85
C ASN E 126 34.33 -10.40 36.01
N ASP E 127 34.41 -11.44 35.19
CA ASP E 127 35.58 -11.65 34.35
C ASP E 127 35.71 -10.60 33.26
N GLY E 128 34.66 -9.83 32.99
CA GLY E 128 34.66 -8.86 31.93
C GLY E 128 33.89 -9.28 30.69
N ARG E 129 33.47 -10.55 30.61
CA ARG E 129 32.69 -11.00 29.48
C ARG E 129 31.36 -10.26 29.41
N VAL E 130 30.90 -10.02 28.19
CA VAL E 130 29.71 -9.22 27.94
C VAL E 130 28.76 -9.99 27.04
N LEU E 131 27.48 -9.65 27.13
CA LEU E 131 26.44 -10.24 26.29
C LEU E 131 25.43 -9.16 25.97
N TYR E 132 25.32 -8.81 24.69
CA TYR E 132 24.43 -7.74 24.23
C TYR E 132 23.49 -8.34 23.19
N THR E 133 22.35 -8.86 23.66
CA THR E 133 21.34 -9.41 22.79
C THR E 133 20.35 -8.33 22.37
N LEU E 134 19.65 -8.60 21.27
CA LEU E 134 18.76 -7.60 20.68
C LEU E 134 17.74 -8.31 19.80
N ARG E 135 16.58 -7.68 19.64
CA ARG E 135 15.50 -8.19 18.83
C ARG E 135 15.38 -7.33 17.58
N LEU E 136 15.31 -7.98 16.41
CA LEU E 136 15.36 -7.30 15.14
C LEU E 136 14.27 -7.82 14.21
N THR E 137 13.88 -6.95 13.26
CA THR E 137 13.01 -7.32 12.16
C THR E 137 13.68 -6.85 10.88
N ILE E 138 14.02 -7.79 10.00
CA ILE E 138 14.86 -7.53 8.84
C ILE E 138 14.09 -7.89 7.59
N SER E 139 14.00 -6.94 6.65
CA SER E 139 13.41 -7.20 5.33
C SER E 139 14.52 -7.48 4.33
N ALA E 140 15.17 -8.63 4.52
CA ALA E 140 16.28 -9.01 3.69
C ALA E 140 15.81 -9.37 2.27
N GLU E 141 16.76 -9.38 1.35
CA GLU E 141 16.49 -9.65 -0.06
C GLU E 141 16.98 -11.07 -0.39
N CYS E 142 16.13 -11.83 -1.10
CA CYS E 142 16.45 -13.19 -1.49
C CYS E 142 16.45 -13.31 -3.01
N PRO E 143 17.62 -13.33 -3.65
CA PRO E 143 17.64 -13.51 -5.11
C PRO E 143 17.27 -14.93 -5.50
N MET E 144 16.14 -15.10 -6.17
CA MET E 144 15.60 -16.40 -6.52
C MET E 144 15.71 -16.64 -8.01
N ASP E 145 16.06 -17.87 -8.39
CA ASP E 145 16.14 -18.29 -9.78
C ASP E 145 14.92 -19.17 -10.06
N LEU E 146 13.88 -18.57 -10.61
CA LEU E 146 12.62 -19.27 -10.86
C LEU E 146 12.65 -20.00 -12.19
N GLU E 147 13.68 -20.81 -12.41
CA GLU E 147 13.77 -21.59 -13.64
C GLU E 147 12.92 -22.86 -13.55
N ASP E 148 12.83 -23.46 -12.37
CA ASP E 148 12.04 -24.67 -12.15
C ASP E 148 10.78 -24.37 -11.36
N PHE E 149 10.31 -23.12 -11.39
CA PHE E 149 9.12 -22.76 -10.63
C PHE E 149 7.93 -23.59 -11.11
N PRO E 150 7.06 -24.07 -10.21
CA PRO E 150 7.11 -23.93 -8.74
C PRO E 150 7.97 -24.98 -8.05
N MET E 151 8.55 -25.92 -8.78
CA MET E 151 9.41 -26.95 -8.19
C MET E 151 10.82 -26.38 -8.06
N ASP E 152 11.02 -25.57 -7.03
CA ASP E 152 12.29 -24.92 -6.80
C ASP E 152 12.66 -25.03 -5.32
N GLU E 153 13.97 -25.01 -5.06
CA GLU E 153 14.51 -25.06 -3.70
C GLU E 153 15.30 -23.78 -3.48
N GLN E 154 14.60 -22.72 -3.05
CA GLN E 154 15.25 -21.45 -2.83
C GLN E 154 16.17 -21.52 -1.62
N ASN E 155 17.29 -20.79 -1.72
CA ASN E 155 18.28 -20.71 -0.65
C ASN E 155 18.47 -19.23 -0.31
N CYS E 156 17.66 -18.73 0.59
CA CYS E 156 17.72 -17.32 0.96
C CYS E 156 18.78 -17.10 2.01
N PRO E 157 19.84 -16.33 1.73
CA PRO E 157 20.91 -16.14 2.70
C PRO E 157 20.70 -14.93 3.59
N LEU E 158 21.43 -14.92 4.70
CA LEU E 158 21.48 -13.79 5.61
C LEU E 158 22.94 -13.47 5.91
N LYS E 159 23.33 -12.22 5.73
CA LYS E 159 24.72 -11.80 5.87
C LYS E 159 24.80 -10.60 6.79
N PHE E 160 25.84 -10.58 7.63
CA PHE E 160 26.08 -9.44 8.49
C PHE E 160 27.55 -9.39 8.85
N GLY E 161 27.98 -8.23 9.34
CA GLY E 161 29.38 -8.06 9.70
C GLY E 161 29.62 -6.64 10.20
N SER E 162 30.88 -6.36 10.46
CA SER E 162 31.28 -5.04 10.93
C SER E 162 31.25 -4.04 9.80
N TYR E 163 30.79 -2.82 10.09
CA TYR E 163 30.73 -1.76 9.10
C TYR E 163 31.98 -0.89 9.11
N ALA E 164 32.66 -0.79 10.25
CA ALA E 164 33.83 0.08 10.38
C ALA E 164 35.09 -0.64 10.78
N TYR E 165 35.01 -1.81 11.41
CA TYR E 165 36.18 -2.52 11.90
C TYR E 165 36.55 -3.64 10.93
N PRO E 166 37.70 -3.58 10.27
CA PRO E 166 38.06 -4.66 9.33
C PRO E 166 38.31 -5.99 10.03
N ASN E 167 38.65 -7.01 9.23
CA ASN E 167 38.91 -8.34 9.78
C ASN E 167 40.14 -8.35 10.69
N SER E 168 41.04 -7.38 10.54
CA SER E 168 42.25 -7.35 11.36
C SER E 168 42.00 -6.86 12.77
N GLU E 169 40.81 -6.31 13.05
CA GLU E 169 40.48 -5.78 14.37
C GLU E 169 39.33 -6.53 15.02
N VAL E 170 38.24 -6.76 14.30
CA VAL E 170 37.06 -7.42 14.83
C VAL E 170 36.77 -8.63 13.97
N VAL E 171 36.55 -9.78 14.61
CA VAL E 171 36.27 -11.04 13.93
C VAL E 171 34.99 -11.62 14.53
N TYR E 172 34.08 -12.04 13.65
CA TYR E 172 32.83 -12.66 14.05
C TYR E 172 32.92 -14.17 13.86
N VAL E 173 32.56 -14.92 14.89
CA VAL E 173 32.60 -16.37 14.85
C VAL E 173 31.35 -16.91 15.52
N TRP E 174 30.77 -17.96 14.94
CA TRP E 174 29.62 -18.61 15.55
C TRP E 174 30.03 -19.33 16.82
N THR E 175 29.20 -19.22 17.85
CA THR E 175 29.51 -19.77 19.16
C THR E 175 29.06 -21.23 19.24
N ASN E 176 29.80 -22.01 20.04
CA ASN E 176 29.47 -23.41 20.29
C ASN E 176 29.27 -24.17 18.99
N GLY E 177 30.17 -23.92 18.04
CA GLY E 177 30.10 -24.60 16.76
C GLY E 177 29.01 -24.04 15.86
N SER E 178 28.77 -24.75 14.77
CA SER E 178 27.79 -24.37 13.77
C SER E 178 26.46 -25.11 13.93
N THR E 179 26.30 -25.88 15.00
CA THR E 179 25.08 -26.67 15.20
C THR E 179 24.02 -25.86 15.96
N LYS E 180 24.34 -25.43 17.17
CA LYS E 180 23.42 -24.69 18.01
C LYS E 180 23.55 -23.18 17.86
N SER E 181 24.39 -22.71 16.94
CA SER E 181 24.56 -21.27 16.77
C SER E 181 23.27 -20.61 16.31
N VAL E 182 22.55 -21.25 15.40
CA VAL E 182 21.30 -20.72 14.85
C VAL E 182 20.17 -21.68 15.23
N VAL E 183 19.11 -21.13 15.81
CA VAL E 183 17.96 -21.90 16.24
C VAL E 183 16.70 -21.26 15.68
N VAL E 184 15.77 -22.10 15.22
CA VAL E 184 14.51 -21.65 14.64
C VAL E 184 13.38 -22.22 15.48
N ALA E 185 12.44 -21.37 15.87
CA ALA E 185 11.30 -21.81 16.66
C ALA E 185 10.43 -22.77 15.85
N GLU E 186 9.84 -23.74 16.56
CA GLU E 186 8.99 -24.71 15.88
C GLU E 186 7.81 -24.04 15.19
N ASP E 187 7.15 -23.10 15.88
CA ASP E 187 6.04 -22.37 15.31
C ASP E 187 6.48 -21.12 14.56
N GLY E 188 7.75 -20.74 14.65
CA GLY E 188 8.22 -19.57 13.94
C GLY E 188 8.11 -19.72 12.44
N SER E 189 8.46 -20.90 11.92
CA SER E 189 8.37 -21.19 10.49
C SER E 189 6.91 -21.41 10.13
N ARG E 190 6.23 -20.33 9.77
CA ARG E 190 4.81 -20.39 9.45
C ARG E 190 4.55 -19.82 8.06
N LEU E 191 5.36 -20.22 7.09
CA LEU E 191 5.19 -19.76 5.73
C LEU E 191 4.03 -20.48 5.07
N ASN E 192 3.35 -19.79 4.16
CA ASN E 192 2.16 -20.33 3.51
C ASN E 192 2.49 -21.13 2.26
N GLN E 193 3.46 -20.67 1.46
CA GLN E 193 3.82 -21.31 0.21
C GLN E 193 5.23 -21.89 0.21
N TYR E 194 5.89 -21.92 1.36
CA TYR E 194 7.22 -22.48 1.48
C TYR E 194 7.31 -23.39 2.69
N HIS E 195 8.17 -24.39 2.60
CA HIS E 195 8.38 -25.37 3.67
C HIS E 195 9.87 -25.40 4.01
N LEU E 196 10.23 -24.79 5.14
CA LEU E 196 11.64 -24.76 5.54
C LEU E 196 12.13 -26.16 5.84
N MET E 197 13.33 -26.47 5.35
CA MET E 197 13.94 -27.79 5.54
C MET E 197 15.11 -27.76 6.51
N GLY E 198 15.96 -26.75 6.45
CA GLY E 198 17.10 -26.68 7.34
C GLY E 198 17.83 -25.37 7.17
N GLN E 199 18.90 -25.21 7.96
CA GLN E 199 19.70 -24.00 7.96
C GLN E 199 21.17 -24.36 7.91
N THR E 200 21.96 -23.50 7.27
CA THR E 200 23.40 -23.65 7.21
C THR E 200 24.05 -22.31 7.49
N VAL E 201 25.22 -22.35 8.13
CA VAL E 201 25.96 -21.16 8.51
C VAL E 201 27.37 -21.25 7.97
N GLY E 202 27.86 -20.15 7.39
CA GLY E 202 29.20 -20.13 6.83
C GLY E 202 29.87 -18.80 7.11
N THR E 203 31.18 -18.78 6.85
CA THR E 203 32.00 -17.59 7.05
C THR E 203 32.86 -17.35 5.83
N GLU E 204 33.15 -16.08 5.57
CA GLU E 204 33.98 -15.71 4.43
C GLU E 204 34.56 -14.33 4.67
N ASN E 205 35.60 -14.01 3.89
CA ASN E 205 36.26 -12.72 3.93
C ASN E 205 36.10 -12.02 2.59
N ILE E 206 35.85 -10.72 2.62
CA ILE E 206 35.72 -9.90 1.42
C ILE E 206 36.78 -8.82 1.47
N SER E 207 37.54 -8.68 0.38
CA SER E 207 38.63 -7.71 0.30
C SER E 207 38.12 -6.48 -0.44
N THR E 208 37.47 -5.59 0.31
CA THR E 208 36.96 -4.35 -0.24
C THR E 208 38.07 -3.30 -0.30
N SER E 209 37.71 -2.11 -0.77
CA SER E 209 38.68 -1.02 -0.84
C SER E 209 39.10 -0.53 0.54
N THR E 210 38.35 -0.89 1.58
CA THR E 210 38.63 -0.46 2.96
C THR E 210 39.14 -1.63 3.80
N GLY E 211 39.90 -2.52 3.19
CA GLY E 211 40.46 -3.66 3.90
C GLY E 211 39.54 -4.85 3.89
N GLU E 212 40.04 -5.94 4.47
CA GLU E 212 39.29 -7.18 4.56
C GLU E 212 38.23 -7.09 5.65
N TYR E 213 37.07 -7.69 5.39
CA TYR E 213 35.98 -7.73 6.35
C TYR E 213 35.45 -9.15 6.43
N THR E 214 35.37 -9.68 7.65
CA THR E 214 34.76 -10.99 7.85
C THR E 214 33.25 -10.90 7.72
N ILE E 215 32.64 -11.93 7.13
CA ILE E 215 31.21 -11.96 6.90
C ILE E 215 30.67 -13.27 7.46
N MET E 216 29.62 -13.17 8.27
CA MET E 216 28.90 -14.33 8.77
C MET E 216 27.68 -14.54 7.89
N THR E 217 27.60 -15.70 7.25
CA THR E 217 26.55 -16.01 6.30
C THR E 217 25.72 -17.17 6.81
N ALA E 218 24.40 -17.00 6.79
CA ALA E 218 23.46 -18.04 7.17
C ALA E 218 22.48 -18.26 6.03
N HIS E 219 22.31 -19.51 5.61
CA HIS E 219 21.42 -19.86 4.52
C HIS E 219 20.27 -20.71 5.05
N PHE E 220 19.05 -20.37 4.61
CA PHE E 220 17.86 -21.12 4.95
C PHE E 220 17.37 -21.86 3.71
N HIS E 221 17.28 -23.18 3.80
CA HIS E 221 16.84 -23.99 2.68
C HIS E 221 15.32 -24.01 2.64
N LEU E 222 14.75 -23.43 1.59
CA LEU E 222 13.30 -23.34 1.43
C LEU E 222 12.86 -24.27 0.31
N LYS E 223 11.89 -25.13 0.62
CA LYS E 223 11.29 -26.04 -0.35
C LYS E 223 9.84 -25.61 -0.54
N ARG E 224 9.53 -25.05 -1.71
CA ARG E 224 8.18 -24.60 -1.97
C ARG E 224 7.20 -25.76 -1.86
N LYS E 225 6.10 -25.53 -1.15
CA LYS E 225 5.07 -26.55 -0.94
C LYS E 225 3.99 -26.34 -2.00
N ILE E 226 3.94 -27.26 -2.95
CA ILE E 226 2.97 -27.16 -4.03
C ILE E 226 1.59 -27.56 -3.51
N GLY E 227 0.56 -27.10 -4.22
CA GLY E 227 -0.82 -27.38 -3.84
C GLY E 227 -1.71 -26.18 -4.04
N TYR E 228 -1.15 -24.98 -3.86
CA TYR E 228 -1.91 -23.76 -4.16
C TYR E 228 -2.01 -23.55 -5.66
N PHE E 229 -0.91 -23.76 -6.38
CA PHE E 229 -0.93 -23.59 -7.83
C PHE E 229 -1.72 -24.70 -8.51
N VAL E 230 -1.71 -25.91 -7.95
CA VAL E 230 -2.50 -27.00 -8.50
C VAL E 230 -3.98 -26.64 -8.48
N ILE E 231 -4.46 -26.13 -7.35
CA ILE E 231 -5.85 -25.73 -7.24
C ILE E 231 -6.13 -24.42 -7.97
N GLN E 232 -5.09 -23.65 -8.29
CA GLN E 232 -5.25 -22.34 -8.89
C GLN E 232 -4.98 -22.32 -10.39
N THR E 233 -3.94 -23.01 -10.84
CA THR E 233 -3.53 -22.94 -12.25
C THR E 233 -3.63 -24.29 -12.96
N TYR E 234 -3.02 -25.34 -12.41
CA TYR E 234 -2.94 -26.60 -13.15
C TYR E 234 -4.32 -27.20 -13.40
N LEU E 235 -5.12 -27.35 -12.35
CA LEU E 235 -6.41 -28.00 -12.50
C LEU E 235 -7.32 -27.26 -13.46
N PRO E 236 -7.48 -25.94 -13.37
CA PRO E 236 -8.25 -25.24 -14.42
C PRO E 236 -7.72 -25.49 -15.81
N CYS E 237 -6.39 -25.53 -15.97
CA CYS E 237 -5.82 -25.86 -17.27
C CYS E 237 -6.09 -27.31 -17.65
N ILE E 238 -5.93 -28.23 -16.70
CA ILE E 238 -6.18 -29.63 -16.98
C ILE E 238 -7.63 -29.87 -17.35
N MET E 239 -8.56 -29.32 -16.58
CA MET E 239 -9.98 -29.43 -16.90
C MET E 239 -10.35 -28.63 -18.14
N THR E 240 -9.64 -27.53 -18.42
CA THR E 240 -9.89 -26.78 -19.64
C THR E 240 -9.58 -27.61 -20.88
N VAL E 241 -8.50 -28.39 -20.85
CA VAL E 241 -8.16 -29.23 -21.98
C VAL E 241 -9.23 -30.29 -22.20
N ILE E 242 -9.70 -30.90 -21.11
CA ILE E 242 -10.71 -31.96 -21.24
C ILE E 242 -11.97 -31.42 -21.88
N LEU E 243 -12.33 -30.18 -21.56
CA LEU E 243 -13.54 -29.60 -22.12
C LEU E 243 -13.48 -29.57 -23.64
N SER E 244 -12.33 -29.20 -24.20
CA SER E 244 -12.20 -29.18 -25.66
C SER E 244 -12.35 -30.58 -26.25
N GLN E 245 -11.76 -31.58 -25.59
CA GLN E 245 -11.79 -32.94 -26.12
C GLN E 245 -13.21 -33.48 -26.21
N VAL E 246 -14.15 -32.90 -25.48
CA VAL E 246 -15.55 -33.34 -25.59
C VAL E 246 -16.08 -33.07 -26.98
N SER E 247 -15.52 -32.07 -27.68
CA SER E 247 -15.99 -31.75 -29.02
C SER E 247 -15.86 -32.93 -29.97
N PHE E 248 -14.83 -33.75 -29.79
CA PHE E 248 -14.62 -34.90 -30.67
C PHE E 248 -15.75 -35.92 -30.56
N TRP E 249 -16.54 -35.86 -29.49
CA TRP E 249 -17.68 -36.76 -29.30
C TRP E 249 -18.98 -36.15 -29.82
N LEU E 250 -18.90 -35.27 -30.82
CA LEU E 250 -20.06 -34.60 -31.37
C LEU E 250 -20.08 -34.78 -32.88
N ASN E 251 -21.28 -34.66 -33.45
CA ASN E 251 -21.44 -34.82 -34.89
C ASN E 251 -20.66 -33.75 -35.63
N ARG E 252 -20.09 -34.14 -36.77
CA ARG E 252 -19.26 -33.21 -37.53
C ARG E 252 -20.07 -32.02 -38.03
N GLU E 253 -21.29 -32.26 -38.51
CA GLU E 253 -22.11 -31.17 -39.05
C GLU E 253 -22.49 -30.14 -38.01
N SER E 254 -22.36 -30.46 -36.71
CA SER E 254 -22.66 -29.50 -35.66
C SER E 254 -21.56 -28.46 -35.59
N VAL E 255 -21.46 -27.61 -36.62
CA VAL E 255 -20.37 -26.64 -36.69
C VAL E 255 -20.45 -25.66 -35.52
N ALA E 256 -21.66 -25.16 -35.23
CA ALA E 256 -21.81 -24.17 -34.18
C ALA E 256 -21.45 -24.74 -32.82
N ALA E 257 -21.89 -25.98 -32.53
CA ALA E 257 -21.64 -26.57 -31.23
C ALA E 257 -20.15 -26.73 -30.97
N ARG E 258 -19.45 -27.39 -31.90
CA ARG E 258 -18.02 -27.61 -31.70
C ARG E 258 -17.23 -26.31 -31.73
N THR E 259 -17.73 -25.30 -32.44
CA THR E 259 -17.04 -24.02 -32.50
C THR E 259 -16.98 -23.38 -31.11
N VAL E 260 -18.07 -23.44 -30.36
CA VAL E 260 -18.10 -22.82 -29.04
C VAL E 260 -17.08 -23.48 -28.12
N PHE E 261 -16.99 -24.81 -28.15
CA PHE E 261 -16.04 -25.52 -27.31
C PHE E 261 -14.62 -25.04 -27.57
N GLY E 262 -14.16 -25.17 -28.81
CA GLY E 262 -12.79 -24.78 -29.11
C GLY E 262 -12.53 -23.31 -28.92
N VAL E 263 -13.43 -22.46 -29.42
CA VAL E 263 -13.21 -21.02 -29.35
C VAL E 263 -13.22 -20.56 -27.89
N THR E 264 -14.24 -20.94 -27.14
CA THR E 264 -14.32 -20.53 -25.74
C THR E 264 -13.16 -21.12 -24.94
N THR E 265 -12.81 -22.37 -25.21
CA THR E 265 -11.74 -23.01 -24.46
C THR E 265 -10.41 -22.30 -24.68
N VAL E 266 -10.12 -21.92 -25.93
CA VAL E 266 -8.82 -21.30 -26.23
C VAL E 266 -8.68 -19.98 -25.47
N LEU E 267 -9.71 -19.15 -25.52
CA LEU E 267 -9.65 -17.87 -24.82
C LEU E 267 -9.53 -18.08 -23.32
N THR E 268 -10.28 -19.03 -22.77
CA THR E 268 -10.18 -19.34 -21.35
C THR E 268 -8.77 -19.80 -21.00
N MET E 269 -8.14 -20.56 -21.90
CA MET E 269 -6.76 -20.97 -21.69
C MET E 269 -5.84 -19.75 -21.63
N THR E 270 -6.07 -18.77 -22.50
CA THR E 270 -5.20 -17.60 -22.56
C THR E 270 -5.28 -16.79 -21.27
N THR E 271 -6.50 -16.52 -20.79
CA THR E 271 -6.65 -15.67 -19.61
C THR E 271 -6.00 -16.29 -18.38
N LEU E 272 -6.02 -17.61 -18.28
CA LEU E 272 -5.37 -18.27 -17.15
C LEU E 272 -3.88 -17.97 -17.13
N SER E 273 -3.24 -17.97 -18.30
CA SER E 273 -1.83 -17.61 -18.36
C SER E 273 -1.62 -16.19 -17.88
N ILE E 274 -2.48 -15.27 -18.30
CA ILE E 274 -2.35 -13.86 -17.87
C ILE E 274 -2.54 -13.76 -16.37
N SER E 275 -3.59 -14.40 -15.84
CA SER E 275 -3.88 -14.30 -14.42
C SER E 275 -2.80 -14.98 -13.59
N ALA E 276 -2.26 -16.11 -14.07
CA ALA E 276 -1.29 -16.86 -13.29
C ALA E 276 -0.05 -16.04 -13.00
N ARG E 277 0.45 -15.32 -14.00
CA ARG E 277 1.68 -14.55 -13.83
C ARG E 277 1.48 -13.29 -13.00
N ASN E 278 0.25 -12.91 -12.70
CA ASN E 278 0.02 -11.71 -11.90
C ASN E 278 0.70 -11.84 -10.53
N SER E 279 0.50 -12.96 -9.85
CA SER E 279 1.18 -13.19 -8.59
C SER E 279 2.66 -13.42 -8.79
N LEU E 280 3.03 -14.12 -9.86
CA LEU E 280 4.42 -14.43 -10.11
C LEU E 280 5.19 -13.14 -10.45
N PRO E 281 6.47 -13.06 -10.07
CA PRO E 281 7.26 -11.89 -10.45
C PRO E 281 7.44 -11.81 -11.95
N LYS E 282 7.62 -10.58 -12.44
CA LYS E 282 7.78 -10.32 -13.87
C LYS E 282 9.18 -10.75 -14.31
N VAL E 283 9.37 -12.06 -14.37
CA VAL E 283 10.63 -12.64 -14.80
C VAL E 283 10.68 -12.68 -16.32
N ALA E 284 11.84 -12.35 -16.87
CA ALA E 284 12.02 -12.29 -18.32
C ALA E 284 12.52 -13.63 -18.88
N TYR E 285 11.80 -14.70 -18.57
CA TYR E 285 12.10 -16.03 -19.11
C TYR E 285 10.91 -16.93 -18.80
N ALA E 286 10.96 -18.15 -19.33
CA ALA E 286 9.86 -19.09 -19.23
C ALA E 286 10.09 -20.05 -18.08
N THR E 287 9.07 -20.22 -17.24
CA THR E 287 9.13 -21.16 -16.13
C THR E 287 8.53 -22.50 -16.54
N ALA E 288 8.67 -23.48 -15.65
CA ALA E 288 8.11 -24.80 -15.93
C ALA E 288 6.60 -24.73 -16.09
N MET E 289 5.93 -23.93 -15.25
CA MET E 289 4.49 -23.79 -15.36
C MET E 289 4.10 -23.21 -16.72
N ASP E 290 4.88 -22.25 -17.21
CA ASP E 290 4.58 -21.66 -18.51
C ASP E 290 4.62 -22.71 -19.62
N TRP E 291 5.62 -23.60 -19.58
CA TRP E 291 5.68 -24.66 -20.58
C TRP E 291 4.47 -25.57 -20.48
N PHE E 292 4.03 -25.89 -19.25
CA PHE E 292 2.84 -26.70 -19.08
C PHE E 292 1.62 -26.01 -19.67
N ILE E 293 1.49 -24.70 -19.44
CA ILE E 293 0.37 -23.95 -20.00
C ILE E 293 0.43 -23.97 -21.53
N ALA E 294 1.62 -23.78 -22.09
CA ALA E 294 1.76 -23.78 -23.54
C ALA E 294 1.33 -25.13 -24.13
N VAL E 295 1.75 -26.23 -23.50
CA VAL E 295 1.36 -27.55 -23.97
C VAL E 295 -0.16 -27.70 -23.92
N CYS E 296 -0.77 -27.27 -22.81
CA CYS E 296 -2.22 -27.30 -22.71
C CYS E 296 -2.85 -26.42 -23.79
N TYR E 297 -2.22 -25.29 -24.10
CA TYR E 297 -2.71 -24.43 -25.17
C TYR E 297 -2.67 -25.15 -26.51
N ALA E 298 -1.61 -25.93 -26.75
CA ALA E 298 -1.50 -26.65 -28.02
C ALA E 298 -2.63 -27.65 -28.18
N PHE E 299 -2.95 -28.39 -27.12
CA PHE E 299 -4.00 -29.40 -27.22
C PHE E 299 -5.34 -28.77 -27.58
N VAL E 300 -5.74 -27.73 -26.86
CA VAL E 300 -7.00 -27.06 -27.15
C VAL E 300 -6.95 -26.41 -28.52
N PHE E 301 -5.84 -25.73 -28.82
CA PHE E 301 -5.71 -25.09 -30.13
C PHE E 301 -5.68 -26.12 -31.25
N SER E 302 -4.95 -27.21 -31.04
CA SER E 302 -4.86 -28.25 -32.08
C SER E 302 -6.23 -28.88 -32.33
N ALA E 303 -7.01 -29.12 -31.27
CA ALA E 303 -8.34 -29.67 -31.44
C ALA E 303 -9.19 -28.78 -32.34
N LEU E 304 -9.07 -27.47 -32.18
CA LEU E 304 -9.80 -26.56 -33.05
C LEU E 304 -9.34 -26.70 -34.50
N LEU E 305 -8.04 -26.86 -34.71
CA LEU E 305 -7.54 -27.05 -36.07
C LEU E 305 -8.09 -28.32 -36.69
N GLU E 306 -8.15 -29.40 -35.91
CA GLU E 306 -8.71 -30.64 -36.42
C GLU E 306 -10.16 -30.46 -36.86
N PHE E 307 -10.96 -29.78 -36.04
CA PHE E 307 -12.34 -29.52 -36.41
C PHE E 307 -12.42 -28.67 -37.66
N ALA E 308 -11.60 -27.64 -37.77
CA ALA E 308 -11.59 -26.81 -38.97
C ALA E 308 -11.16 -27.61 -40.18
N PHE E 309 -10.11 -28.42 -40.04
CA PHE E 309 -9.65 -29.25 -41.15
C PHE E 309 -10.72 -30.26 -41.56
N VAL E 310 -11.37 -30.88 -40.58
CA VAL E 310 -12.40 -31.87 -40.88
C VAL E 310 -13.54 -31.23 -41.67
N ASN E 311 -14.00 -30.06 -41.23
CA ASN E 311 -15.08 -29.38 -41.92
C ASN E 311 -14.66 -28.94 -43.32
N TYR E 312 -13.37 -28.78 -43.56
CA TYR E 312 -12.88 -28.36 -44.87
C TYR E 312 -12.90 -29.50 -45.88
N ILE E 313 -12.93 -30.75 -45.43
CA ILE E 313 -12.90 -31.89 -46.33
C ILE E 313 -14.14 -32.77 -46.22
N THR E 314 -15.02 -32.53 -45.25
CA THR E 314 -16.20 -33.36 -45.10
C THR E 314 -17.11 -33.31 -46.33
N LYS E 315 -16.99 -32.26 -47.14
CA LYS E 315 -17.77 -32.14 -48.36
C LYS E 315 -17.10 -32.77 -49.57
N SER E 316 -15.88 -33.26 -49.43
CA SER E 316 -15.14 -33.88 -50.52
C SER E 316 -14.80 -35.34 -50.24
N GLN E 317 -14.24 -35.63 -49.08
CA GLN E 317 -13.85 -36.99 -48.70
C GLN E 317 -14.39 -37.30 -47.30
N PRO E 318 -15.69 -37.54 -47.18
CA PRO E 318 -16.26 -37.83 -45.85
C PRO E 318 -15.65 -39.03 -45.18
N ALA E 319 -15.16 -40.01 -45.96
CA ALA E 319 -14.66 -41.24 -45.36
C ALA E 319 -13.50 -40.98 -44.41
N ARG E 320 -12.55 -40.14 -44.84
CA ARG E 320 -11.41 -39.84 -43.99
C ARG E 320 -11.78 -38.90 -42.85
N ALA E 321 -12.80 -38.07 -43.04
CA ALA E 321 -13.20 -37.13 -42.00
C ALA E 321 -13.63 -37.85 -40.74
N ALA E 322 -14.45 -38.90 -40.90
CA ALA E 322 -14.92 -39.65 -39.74
C ALA E 322 -13.76 -40.35 -39.04
N LYS E 323 -12.82 -40.89 -39.81
CA LYS E 323 -11.70 -41.62 -39.21
C LYS E 323 -10.88 -40.71 -38.31
N ILE E 324 -10.60 -39.48 -38.77
CA ILE E 324 -9.79 -38.55 -37.97
C ILE E 324 -10.53 -38.19 -36.69
N ASP E 325 -11.82 -37.89 -36.80
CA ASP E 325 -12.60 -37.50 -35.63
C ASP E 325 -12.65 -38.63 -34.61
N LYS E 326 -12.92 -39.85 -35.07
CA LYS E 326 -12.95 -40.99 -34.16
C LYS E 326 -11.56 -41.25 -33.58
N MET E 327 -10.52 -41.15 -34.41
CA MET E 327 -9.16 -41.37 -33.92
C MET E 327 -8.79 -40.34 -32.86
N SER E 328 -9.18 -39.08 -33.08
CA SER E 328 -8.83 -38.02 -32.13
C SER E 328 -9.36 -38.32 -30.74
N ARG E 329 -10.47 -39.04 -30.64
CA ARG E 329 -11.03 -39.37 -29.34
C ARG E 329 -10.10 -40.26 -28.52
N ILE E 330 -9.16 -40.94 -29.17
CA ILE E 330 -8.24 -41.86 -28.49
C ILE E 330 -6.81 -41.39 -28.52
N VAL E 331 -6.48 -40.31 -29.24
CA VAL E 331 -5.11 -39.85 -29.36
C VAL E 331 -4.86 -38.72 -28.38
N PHE E 332 -5.61 -37.62 -28.52
CA PHE E 332 -5.39 -36.45 -27.69
C PHE E 332 -5.44 -36.76 -26.19
N PRO E 333 -6.42 -37.49 -25.68
CA PRO E 333 -6.41 -37.81 -24.25
C PRO E 333 -5.16 -38.54 -23.81
N ILE E 334 -4.65 -39.45 -24.65
CA ILE E 334 -3.48 -40.23 -24.28
C ILE E 334 -2.24 -39.34 -24.25
N LEU E 335 -2.06 -38.50 -25.26
CA LEU E 335 -0.89 -37.63 -25.32
C LEU E 335 -0.85 -36.69 -24.12
N PHE E 336 -1.99 -36.08 -23.79
CA PHE E 336 -2.05 -35.19 -22.64
C PHE E 336 -1.76 -35.95 -21.36
N GLY E 337 -2.33 -37.15 -21.21
CA GLY E 337 -2.03 -37.96 -20.04
C GLY E 337 -0.57 -38.37 -19.99
N THR E 338 -0.02 -38.77 -21.14
CA THR E 338 1.39 -39.15 -21.18
C THR E 338 2.29 -37.98 -20.84
N PHE E 339 1.96 -36.79 -21.36
CA PHE E 339 2.78 -35.62 -21.09
C PHE E 339 2.83 -35.30 -19.60
N ASN E 340 1.68 -35.42 -18.91
CA ASN E 340 1.65 -35.08 -17.49
C ASN E 340 2.60 -35.98 -16.69
N LEU E 341 2.62 -37.27 -16.98
CA LEU E 341 3.49 -38.17 -16.24
C LEU E 341 4.95 -37.78 -16.41
N VAL E 342 5.35 -37.47 -17.64
CA VAL E 342 6.72 -37.01 -17.87
C VAL E 342 6.97 -35.68 -17.17
N TYR E 343 6.02 -34.75 -17.29
CA TYR E 343 6.19 -33.44 -16.68
C TYR E 343 6.30 -33.54 -15.16
N TRP E 344 5.33 -34.22 -14.53
CA TRP E 344 5.34 -34.32 -13.08
C TRP E 344 6.52 -35.15 -12.59
N ALA E 345 6.79 -36.27 -13.24
CA ALA E 345 7.90 -37.12 -12.81
C ALA E 345 9.23 -36.39 -12.93
N THR E 346 9.42 -35.64 -14.01
CA THR E 346 10.69 -34.95 -14.21
C THR E 346 10.93 -33.91 -13.12
N TYR E 347 9.92 -33.14 -12.77
CA TYR E 347 10.06 -32.04 -11.82
C TYR E 347 9.79 -32.46 -10.38
N LEU E 348 9.33 -33.70 -10.15
CA LEU E 348 9.15 -34.22 -8.81
C LEU E 348 10.24 -35.20 -8.42
N ASN E 349 11.29 -35.32 -9.22
CA ASN E 349 12.39 -36.22 -8.93
C ASN E 349 13.68 -35.46 -8.63
C1 NAG F . 7.02 -21.27 36.55
C2 NAG F . 6.10 -22.42 36.97
C3 NAG F . 5.46 -22.14 38.32
C4 NAG F . 6.54 -21.82 39.33
C5 NAG F . 7.44 -20.70 38.83
C6 NAG F . 8.58 -20.44 39.80
C7 NAG F . 5.03 -23.73 35.23
C8 NAG F . 3.92 -23.81 34.21
N2 NAG F . 5.08 -22.62 35.96
O3 NAG F . 4.73 -23.27 38.73
O4 NAG F . 5.94 -21.44 40.55
O5 NAG F . 7.98 -21.01 37.56
O6 NAG F . 9.44 -21.56 39.83
O7 NAG F . 5.83 -24.66 35.33
H2 NAG F . 6.70 -23.32 37.07
H3 NAG F . 4.78 -21.29 38.20
H4 NAG F . 7.13 -22.72 39.50
H5 NAG F . 6.85 -19.79 38.75
H61 NAG F . 9.11 -19.54 39.50
H62 NAG F . 8.18 -20.28 40.80
H81 NAG F . 4.34 -23.90 33.22
H82 NAG F . 3.29 -24.68 34.44
H83 NAG F . 3.31 -22.90 34.28
HN2 NAG F . 4.44 -21.87 35.78
HO3 NAG F . 4.82 -23.98 38.07
HO4 NAG F . 4.97 -21.46 40.46
HO6 NAG F . 9.14 -22.22 39.17
C12 QK9 G . 19.10 -14.84 23.06
N3 QK9 G . 15.10 -17.31 22.69
C3 QK9 G . 16.65 -12.53 24.25
C2 QK9 G . 17.89 -14.15 23.66
C1 QK9 G . 16.82 -14.72 24.25
C4 QK9 G . 14.74 -13.76 25.29
C5 QK9 G . 13.78 -14.73 24.94
C6 QK9 G . 12.55 -14.75 25.61
C7 QK9 G . 12.30 -13.80 26.58
N2 QK9 G . 13.14 -16.20 23.06
C10 QK9 G . 14.05 -15.77 23.92
C9 QK9 G . 14.46 -12.83 26.29
C8 QK9 G . 13.23 -12.85 26.93
N1 QK9 G . 15.99 -13.68 24.63
C11 QK9 G . 13.84 -17.11 22.35
N QK9 G . 17.80 -12.78 23.66
C QK9 G . 16.40 -16.13 24.54
F QK9 G . 19.52 -15.85 23.85
F1 QK9 G . 18.79 -15.40 21.87
N4 QK9 G . 15.21 -16.41 23.72
BR QK9 G . 10.62 -13.82 27.47
H7 QK9 G . 19.92 -14.14 22.91
H2 QK9 G . 16.25 -11.53 24.42
H3 QK9 G . 11.80 -15.49 25.35
H5 QK9 G . 15.19 -12.08 26.56
H4 QK9 G . 13.01 -12.12 27.71
H6 QK9 G . 13.37 -17.68 21.55
H QK9 G . 16.17 -16.27 25.59
H1 QK9 G . 17.18 -16.84 24.29
C1 NAG H . -19.92 14.19 35.21
C2 NAG H . -21.43 14.45 35.19
C3 NAG H . -21.73 15.90 35.53
C4 NAG H . -21.06 16.26 36.86
C5 NAG H . -19.58 15.95 36.80
C6 NAG H . -18.92 16.22 38.14
C7 NAG H . -22.81 13.10 33.72
C8 NAG H . -23.30 12.87 32.32
N2 NAG H . -21.97 14.12 33.90
O3 NAG H . -23.13 16.07 35.65
O4 NAG H . -21.24 17.64 37.10
O5 NAG H . -19.36 14.59 36.45
O6 NAG H . -19.41 15.30 39.10
O7 NAG H . -23.19 12.36 34.64
H2 NAG H . -21.88 13.82 35.95
H3 NAG H . -21.36 16.53 34.73
H4 NAG H . -21.54 15.69 37.64
H5 NAG H . -19.11 16.58 36.05
H61 NAG H . -17.84 16.14 38.04
H62 NAG H . -19.15 17.23 38.46
H81 NAG H . -23.00 11.87 32.00
H82 NAG H . -24.38 12.95 32.30
H83 NAG H . -22.86 13.62 31.65
HN2 NAG H . -21.65 14.64 33.10
HO3 NAG H . -23.57 15.21 35.50
HO4 NAG H . -21.76 18.04 36.37
HO6 NAG H . -20.01 14.67 38.67
C12 QK9 I . -6.11 1.04 32.84
N3 QK9 I . -10.20 1.65 30.58
C3 QK9 I . -5.63 4.18 31.19
C2 QK9 I . -6.26 2.40 32.18
C1 QK9 I . -7.39 3.12 31.99
C4 QK9 I . -7.83 5.35 30.93
C5 QK9 I . -9.09 5.13 30.34
C6 QK9 I . -9.85 6.23 29.92
C7 QK9 I . -9.34 7.49 30.08
N2 QK9 I . -10.35 3.39 29.12
C10 QK9 I . -9.65 3.77 30.18
C9 QK9 I . -7.35 6.65 31.09
C8 QK9 I . -8.11 7.72 30.66
N1 QK9 I . -7.00 4.27 31.34
C11 QK9 I . -10.65 2.11 29.44
N QK9 I . -5.15 3.06 31.68
C QK9 I . -8.83 2.91 32.32
F QK9 I . -6.87 0.97 33.96
F1 QK9 I . -6.57 0.07 32.03
N4 QK9 I . -9.56 2.76 31.05
BR QK9 I . -10.37 8.98 29.50
H7 QK9 I . -5.08 0.83 33.10
H2 QK9 I . -5.03 4.94 30.72
H3 QK9 I . -10.82 6.08 29.46
H5 QK9 I . -6.38 6.82 31.54
H4 QK9 I . -7.73 8.74 30.78
H6 QK9 I . -11.24 1.49 28.76
H QK9 I . -9.23 3.74 32.89
H1 QK9 I . -8.98 2.02 32.92
C1 NAG J . -3.99 42.43 4.62
C2 NAG J . -4.56 43.28 3.49
C3 NAG J . -3.56 44.34 3.05
C4 NAG J . -3.12 45.16 4.26
C5 NAG J . -2.60 44.23 5.36
C6 NAG J . -2.24 45.03 6.59
C7 NAG J . -6.19 42.28 1.99
C8 NAG J . -6.42 41.37 0.82
N2 NAG J . -4.92 42.44 2.37
O3 NAG J . -4.17 45.20 2.10
O4 NAG J . -2.09 46.04 3.87
O5 NAG J . -3.56 43.25 5.70
O6 NAG J . -3.41 45.57 7.16
O7 NAG J . -7.15 42.81 2.55
H2 NAG J . -5.45 43.80 3.86
H3 NAG J . -2.72 43.84 2.59
H4 NAG J . -3.98 45.72 4.62
H5 NAG J . -1.70 43.72 4.99
H61 NAG J . -1.73 44.38 7.30
H62 NAG J . -1.56 45.83 6.33
H81 NAG J . -7.04 40.52 1.12
H82 NAG J . -6.91 41.92 0.03
H83 NAG J . -5.46 40.99 0.46
HN2 NAG J . -4.19 41.92 1.91
HO3 NAG J . -5.10 44.92 1.97
HO4 NAG J . -1.92 45.94 2.91
HO6 NAG J . -4.19 45.27 6.65
C12 QK9 K . -7.46 27.95 16.76
N3 QK9 K . -8.73 28.57 12.26
C3 QK9 K . -4.33 27.88 15.05
C2 QK9 K . -6.30 28.12 15.81
C1 QK9 K . -6.25 28.87 14.67
C4 QK9 K . -4.45 29.30 12.98
C5 QK9 K . -5.19 29.39 11.79
C6 QK9 K . -4.60 29.93 10.66
C7 QK9 K . -3.29 30.39 10.73
N2 QK9 K . -7.12 28.33 10.67
C10 QK9 K . -6.60 28.94 11.72
C9 QK9 K . -3.13 29.75 13.02
C8 QK9 K . -2.56 30.30 11.88
N1 QK9 K . -4.98 28.71 14.17
C11 QK9 K . -8.40 28.14 11.06
N QK9 K . -5.09 27.50 16.05
C QK9 K . -7.23 29.73 13.95
F QK9 K . -8.09 29.11 16.97
F1 QK9 K . -8.38 27.12 16.21
N4 QK9 K . -7.54 29.09 12.67
BR QK9 K . -2.49 31.11 9.17
H7 QK9 K . -7.14 27.53 17.71
H2 QK9 K . -3.29 27.57 14.91
H3 QK9 K . -5.16 30.01 9.73
H5 QK9 K . -2.55 29.69 13.93
H4 QK9 K . -1.53 30.66 11.91
H6 QK9 K . -9.12 27.64 10.41
H QK9 K . -6.83 30.73 13.78
H1 QK9 K . -8.15 29.85 14.52
C1 NAG L . 32.78 24.41 -12.93
C2 NAG L . 33.39 24.23 -14.32
C3 NAG L . 34.86 23.87 -14.24
C4 NAG L . 35.58 24.91 -13.40
C5 NAG L . 34.91 25.06 -12.04
C6 NAG L . 35.56 26.16 -11.23
C7 NAG L . 31.92 23.47 -16.11
C8 NAG L . 31.23 22.30 -16.75
N2 NAG L . 32.66 23.19 -15.04
O3 NAG L . 35.41 23.85 -15.54
O4 NAG L . 36.93 24.52 -13.21
O5 NAG L . 33.54 25.35 -12.19
O6 NAG L . 35.33 27.41 -11.84
O7 NAG L . 31.78 24.59 -16.58
H2 NAG L . 33.29 25.17 -14.86
H3 NAG L . 34.95 22.89 -13.78
H4 NAG L . 35.55 25.86 -13.93
H5 NAG L . 35.01 24.12 -11.50
H61 NAG L . 35.18 26.15 -10.21
H62 NAG L . 36.64 25.98 -11.18
H81 NAG L . 30.15 22.45 -16.73
H82 NAG L . 31.56 22.20 -17.78
H83 NAG L . 31.47 21.39 -16.20
HN2 NAG L . 32.68 22.25 -14.66
HO3 NAG L . 34.72 24.08 -16.19
HO4 NAG L . 37.09 23.67 -13.68
HO6 NAG L . 34.75 27.29 -12.63
C12 QK9 M . 16.92 28.67 -2.96
N3 QK9 M . 17.49 26.23 -6.96
C3 QK9 M . 18.77 25.82 -1.88
C2 QK9 M . 17.83 27.48 -2.82
C1 QK9 M . 18.65 26.94 -3.77
C4 QK9 M . 20.22 24.97 -3.74
C5 QK9 M . 20.10 24.50 -5.05
C6 QK9 M . 21.05 23.60 -5.55
C7 QK9 M . 22.09 23.20 -4.74
N2 QK9 M . 18.38 24.14 -6.80
C10 QK9 M . 19.00 24.94 -5.94
C9 QK9 M . 21.29 24.55 -2.94
C8 QK9 M . 22.22 23.67 -3.46
N1 QK9 M . 19.27 25.86 -3.15
C11 QK9 M . 17.49 24.98 -7.38
N QK9 M . 17.90 26.77 -1.64
C QK9 M . 18.99 27.27 -5.19
F QK9 M . 17.55 29.68 -3.62
F1 QK9 M . 15.84 28.36 -3.71
N4 QK9 M . 18.48 26.17 -6.03
BR QK9 M . 23.37 21.98 -5.43
H7 QK9 M . 16.59 29.03 -1.99
H2 QK9 M . 19.07 25.06 -1.15
H3 QK9 M . 20.96 23.22 -6.57
H5 QK9 M . 21.40 24.92 -1.93
H4 QK9 M . 23.05 23.34 -2.84
H6 QK9 M . 16.81 24.63 -8.15
H QK9 M . 20.06 27.40 -5.31
H1 QK9 M . 18.52 28.21 -5.49
C1 NAG N . 39.59 -14.95 6.81
C2 NAG N . 39.98 -16.36 6.36
C3 NAG N . 40.44 -17.19 7.56
C4 NAG N . 41.55 -16.46 8.28
C5 NAG N . 41.11 -15.05 8.64
C6 NAG N . 42.26 -14.28 9.29
C7 NAG N . 38.85 -17.31 4.42
C8 NAG N . 37.62 -17.96 3.89
N2 NAG N . 38.85 -16.99 5.72
O3 NAG N . 40.91 -18.44 7.10
O4 NAG N . 41.89 -17.16 9.45
O5 NAG N . 40.66 -14.34 7.50
O6 NAG N . 43.27 -14.07 8.34
O7 NAG N . 39.81 -17.08 3.68
H2 NAG N . 40.80 -16.30 5.66
H3 NAG N . 39.59 -17.35 8.22
H4 NAG N . 42.42 -16.42 7.62
H5 NAG N . 40.29 -15.11 9.35
H61 NAG N . 41.88 -13.34 9.69
H62 NAG N . 42.66 -14.85 10.13
H81 NAG N . 37.19 -17.34 3.11
H82 NAG N . 37.87 -18.95 3.48
H83 NAG N . 36.89 -18.08 4.69
HN2 NAG N . 38.01 -17.15 6.27
HO3 NAG N . 40.84 -18.48 6.12
HO4 NAG N . 41.33 -17.96 9.52
HO6 NAG N . 42.98 -14.41 7.46
C12 QK9 O . 33.33 2.25 0.93
N3 QK9 O . 32.21 -2.11 -0.51
C3 QK9 O . 31.73 0.86 3.81
C2 QK9 O . 32.78 1.35 2.03
C1 QK9 O . 32.91 0.00 2.16
C4 QK9 O . 32.07 -1.63 3.87
C5 QK9 O . 31.81 -2.75 3.08
C6 QK9 O . 31.64 -4.00 3.68
C7 QK9 O . 31.72 -4.09 5.06
N2 QK9 O . 30.89 -3.37 0.86
C10 QK9 O . 31.75 -2.68 1.59
C9 QK9 O . 32.15 -1.75 5.25
C8 QK9 O . 31.97 -2.99 5.85
N1 QK9 O . 32.23 -0.32 3.31
C11 QK9 O . 31.23 -2.98 -0.39
N QK9 O . 32.03 1.89 3.06
C QK9 O . 33.58 -1.06 1.36
F QK9 O . 34.60 1.90 0.63
F1 QK9 O . 32.62 2.09 -0.20
N4 QK9 O . 32.54 -1.92 0.81
BR QK9 O . 31.47 -5.78 5.88
H7 QK9 O . 33.31 3.29 1.23
H2 QK9 O . 31.14 0.91 4.72
H3 QK9 O . 31.43 -4.88 3.09
H5 QK9 O . 32.35 -0.89 5.88
H4 QK9 O . 32.03 -3.09 6.94
H6 QK9 O . 30.69 -3.36 -1.26
H QK9 O . 34.28 -1.63 1.97
H1 QK9 O . 34.17 -0.63 0.55
#